data_6MU6
#
_entry.id   6MU6
#
_cell.length_a   131.250
_cell.length_b   131.250
_cell.length_c   314.120
_cell.angle_alpha   90.000
_cell.angle_beta   90.000
_cell.angle_gamma   120.000
#
_symmetry.space_group_name_H-M   'P 63'
#
loop_
_entity.id
_entity.type
_entity.pdbx_description
1 polymer 'Envelope glycoprotein gp160'
2 polymer '35O22 scFv heavy chain portion'
3 polymer '35O22 scFv light chain portion'
4 polymer 'Envelope glycoprotein gp160'
5 polymer '3H109L Fab heavy chain'
6 polymer '3H109L Fab light chain'
7 branched alpha-D-mannopyranose-(1-3)-alpha-D-mannopyranose-(1-6)-[alpha-D-mannopyranose-(1-3)]beta-D-mannopyranose-(1-4)-2-acetamido-2-deoxy-beta-D-glucopyranose-(1-4)-2-acetamido-2-deoxy-beta-D-glucopyranose
8 branched beta-D-mannopyranose-(1-4)-2-acetamido-2-deoxy-beta-D-glucopyranose-(1-4)-2-acetamido-2-deoxy-beta-D-glucopyranose
9 branched 2-acetamido-2-deoxy-beta-D-glucopyranose-(1-4)-2-acetamido-2-deoxy-beta-D-glucopyranose
10 branched alpha-D-mannopyranose-(1-2)-alpha-D-mannopyranose-(1-2)-alpha-D-mannopyranose-(1-3)-[alpha-D-mannopyranose-(1-2)-alpha-D-mannopyranose-(1-6)-[alpha-D-mannopyranose-(1-3)]alpha-D-mannopyranose-(1-6)]beta-D-mannopyranose-(1-4)-2-acetamido-2-deoxy-beta-D-glucopyranose-(1-4)-2-acetamido-2-deoxy-beta-D-glucopyranose
11 non-polymer 2-acetamido-2-deoxy-beta-D-glucopyranose
12 non-polymer (2R)-{1-[{7-[2-({[3-(dimethylamino)propyl](methyl)amino}methyl)-1,3-thiazol-4-yl]-4-methoxy-1H-pyrrolo[2,3-c]pyridin-3-yl}(oxo)acetyl]piperidin-4-yl}(phenyl)acetonitrile
13 water water
#
loop_
_entity_poly.entity_id
_entity_poly.type
_entity_poly.pdbx_seq_one_letter_code
_entity_poly.pdbx_strand_id
1 'polypeptide(L)'
;AVGIGAVFLGFLGAAGSTMGAASMTLTVQARNLLSGIVQQQSNLLRAPEAQQHLLKLTVWGIKQLQARVLAVERYLRDQQ
LLGIWGCSGKLICCTNVPWNSSWSNRNLSEIWDNMTWLQWDKEISNYTQIIYGLLEESQNQQEKNEQDLLALD
;
B
2 'polypeptide(L)'
;QGQLVQSGATTTKPGSSVKISCKTSGYRFNFYHINWIRQTAGRGPEWMGWISPYSGDKNLAPAFQDRVNMTTDTEVPVTS
FTSTGAAYMEIRNLTSDDTGTYFCAKGLLRDGSSTWLPYLWGQGTLLTVSSAST
;
D
3 'polypeptide(L)'
;SQSVLTQSASVSGSLGQSVTISCTGPNSVCCSHKSISWYQWPPGRAPTLIIYEDNERAPGISPRFSGYKSYWSAYLTISD
LRPEDETTYYCCSYTHNSGCVFGTGTKVSVLGQS
;
E
4 'polypeptide(L)'
;AENLWVTVYYGVPVWKDAETTLFCASDAKAYETEKHNVWATHACVPTDPNPQEIHLENVTEEFNMWKNNMVEQMHTDIIS
LWDQSLKPCVKLTPLCVTLQCTNVTNAITDDMRGELKNCSFNMTTELRDKKQKVYSLFYRLDVVQINENQGNRSNNSNKE
YRLINCNTSAITQACPKVSFEPIPIHYCAPAGFAILKCKDKKFNGTGPCPSVSTVQCTHGIKPVVSTQLLLNGSLAEEEV
MIRSENITNNAKNILVQFNTPVQINCTRPNNNTRKSIRIGPGQAFYATGDIIGDIRQAHCNVSKATWNETLGKVVKQLRK
HFGNNTIIRFANSSGGDLEVTTHSFNCGGEFFYCNTSGLFNSTWISNTSVQGSNSTGSNDSITLPCRIKQIINMWQRIGQ
AMYAPPIQGVIRCVSNITGLILTRDGGSTNSTTETFRPGGGDMRDNWRSELYKYKVVKIEPLGVAPTRCKRRVVGRRRRR
R
;
G
5 'polypeptide(L)'
;QVQLQESGPGLVKPSETLSLTCTVSGGSISNYYWSWIRQSPGKGLEWIGYISDSESTNYNPSLKSRVIISVDTSKNQLSL
KLNSVTAADSAIYYCARAQQGKRIYGMVSFGEFFYYYYMDVWGKGTTVTVSSASTKGPSVFPLAPSSKSTSGGTAALGCL
VKDYFPEPVTVSWNSGALTSGVHTFPAVLQSSGLYSLSSVVTVPSSSLGTQTYICNVNHKPSNTKVDKKVEPKSCDKGLE
VLFQ
;
H
6 'polypeptide(L)'
;SVTSYVRPLSVALGETASISCGRQALGSRAVQWYQHRPGQAPILLIYNNQDRPSGIPERFSGTPDINFGTRATLTISGVE
AGDEADYYCHMWDSRSGFSWSFGGATRLTVLGQPKAAPSVTLFPPSSEELQANKATLVCLISDFYPGAVTVAWKADSSPV
KAGVETTTPSKQSNNKYAASSYLSLTPMQWKMHKSYSCQVTHEGSTVEKTVAPTECS
;
L
#
loop_
_chem_comp.id
_chem_comp.type
_chem_comp.name
_chem_comp.formula
BMA D-saccharide, beta linking beta-D-mannopyranose 'C6 H12 O6'
JYV non-polymer (2R)-{1-[{7-[2-({[3-(dimethylamino)propyl](methyl)amino}methyl)-1,3-thiazol-4-yl]-4-methoxy-1H-pyrrolo[2,3-c]pyridin-3-yl}(oxo)acetyl]piperidin-4-yl}(phenyl)acetonitrile 'C33 H39 N7 O3 S'
MAN D-saccharide, alpha linking alpha-D-mannopyranose 'C6 H12 O6'
NAG D-saccharide, beta linking 2-acetamido-2-deoxy-beta-D-glucopyranose 'C8 H15 N O6'
#
# COMPACT_ATOMS: atom_id res chain seq x y z
N ALA A 6 -37.51 -7.12 34.20
CA ALA A 6 -38.58 -7.49 33.29
C ALA A 6 -38.09 -7.59 31.85
N VAL A 7 -38.66 -6.75 30.98
CA VAL A 7 -38.33 -6.79 29.55
C VAL A 7 -37.40 -5.63 29.21
N PHE A 8 -37.97 -4.44 29.07
CA PHE A 8 -37.22 -3.23 28.70
C PHE A 8 -36.51 -3.44 27.37
N LEU A 9 -37.26 -3.29 26.26
CA LEU A 9 -36.71 -3.54 24.93
C LEU A 9 -35.85 -2.39 24.40
N GLY A 10 -35.84 -1.25 25.09
CA GLY A 10 -35.05 -0.11 24.64
C GLY A 10 -35.83 0.83 23.76
N PHE A 11 -35.13 1.86 23.29
CA PHE A 11 -35.73 2.89 22.45
C PHE A 11 -36.24 2.26 21.15
N LEU A 12 -37.54 2.41 20.90
CA LEU A 12 -38.23 1.81 19.75
C LEU A 12 -38.17 0.28 19.78
N GLY A 13 -37.86 -0.30 20.94
CA GLY A 13 -37.71 -1.75 21.02
C GLY A 13 -38.99 -2.50 20.70
N ALA A 14 -40.14 -1.89 20.95
CA ALA A 14 -41.43 -2.50 20.67
C ALA A 14 -42.04 -1.98 19.37
N ALA A 15 -41.20 -1.60 18.41
CA ALA A 15 -41.72 -1.13 17.13
C ALA A 15 -42.35 -2.27 16.32
N GLY A 16 -41.89 -3.49 16.53
CA GLY A 16 -42.49 -4.67 15.93
C GLY A 16 -43.47 -5.37 16.83
N SER A 17 -43.67 -4.89 18.05
CA SER A 17 -44.62 -5.49 18.97
C SER A 17 -46.04 -5.02 18.67
N THR A 18 -47.00 -5.71 19.27
CA THR A 18 -48.41 -5.35 19.10
C THR A 18 -48.67 -3.98 19.73
N MET A 19 -49.73 -3.33 19.24
CA MET A 19 -50.07 -1.98 19.71
C MET A 19 -50.34 -1.97 21.21
N GLY A 20 -50.95 -3.03 21.74
CA GLY A 20 -51.19 -3.11 23.17
C GLY A 20 -49.93 -3.32 23.97
N ALA A 21 -48.95 -4.02 23.39
CA ALA A 21 -47.68 -4.23 24.07
C ALA A 21 -46.82 -2.97 24.07
N ALA A 22 -46.70 -2.33 22.91
CA ALA A 22 -45.91 -1.11 22.81
C ALA A 22 -46.54 0.06 23.56
N SER A 23 -47.84 0.00 23.83
CA SER A 23 -48.52 1.06 24.56
C SER A 23 -48.16 1.10 26.03
N MET A 24 -47.33 0.16 26.51
CA MET A 24 -46.86 0.15 27.89
C MET A 24 -45.42 0.64 28.02
N THR A 25 -44.74 0.90 26.90
CA THR A 25 -43.39 1.43 26.92
C THR A 25 -43.34 2.79 26.23
N LEU A 26 -44.16 3.72 26.69
CA LEU A 26 -44.22 5.05 26.09
C LEU A 26 -43.17 6.01 26.63
N THR A 27 -42.83 5.89 27.92
CA THR A 27 -41.79 6.74 28.49
C THR A 27 -40.44 6.50 27.83
N VAL A 28 -40.23 5.31 27.27
CA VAL A 28 -38.96 5.00 26.61
C VAL A 28 -38.74 5.93 25.42
N GLN A 29 -39.77 6.08 24.58
CA GLN A 29 -39.67 6.97 23.44
C GLN A 29 -39.89 8.43 23.81
N ALA A 30 -40.53 8.70 24.95
CA ALA A 30 -40.86 10.08 25.30
C ALA A 30 -39.62 10.86 25.73
N ARG A 31 -38.69 10.21 26.43
CA ARG A 31 -37.53 10.90 26.97
C ARG A 31 -36.42 11.08 25.95
N ASN A 32 -36.46 10.37 24.83
CA ASN A 32 -35.45 10.47 23.79
C ASN A 32 -35.85 11.42 22.66
N LEU A 33 -36.91 12.21 22.86
CA LEU A 33 -37.37 13.13 21.83
C LEU A 33 -36.70 14.51 21.93
N LEU A 34 -35.88 14.74 22.95
CA LEU A 34 -35.28 16.07 23.14
C LEU A 34 -33.82 16.04 23.58
N SER A 35 -33.32 14.95 24.16
CA SER A 35 -31.93 14.87 24.57
C SER A 35 -31.06 14.35 23.43
N LEU A 55 -20.14 28.49 20.57
CA LEU A 55 -20.68 28.23 19.24
C LEU A 55 -19.74 28.76 18.15
N LYS A 56 -18.98 27.85 17.54
CA LYS A 56 -18.14 28.16 16.40
C LYS A 56 -18.87 27.77 15.13
N LEU A 57 -18.86 28.66 14.14
CA LEU A 57 -19.63 28.44 12.91
C LEU A 57 -18.76 27.77 11.83
N THR A 58 -18.29 26.57 12.17
CA THR A 58 -17.58 25.74 11.21
C THR A 58 -18.57 24.81 10.52
N VAL A 59 -18.08 24.01 9.57
CA VAL A 59 -18.94 23.09 8.84
C VAL A 59 -19.59 22.08 9.77
N TRP A 60 -18.89 21.68 10.84
CA TRP A 60 -19.53 20.85 11.86
C TRP A 60 -20.34 21.68 12.84
N GLY A 61 -19.92 22.92 13.11
CA GLY A 61 -20.64 23.75 14.07
C GLY A 61 -22.00 24.18 13.55
N ILE A 62 -22.07 24.58 12.28
CA ILE A 62 -23.36 24.91 11.67
C ILE A 62 -24.23 23.66 11.61
N LYS A 63 -23.61 22.50 11.39
CA LYS A 63 -24.36 21.25 11.33
C LYS A 63 -24.99 20.92 12.67
N GLN A 64 -24.24 21.10 13.76
CA GLN A 64 -24.75 20.75 15.09
C GLN A 64 -25.82 21.73 15.54
N LEU A 65 -25.67 23.00 15.21
CA LEU A 65 -26.67 24.00 15.59
C LEU A 65 -28.02 23.72 14.92
N GLN A 66 -27.99 23.27 13.66
CA GLN A 66 -29.22 22.93 12.98
C GLN A 66 -29.89 21.72 13.64
N ALA A 67 -29.09 20.75 14.10
CA ALA A 67 -29.64 19.60 14.80
C ALA A 67 -30.30 20.00 16.11
N ARG A 68 -29.84 21.10 16.72
CA ARG A 68 -30.37 21.52 18.01
C ARG A 68 -31.69 22.27 17.85
N VAL A 69 -31.76 23.21 16.90
CA VAL A 69 -32.99 23.97 16.70
C VAL A 69 -34.08 23.09 16.10
N LEU A 70 -33.70 22.09 15.32
CA LEU A 70 -34.71 21.21 14.73
C LEU A 70 -35.36 20.34 15.79
N ALA A 71 -34.58 19.85 16.77
CA ALA A 71 -35.12 18.96 17.79
C ALA A 71 -36.13 19.67 18.66
N VAL A 72 -35.84 20.92 19.06
CA VAL A 72 -36.76 21.65 19.92
C VAL A 72 -38.03 22.03 19.16
N GLU A 73 -37.91 22.31 17.85
CA GLU A 73 -39.09 22.63 17.05
C GLU A 73 -40.02 21.43 16.93
N ARG A 74 -39.47 20.28 16.55
CA ARG A 74 -40.30 19.08 16.40
C ARG A 74 -40.91 18.66 17.73
N TYR A 75 -40.18 18.83 18.82
CA TYR A 75 -40.69 18.44 20.14
C TYR A 75 -41.86 19.32 20.56
N LEU A 76 -41.80 20.62 20.24
CA LEU A 76 -42.83 21.55 20.68
C LEU A 76 -44.05 21.55 19.78
N ARG A 77 -43.92 21.13 18.52
CA ARG A 77 -45.10 20.98 17.67
C ARG A 77 -46.01 19.87 18.20
N ASP A 78 -45.41 18.78 18.68
CA ASP A 78 -46.21 17.70 19.25
C ASP A 78 -46.79 18.11 20.60
N GLN A 79 -46.02 18.86 21.40
CA GLN A 79 -46.55 19.34 22.67
C GLN A 79 -47.64 20.39 22.46
N GLN A 80 -47.61 21.09 21.33
CA GLN A 80 -48.66 22.06 21.03
C GLN A 80 -49.97 21.35 20.72
N LEU A 81 -49.94 20.34 19.84
CA LEU A 81 -51.13 19.55 19.57
C LEU A 81 -51.62 18.85 20.82
N LEU A 82 -50.70 18.36 21.65
CA LEU A 82 -51.07 17.75 22.91
C LEU A 82 -51.72 18.74 23.87
N GLY A 83 -51.52 20.03 23.65
CA GLY A 83 -52.11 21.05 24.51
C GLY A 83 -53.49 21.49 24.07
N ILE A 84 -53.72 21.59 22.77
CA ILE A 84 -55.01 22.04 22.24
C ILE A 84 -56.00 20.88 22.21
N TRP A 85 -55.61 19.75 22.80
CA TRP A 85 -56.50 18.61 22.97
C TRP A 85 -56.79 18.31 24.43
N GLY A 86 -56.22 19.08 25.36
CA GLY A 86 -56.38 18.77 26.77
C GLY A 86 -55.60 17.55 27.20
N CYS A 87 -54.38 17.38 26.69
CA CYS A 87 -53.56 16.20 26.96
C CYS A 87 -52.16 16.60 27.40
N SER A 88 -52.04 17.75 28.05
CA SER A 88 -50.73 18.27 28.44
C SER A 88 -50.09 17.36 29.47
N GLY A 89 -48.88 16.88 29.18
CA GLY A 89 -48.17 16.02 30.09
C GLY A 89 -48.78 14.64 30.26
N LYS A 90 -49.49 14.15 29.25
CA LYS A 90 -50.14 12.85 29.31
C LYS A 90 -49.55 11.93 28.25
N LEU A 91 -49.18 10.72 28.65
CA LEU A 91 -48.80 9.70 27.68
C LEU A 91 -50.03 9.00 27.11
N ILE A 92 -51.07 8.82 27.93
CA ILE A 92 -52.34 8.21 27.51
C ILE A 92 -53.45 9.11 28.05
N CYS A 93 -54.04 9.91 27.18
CA CYS A 93 -55.22 10.70 27.53
C CYS A 93 -56.41 10.18 26.75
N CYS A 94 -57.56 10.10 27.40
CA CYS A 94 -58.80 9.71 26.75
C CYS A 94 -59.59 10.96 26.37
N THR A 95 -60.24 10.91 25.22
CA THR A 95 -60.97 12.05 24.69
C THR A 95 -62.47 11.77 24.70
N ASN A 96 -63.23 12.68 24.12
CA ASN A 96 -64.67 12.53 23.98
C ASN A 96 -65.11 12.37 22.53
N VAL A 97 -64.16 12.28 21.60
CA VAL A 97 -64.46 12.12 20.18
C VAL A 97 -64.73 10.65 19.89
N PRO A 98 -65.95 10.27 19.52
CA PRO A 98 -66.23 8.86 19.24
C PRO A 98 -65.54 8.38 17.97
N TRP A 99 -65.34 7.08 17.90
CA TRP A 99 -64.59 6.47 16.79
C TRP A 99 -65.53 6.25 15.62
N ASN A 100 -65.44 7.12 14.63
CA ASN A 100 -66.14 6.93 13.35
C ASN A 100 -65.60 5.67 12.69
N SER A 101 -66.44 4.64 12.55
CA SER A 101 -65.99 3.36 12.01
C SER A 101 -65.49 3.46 10.59
N SER A 102 -65.81 4.55 9.88
CA SER A 102 -65.25 4.75 8.54
C SER A 102 -63.75 4.95 8.57
N TRP A 103 -63.19 5.32 9.74
CA TRP A 103 -61.74 5.40 9.89
C TRP A 103 -61.13 4.00 9.86
N SER A 104 -61.58 3.12 10.76
CA SER A 104 -61.14 1.74 10.77
C SER A 104 -62.22 0.91 11.44
N ASN A 105 -62.80 -0.03 10.71
CA ASN A 105 -63.85 -0.90 11.24
C ASN A 105 -63.30 -2.09 12.03
N ARG A 106 -61.99 -2.14 12.25
CA ARG A 106 -61.40 -3.24 13.00
C ARG A 106 -61.84 -3.19 14.46
N ASN A 107 -61.89 -4.37 15.08
CA ASN A 107 -62.27 -4.49 16.47
C ASN A 107 -61.06 -4.25 17.37
N LEU A 108 -61.32 -4.16 18.68
CA LEU A 108 -60.25 -3.87 19.63
C LEU A 108 -59.25 -5.01 19.70
N SER A 109 -59.72 -6.25 19.73
CA SER A 109 -58.81 -7.39 19.89
C SER A 109 -57.95 -7.58 18.65
N GLU A 110 -58.46 -7.27 17.47
CA GLU A 110 -57.69 -7.36 16.23
C GLU A 110 -56.90 -6.10 15.94
N ILE A 111 -56.82 -5.17 16.90
CA ILE A 111 -55.98 -3.98 16.79
C ILE A 111 -54.87 -4.00 17.84
N TRP A 112 -55.23 -4.08 19.12
CA TRP A 112 -54.25 -4.03 20.18
C TRP A 112 -53.49 -5.34 20.36
N ASP A 113 -54.14 -6.46 20.06
CA ASP A 113 -53.51 -7.78 20.15
C ASP A 113 -53.12 -8.33 18.78
N ASN A 114 -53.04 -7.48 17.76
CA ASN A 114 -52.72 -7.93 16.42
C ASN A 114 -51.77 -6.97 15.71
N MET A 115 -52.25 -5.77 15.39
CA MET A 115 -51.46 -4.84 14.60
C MET A 115 -50.32 -4.23 15.41
N THR A 116 -49.35 -3.68 14.69
CA THR A 116 -48.29 -2.87 15.26
C THR A 116 -48.57 -1.40 14.99
N TRP A 117 -47.96 -0.53 15.80
CA TRP A 117 -48.19 0.90 15.67
C TRP A 117 -47.75 1.41 14.31
N LEU A 118 -46.77 0.76 13.68
CA LEU A 118 -46.31 1.18 12.35
C LEU A 118 -47.40 0.97 11.31
N GLN A 119 -47.89 -0.27 11.18
CA GLN A 119 -48.91 -0.56 10.18
C GLN A 119 -50.25 0.07 10.53
N TRP A 120 -50.50 0.37 11.80
CA TRP A 120 -51.73 1.08 12.17
C TRP A 120 -51.73 2.49 11.61
N ASP A 121 -50.63 3.23 11.81
CA ASP A 121 -50.48 4.54 11.19
C ASP A 121 -50.56 4.47 9.67
N LYS A 122 -50.24 3.31 9.08
CA LYS A 122 -50.28 3.18 7.64
C LYS A 122 -51.71 3.18 7.09
N GLU A 123 -52.67 2.63 7.85
CA GLU A 123 -54.05 2.57 7.39
C GLU A 123 -54.93 3.66 7.99
N ILE A 124 -54.48 4.33 9.06
CA ILE A 124 -55.20 5.46 9.62
C ILE A 124 -54.63 6.79 9.13
N SER A 125 -53.65 6.74 8.21
CA SER A 125 -52.95 7.95 7.79
C SER A 125 -53.86 8.94 7.09
N ASN A 126 -54.86 8.47 6.34
CA ASN A 126 -55.72 9.39 5.61
C ASN A 126 -56.54 10.26 6.57
N TYR A 127 -57.01 9.68 7.67
CA TYR A 127 -57.94 10.34 8.57
C TYR A 127 -57.26 10.98 9.77
N THR A 128 -55.92 11.02 9.79
CA THR A 128 -55.24 11.61 10.95
C THR A 128 -55.47 13.10 11.04
N GLN A 129 -55.71 13.77 9.91
CA GLN A 129 -56.02 15.20 9.94
C GLN A 129 -57.46 15.46 10.33
N ILE A 130 -58.37 14.56 9.97
CA ILE A 130 -59.76 14.70 10.39
C ILE A 130 -59.88 14.59 11.90
N ILE A 131 -59.17 13.63 12.50
CA ILE A 131 -59.25 13.42 13.94
C ILE A 131 -58.63 14.59 14.69
N TYR A 132 -57.54 15.16 14.16
CA TYR A 132 -56.85 16.23 14.85
C TYR A 132 -57.70 17.49 15.00
N GLY A 133 -58.74 17.65 14.20
CA GLY A 133 -59.64 18.78 14.35
C GLY A 133 -60.76 18.49 15.34
N LEU A 134 -61.25 17.25 15.33
CA LEU A 134 -62.31 16.87 16.26
C LEU A 134 -61.84 16.95 17.71
N LEU A 135 -60.58 16.58 17.96
CA LEU A 135 -60.01 16.70 19.30
C LEU A 135 -59.74 18.15 19.66
N GLU A 136 -59.51 19.01 18.66
CA GLU A 136 -59.14 20.39 18.92
C GLU A 136 -60.33 21.21 19.40
N GLU A 137 -61.50 21.01 18.79
CA GLU A 137 -62.69 21.75 19.19
C GLU A 137 -63.41 21.09 20.37
N SER A 138 -63.28 19.77 20.54
CA SER A 138 -63.82 19.12 21.72
C SER A 138 -63.17 19.63 23.00
N GLN A 139 -61.92 20.08 22.90
CA GLN A 139 -61.25 20.66 24.07
C GLN A 139 -61.60 22.13 24.22
N ASN A 140 -61.76 22.85 23.11
CA ASN A 140 -62.17 24.25 23.19
C ASN A 140 -63.56 24.39 23.80
N GLN A 141 -64.47 23.48 23.45
CA GLN A 141 -65.82 23.54 24.00
C GLN A 141 -65.87 23.01 25.42
N GLN A 142 -65.03 22.03 25.76
CA GLN A 142 -65.02 21.50 27.12
C GLN A 142 -64.59 22.56 28.12
N GLU A 143 -63.54 23.32 27.80
CA GLU A 143 -63.10 24.38 28.69
C GLU A 143 -64.08 25.54 28.74
N LYS A 144 -64.91 25.70 27.70
CA LYS A 144 -66.01 26.67 27.78
C LYS A 144 -67.13 26.15 28.68
N ASN A 145 -67.35 24.84 28.69
CA ASN A 145 -68.35 24.27 29.58
C ASN A 145 -67.89 24.29 31.03
N GLU A 146 -66.59 24.06 31.26
CA GLU A 146 -66.07 24.06 32.63
C GLU A 146 -66.13 25.44 33.24
N GLN A 147 -65.94 26.50 32.45
CA GLN A 147 -66.07 27.85 32.97
C GLN A 147 -67.51 28.16 33.34
N ASP A 148 -68.46 27.66 32.56
CA ASP A 148 -69.87 27.88 32.88
C ASP A 148 -70.28 27.13 34.14
N LEU A 149 -69.68 25.98 34.41
CA LEU A 149 -70.03 25.21 35.60
C LEU A 149 -69.45 25.81 36.87
N LEU A 150 -68.30 26.47 36.77
CA LEU A 150 -67.68 27.15 37.91
C LEU A 150 -68.14 28.60 38.04
N ALA A 151 -69.18 28.99 37.33
CA ALA A 151 -69.73 30.34 37.41
C ALA A 151 -70.85 30.47 38.44
N LEU A 152 -70.89 29.57 39.42
CA LEU A 152 -71.96 29.57 40.41
C LEU A 152 -71.43 29.15 41.79
N GLN B 1 -55.60 -9.90 4.09
CA GLN B 1 -55.45 -10.94 3.09
C GLN B 1 -54.82 -12.20 3.68
N GLY B 2 -53.98 -12.86 2.90
CA GLY B 2 -53.31 -14.07 3.34
C GLY B 2 -53.78 -15.31 2.61
N GLN B 3 -52.83 -16.13 2.17
CA GLN B 3 -53.12 -17.38 1.49
C GLN B 3 -52.25 -18.48 2.09
N LEU B 4 -52.74 -19.72 2.00
CA LEU B 4 -52.02 -20.91 2.50
C LEU B 4 -52.22 -22.04 1.49
N VAL B 5 -51.44 -22.00 0.41
CA VAL B 5 -51.51 -23.05 -0.59
C VAL B 5 -50.88 -24.33 -0.04
N GLN B 6 -51.59 -25.44 -0.18
CA GLN B 6 -51.15 -26.72 0.36
C GLN B 6 -50.57 -27.60 -0.75
N SER B 7 -50.01 -28.74 -0.33
CA SER B 7 -49.31 -29.62 -1.25
C SER B 7 -50.27 -30.40 -2.15
N GLY B 8 -49.77 -31.46 -2.78
CA GLY B 8 -50.61 -32.28 -3.62
C GLY B 8 -51.40 -33.32 -2.82
N ALA B 9 -52.42 -33.87 -3.48
CA ALA B 9 -53.31 -34.84 -2.86
C ALA B 9 -53.01 -36.27 -3.30
N THR B 10 -51.74 -36.65 -3.33
CA THR B 10 -51.36 -38.01 -3.68
C THR B 10 -51.60 -38.95 -2.49
N THR B 11 -51.50 -40.26 -2.76
CA THR B 11 -51.84 -41.29 -1.79
C THR B 11 -50.71 -42.31 -1.67
N THR B 12 -50.59 -42.87 -0.48
CA THR B 12 -49.62 -43.93 -0.21
C THR B 12 -50.38 -45.05 0.52
N LYS B 13 -49.64 -45.97 1.11
CA LYS B 13 -50.17 -47.14 1.79
C LYS B 13 -49.57 -47.21 3.20
N PRO B 14 -50.22 -47.94 4.12
CA PRO B 14 -49.75 -47.97 5.51
C PRO B 14 -48.28 -48.31 5.69
N GLY B 15 -47.72 -47.85 6.80
CA GLY B 15 -46.31 -48.05 7.12
C GLY B 15 -45.39 -46.97 6.60
N SER B 16 -45.89 -46.05 5.78
CA SER B 16 -45.05 -45.03 5.15
C SER B 16 -45.03 -43.78 6.02
N SER B 17 -44.62 -42.65 5.44
CA SER B 17 -44.54 -41.38 6.16
C SER B 17 -44.51 -40.26 5.13
N VAL B 18 -45.62 -39.53 5.01
CA VAL B 18 -45.77 -38.52 3.98
C VAL B 18 -45.48 -37.15 4.59
N LYS B 19 -45.08 -36.21 3.72
CA LYS B 19 -44.83 -34.83 4.11
C LYS B 19 -45.85 -33.92 3.43
N ILE B 20 -46.46 -33.03 4.21
CA ILE B 20 -47.46 -32.09 3.73
C ILE B 20 -46.86 -30.69 3.77
N SER B 21 -46.99 -29.95 2.68
CA SER B 21 -46.45 -28.60 2.58
C SER B 21 -47.58 -27.58 2.64
N CYS B 22 -47.26 -26.41 3.18
CA CYS B 22 -48.21 -25.31 3.32
C CYS B 22 -47.45 -24.00 3.11
N LYS B 23 -47.67 -23.36 1.98
CA LYS B 23 -46.96 -22.14 1.61
C LYS B 23 -47.83 -20.92 1.87
N THR B 24 -47.29 -19.96 2.61
CA THR B 24 -48.03 -18.78 3.03
C THR B 24 -47.66 -17.56 2.20
N SER B 25 -48.57 -16.59 2.18
CA SER B 25 -48.36 -15.36 1.43
C SER B 25 -49.24 -14.27 2.03
N GLY B 26 -48.99 -13.03 1.62
CA GLY B 26 -49.82 -11.91 2.00
C GLY B 26 -49.87 -11.55 3.47
N TYR B 27 -49.02 -12.17 4.30
CA TYR B 27 -48.98 -11.84 5.72
C TYR B 27 -47.64 -12.26 6.29
N ARG B 28 -47.22 -11.58 7.36
CA ARG B 28 -45.96 -11.91 8.03
C ARG B 28 -46.02 -13.31 8.60
N PHE B 29 -45.30 -14.25 7.98
CA PHE B 29 -45.36 -15.65 8.37
C PHE B 29 -44.89 -15.89 9.81
N ASN B 30 -44.06 -15.00 10.35
CA ASN B 30 -43.53 -15.20 11.70
C ASN B 30 -44.49 -14.74 12.79
N PHE B 31 -45.55 -13.99 12.46
CA PHE B 31 -46.38 -13.38 13.48
C PHE B 31 -47.52 -14.27 13.97
N TYR B 32 -47.78 -15.39 13.32
CA TYR B 32 -48.90 -16.25 13.69
C TYR B 32 -48.47 -17.70 13.66
N HIS B 33 -49.03 -18.49 14.58
CA HIS B 33 -48.78 -19.92 14.61
C HIS B 33 -49.34 -20.57 13.34
N ILE B 34 -48.88 -21.81 13.09
CA ILE B 34 -49.39 -22.62 12.00
C ILE B 34 -49.98 -23.89 12.59
N ASN B 35 -51.29 -24.08 12.40
CA ASN B 35 -52.00 -25.23 12.94
C ASN B 35 -52.19 -26.29 11.87
N TRP B 36 -52.23 -27.55 12.31
CA TRP B 36 -52.51 -28.69 11.46
C TRP B 36 -53.78 -29.36 11.97
N ILE B 37 -54.80 -29.43 11.11
CA ILE B 37 -56.10 -29.97 11.46
C ILE B 37 -56.43 -31.12 10.53
N ARG B 38 -57.07 -32.16 11.08
CA ARG B 38 -57.41 -33.36 10.34
C ARG B 38 -58.91 -33.58 10.40
N GLN B 39 -59.53 -33.83 9.24
CA GLN B 39 -60.96 -34.11 9.13
C GLN B 39 -61.12 -35.52 8.59
N THR B 40 -61.01 -36.51 9.48
CA THR B 40 -61.20 -37.89 9.09
C THR B 40 -62.68 -38.19 8.87
N ALA B 41 -62.94 -39.31 8.18
CA ALA B 41 -64.31 -39.73 7.90
C ALA B 41 -64.90 -40.57 9.01
N GLY B 42 -64.08 -41.36 9.70
CA GLY B 42 -64.57 -42.20 10.78
C GLY B 42 -64.35 -41.59 12.15
N ARG B 43 -64.25 -40.27 12.21
CA ARG B 43 -64.03 -39.54 13.46
C ARG B 43 -64.36 -38.08 13.22
N GLY B 44 -64.64 -37.37 14.31
CA GLY B 44 -64.82 -35.94 14.26
C GLY B 44 -63.52 -35.24 13.91
N PRO B 45 -63.61 -34.01 13.45
CA PRO B 45 -62.39 -33.25 13.12
C PRO B 45 -61.49 -33.10 14.34
N GLU B 46 -60.20 -33.36 14.14
CA GLU B 46 -59.23 -33.37 15.22
C GLU B 46 -58.16 -32.30 14.99
N TRP B 47 -57.78 -31.62 16.08
CA TRP B 47 -56.68 -30.68 16.05
C TRP B 47 -55.38 -31.42 16.34
N MET B 48 -54.47 -31.42 15.38
CA MET B 48 -53.22 -32.17 15.54
C MET B 48 -52.19 -31.37 16.34
N GLY B 49 -51.96 -30.12 15.95
CA GLY B 49 -51.02 -29.29 16.69
C GLY B 49 -50.60 -28.02 15.97
N TRP B 50 -50.11 -27.04 16.73
CA TRP B 50 -49.59 -25.80 16.16
C TRP B 50 -48.11 -25.66 16.48
N ILE B 51 -47.43 -24.85 15.67
CA ILE B 51 -46.02 -24.57 15.81
C ILE B 51 -45.79 -23.08 15.56
N SER B 52 -44.74 -22.55 16.18
CA SER B 52 -44.45 -21.12 16.10
C SER B 52 -43.39 -20.86 15.04
N PRO B 53 -43.74 -20.18 13.93
CA PRO B 53 -42.71 -19.81 12.95
C PRO B 53 -41.72 -18.77 13.46
N TYR B 54 -41.94 -18.20 14.64
CA TYR B 54 -41.07 -17.19 15.23
C TYR B 54 -40.19 -17.75 16.33
N SER B 55 -40.76 -18.53 17.26
CA SER B 55 -40.01 -19.10 18.37
C SER B 55 -39.63 -20.56 18.16
N GLY B 56 -40.15 -21.20 17.11
CA GLY B 56 -39.93 -22.62 16.92
C GLY B 56 -40.62 -23.52 17.92
N ASP B 57 -41.32 -22.96 18.90
CA ASP B 57 -41.99 -23.77 19.91
C ASP B 57 -43.23 -24.43 19.31
N LYS B 58 -43.33 -25.74 19.49
CA LYS B 58 -44.44 -26.53 18.95
C LYS B 58 -45.27 -27.10 20.10
N ASN B 59 -46.54 -27.37 19.80
CA ASN B 59 -47.46 -27.95 20.78
C ASN B 59 -48.52 -28.73 20.02
N LEU B 60 -48.63 -30.02 20.31
CA LEU B 60 -49.55 -30.91 19.63
C LEU B 60 -50.37 -31.69 20.63
N ALA B 61 -51.42 -32.33 20.13
CA ALA B 61 -52.29 -33.13 20.99
C ALA B 61 -51.57 -34.41 21.43
N PRO B 62 -51.88 -34.92 22.62
CA PRO B 62 -51.23 -36.16 23.07
C PRO B 62 -51.53 -37.36 22.19
N ALA B 63 -52.61 -37.31 21.39
CA ALA B 63 -52.87 -38.35 20.41
C ALA B 63 -51.85 -38.38 19.29
N PHE B 64 -51.05 -37.32 19.14
CA PHE B 64 -49.97 -37.24 18.16
C PHE B 64 -48.65 -36.91 18.85
N GLN B 65 -48.48 -37.35 20.10
CA GLN B 65 -47.35 -36.90 20.90
C GLN B 65 -46.03 -37.37 20.32
N ASP B 66 -45.90 -38.66 20.05
CA ASP B 66 -44.67 -39.19 19.47
C ASP B 66 -44.95 -39.89 18.14
N ARG B 67 -45.46 -39.15 17.17
CA ARG B 67 -45.80 -39.71 15.88
C ARG B 67 -45.75 -38.65 14.79
N VAL B 68 -45.67 -37.37 15.18
CA VAL B 68 -45.77 -36.25 14.24
C VAL B 68 -44.56 -35.34 14.43
N ASN B 69 -43.96 -34.93 13.31
CA ASN B 69 -42.85 -33.99 13.30
C ASN B 69 -43.29 -32.74 12.56
N MET B 70 -43.34 -31.62 13.28
CA MET B 70 -43.73 -30.33 12.71
C MET B 70 -42.51 -29.44 12.58
N THR B 71 -42.26 -28.94 11.38
CA THR B 71 -41.13 -28.07 11.10
C THR B 71 -41.56 -26.95 10.16
N THR B 72 -40.95 -25.78 10.35
CA THR B 72 -41.16 -24.64 9.47
C THR B 72 -39.81 -23.99 9.19
N ASP B 73 -39.62 -23.54 7.95
CA ASP B 73 -38.41 -22.82 7.59
C ASP B 73 -38.65 -21.32 7.72
N THR B 74 -37.55 -20.57 7.79
CA THR B 74 -37.63 -19.13 7.99
C THR B 74 -38.29 -18.45 6.79
N GLU B 75 -38.84 -17.27 7.03
CA GLU B 75 -39.61 -16.56 6.03
C GLU B 75 -38.70 -15.78 5.08
N VAL B 76 -39.32 -15.24 4.04
CA VAL B 76 -38.62 -14.40 3.06
C VAL B 76 -39.33 -13.05 3.00
N PRO B 77 -38.69 -11.97 3.47
CA PRO B 77 -39.35 -10.66 3.48
C PRO B 77 -39.70 -10.19 2.07
N VAL B 78 -40.97 -9.89 1.86
CA VAL B 78 -41.45 -9.32 0.60
C VAL B 78 -41.61 -7.80 0.72
N THR B 79 -42.33 -7.34 1.73
CA THR B 79 -42.41 -5.93 2.04
C THR B 79 -42.18 -5.78 3.55
N SER B 80 -42.57 -4.64 4.10
CA SER B 80 -42.40 -4.41 5.53
C SER B 80 -43.32 -5.31 6.36
N PHE B 81 -44.47 -5.70 5.81
CA PHE B 81 -45.44 -6.51 6.53
C PHE B 81 -45.86 -7.76 5.76
N THR B 82 -45.21 -8.07 4.65
CA THR B 82 -45.53 -9.23 3.84
C THR B 82 -44.30 -10.13 3.73
N SER B 83 -44.50 -11.43 3.93
CA SER B 83 -43.44 -12.41 3.77
C SER B 83 -44.04 -13.71 3.26
N THR B 84 -43.17 -14.66 2.94
CA THR B 84 -43.57 -15.97 2.45
C THR B 84 -42.91 -17.04 3.31
N GLY B 85 -43.71 -18.02 3.76
CA GLY B 85 -43.22 -19.08 4.61
C GLY B 85 -43.69 -20.44 4.13
N ALA B 86 -43.27 -21.47 4.88
CA ALA B 86 -43.63 -22.84 4.57
C ALA B 86 -43.66 -23.64 5.85
N ALA B 87 -44.66 -24.53 5.96
CA ALA B 87 -44.83 -25.40 7.12
C ALA B 87 -44.92 -26.85 6.65
N TYR B 88 -44.32 -27.75 7.42
CA TYR B 88 -44.20 -29.15 7.03
C TYR B 88 -44.82 -30.04 8.09
N MET B 89 -45.44 -31.14 7.64
CA MET B 89 -46.17 -32.07 8.48
C MET B 89 -45.76 -33.49 8.14
N GLU B 90 -45.54 -34.31 9.16
CA GLU B 90 -45.10 -35.69 8.96
C GLU B 90 -45.80 -36.60 9.98
N ILE B 91 -45.87 -37.88 9.63
CA ILE B 91 -46.46 -38.90 10.49
C ILE B 91 -45.48 -40.06 10.59
N ARG B 92 -45.46 -40.71 11.76
CA ARG B 92 -44.53 -41.82 11.99
C ARG B 92 -45.20 -43.16 11.73
N ASN B 93 -45.65 -43.83 12.80
CA ASN B 93 -46.30 -45.14 12.68
C ASN B 93 -47.65 -44.95 12.00
N LEU B 94 -47.60 -44.86 10.67
CA LEU B 94 -48.75 -44.48 9.86
C LEU B 94 -49.47 -45.71 9.33
N THR B 95 -50.80 -45.70 9.43
CA THR B 95 -51.63 -46.76 8.88
C THR B 95 -52.60 -46.18 7.87
N SER B 96 -53.66 -46.93 7.54
CA SER B 96 -54.70 -46.45 6.64
C SER B 96 -55.92 -45.93 7.39
N ASP B 97 -55.89 -45.92 8.72
CA ASP B 97 -57.01 -45.41 9.52
C ASP B 97 -56.96 -43.90 9.69
N ASP B 98 -55.83 -43.27 9.35
CA ASP B 98 -55.70 -41.82 9.42
C ASP B 98 -56.08 -41.14 8.10
N THR B 99 -56.90 -41.79 7.28
CA THR B 99 -57.29 -41.24 5.99
C THR B 99 -58.26 -40.08 6.17
N GLY B 100 -58.08 -39.04 5.37
CA GLY B 100 -58.98 -37.91 5.39
C GLY B 100 -58.36 -36.71 4.71
N THR B 101 -59.04 -35.58 4.85
CA THR B 101 -58.57 -34.32 4.31
C THR B 101 -57.77 -33.57 5.38
N TYR B 102 -56.59 -33.09 5.00
CA TYR B 102 -55.69 -32.40 5.92
C TYR B 102 -55.61 -30.93 5.56
N PHE B 103 -55.70 -30.07 6.57
CA PHE B 103 -55.66 -28.63 6.39
C PHE B 103 -54.51 -28.01 7.18
N CYS B 104 -54.10 -26.83 6.75
CA CYS B 104 -53.20 -25.98 7.52
C CYS B 104 -53.87 -24.62 7.73
N ALA B 105 -53.80 -24.12 8.95
CA ALA B 105 -54.47 -22.88 9.31
C ALA B 105 -53.57 -22.05 10.21
N LYS B 106 -53.43 -20.76 9.88
CA LYS B 106 -52.59 -19.89 10.68
C LYS B 106 -53.34 -19.41 11.92
N GLY B 107 -52.60 -18.85 12.86
CA GLY B 107 -53.18 -18.38 14.09
C GLY B 107 -54.11 -17.20 13.89
N LEU B 108 -54.86 -16.89 14.95
CA LEU B 108 -55.84 -15.80 14.90
C LEU B 108 -55.18 -14.45 15.16
N LEU B 109 -54.71 -14.24 16.38
CA LEU B 109 -54.11 -12.98 16.79
C LEU B 109 -52.66 -13.21 17.20
N ARG B 110 -51.97 -12.10 17.47
CA ARG B 110 -50.59 -12.14 17.93
C ARG B 110 -50.46 -12.13 19.45
N ASP B 111 -51.54 -11.83 20.17
CA ASP B 111 -51.51 -11.75 21.62
C ASP B 111 -52.93 -11.95 22.14
N GLY B 112 -53.03 -12.22 23.44
CA GLY B 112 -54.33 -12.37 24.08
C GLY B 112 -54.62 -13.78 24.54
N SER B 113 -55.89 -14.19 24.45
CA SER B 113 -56.31 -15.52 24.83
C SER B 113 -56.72 -16.39 23.65
N SER B 114 -56.76 -15.84 22.44
CA SER B 114 -57.05 -16.62 21.25
C SER B 114 -55.93 -16.44 20.23
N THR B 115 -54.69 -16.64 20.68
CA THR B 115 -53.52 -16.36 19.84
C THR B 115 -53.40 -17.36 18.70
N TRP B 116 -53.29 -18.65 19.04
CA TRP B 116 -53.00 -19.70 18.08
C TRP B 116 -54.23 -20.18 17.31
N LEU B 117 -55.41 -19.63 17.59
CA LEU B 117 -56.66 -20.19 17.09
C LEU B 117 -56.65 -20.27 15.56
N PRO B 118 -56.89 -21.45 14.98
CA PRO B 118 -56.89 -21.57 13.51
C PRO B 118 -57.89 -20.65 12.84
N TYR B 119 -57.40 -19.57 12.24
CA TYR B 119 -58.25 -18.55 11.64
C TYR B 119 -58.31 -18.63 10.13
N LEU B 120 -57.16 -18.62 9.46
CA LEU B 120 -57.10 -18.62 8.00
C LEU B 120 -56.58 -19.98 7.52
N TRP B 121 -57.43 -20.72 6.82
CA TRP B 121 -57.17 -22.11 6.46
C TRP B 121 -56.69 -22.23 5.01
N GLY B 122 -56.20 -23.43 4.69
CA GLY B 122 -55.85 -23.77 3.33
C GLY B 122 -56.97 -24.54 2.63
N GLN B 123 -56.69 -24.92 1.38
CA GLN B 123 -57.70 -25.61 0.58
C GLN B 123 -57.80 -27.09 0.88
N GLY B 124 -56.85 -27.67 1.61
CA GLY B 124 -56.92 -29.06 2.00
C GLY B 124 -56.29 -29.99 0.97
N THR B 125 -55.92 -31.18 1.45
CA THR B 125 -55.30 -32.20 0.63
C THR B 125 -55.91 -33.56 0.95
N LEU B 126 -56.32 -34.28 -0.08
CA LEU B 126 -56.86 -35.63 0.11
C LEU B 126 -55.72 -36.63 0.26
N LEU B 127 -55.92 -37.62 1.13
CA LEU B 127 -54.88 -38.60 1.39
C LEU B 127 -55.30 -40.00 0.95
N THR B 128 -54.63 -41.01 1.50
CA THR B 128 -54.84 -42.41 1.13
C THR B 128 -56.30 -42.84 1.23
N VAL C 4 -66.25 -36.03 23.50
CA VAL C 4 -66.49 -35.69 24.90
C VAL C 4 -67.26 -34.38 24.97
N LEU C 5 -67.08 -33.53 23.95
CA LEU C 5 -67.85 -32.30 23.81
C LEU C 5 -69.05 -32.60 22.93
N THR C 6 -70.14 -33.03 23.56
CA THR C 6 -71.34 -33.41 22.83
C THR C 6 -72.03 -32.17 22.27
N GLN C 7 -72.08 -32.06 20.95
CA GLN C 7 -72.78 -30.95 20.31
C GLN C 7 -74.28 -31.21 20.26
N SER C 8 -74.90 -30.91 19.13
CA SER C 8 -76.30 -31.18 18.90
C SER C 8 -76.45 -32.22 17.79
N ALA C 9 -77.59 -32.90 17.78
CA ALA C 9 -77.91 -33.84 16.71
C ALA C 9 -77.98 -33.07 15.40
N SER C 10 -79.06 -32.31 15.23
CA SER C 10 -79.25 -31.40 14.09
C SER C 10 -80.56 -30.66 14.24
N VAL C 11 -80.87 -29.76 13.30
CA VAL C 11 -82.15 -29.06 13.25
C VAL C 11 -82.11 -28.11 12.04
N SER C 12 -83.22 -27.46 11.74
CA SER C 12 -83.26 -26.42 10.73
C SER C 12 -84.42 -25.48 11.04
N GLY C 13 -84.46 -24.37 10.32
CA GLY C 13 -85.56 -23.43 10.44
C GLY C 13 -86.14 -23.05 9.10
N SER C 14 -86.17 -21.74 8.80
CA SER C 14 -86.61 -21.28 7.49
C SER C 14 -86.08 -19.87 7.28
N LEU C 15 -86.12 -19.44 6.01
CA LEU C 15 -85.60 -18.13 5.62
C LEU C 15 -86.27 -17.01 6.41
N GLY C 16 -85.55 -16.45 7.38
CA GLY C 16 -86.06 -15.40 8.26
C GLY C 16 -86.05 -15.79 9.72
N GLN C 17 -86.21 -17.07 10.02
CA GLN C 17 -86.23 -17.54 11.41
C GLN C 17 -84.81 -17.66 11.95
N SER C 18 -84.64 -18.45 13.01
CA SER C 18 -83.35 -18.58 13.67
C SER C 18 -83.12 -20.01 14.13
N VAL C 19 -81.87 -20.29 14.51
CA VAL C 19 -81.44 -21.58 15.00
C VAL C 19 -80.68 -21.34 16.30
N THR C 20 -80.54 -22.40 17.11
CA THR C 20 -79.77 -22.33 18.36
C THR C 20 -79.04 -23.67 18.54
N ILE C 21 -77.81 -23.73 18.04
CA ILE C 21 -76.99 -24.93 18.22
C ILE C 21 -76.47 -24.99 19.65
N SER C 22 -76.20 -26.19 20.12
CA SER C 22 -75.73 -26.42 21.48
C SER C 22 -74.36 -27.08 21.47
N CYS C 23 -73.75 -27.13 22.66
CA CYS C 23 -72.42 -27.67 22.86
C CYS C 23 -72.13 -27.75 24.36
N THR C 24 -71.82 -28.94 24.86
CA THR C 24 -71.59 -29.12 26.28
C THR C 24 -70.73 -30.36 26.51
N GLY C 25 -70.34 -30.55 27.77
CA GLY C 25 -69.52 -31.67 28.15
C GLY C 25 -69.28 -31.68 29.65
N PRO C 26 -68.37 -32.55 30.10
CA PRO C 26 -68.06 -32.62 31.54
C PRO C 26 -67.10 -31.53 31.97
N ASN C 27 -66.55 -31.64 33.18
CA ASN C 27 -65.56 -30.69 33.67
C ASN C 27 -64.24 -30.77 32.91
N SER C 28 -64.11 -31.70 31.96
CA SER C 28 -62.85 -31.85 31.23
C SER C 28 -62.70 -30.83 30.12
N VAL C 29 -63.80 -30.35 29.55
CA VAL C 29 -63.74 -29.50 28.36
C VAL C 29 -64.85 -28.46 28.37
N CYS C 30 -65.42 -28.19 29.54
CA CYS C 30 -66.60 -27.31 29.61
C CYS C 30 -66.88 -26.99 31.07
N CYS C 31 -67.16 -25.71 31.36
CA CYS C 31 -67.17 -24.63 30.38
C CYS C 31 -66.62 -23.33 30.97
N SER C 32 -66.86 -23.14 32.26
CA SER C 32 -66.59 -21.84 32.89
C SER C 32 -65.11 -21.47 32.83
N HIS C 33 -64.23 -22.47 32.78
CA HIS C 33 -62.79 -22.22 32.71
C HIS C 33 -62.23 -22.50 31.32
N LYS C 34 -63.05 -22.42 30.28
CA LYS C 34 -62.62 -22.61 28.91
C LYS C 34 -63.35 -21.64 28.00
N SER C 35 -62.71 -21.28 26.90
CA SER C 35 -63.36 -20.50 25.85
C SER C 35 -63.94 -21.44 24.80
N ILE C 36 -64.93 -20.93 24.06
CA ILE C 36 -65.65 -21.71 23.06
C ILE C 36 -65.60 -20.96 21.74
N SER C 37 -65.23 -21.66 20.68
CA SER C 37 -65.24 -21.12 19.33
C SER C 37 -66.10 -22.01 18.44
N TRP C 38 -66.78 -21.38 17.49
CA TRP C 38 -67.69 -22.08 16.58
C TRP C 38 -67.20 -21.89 15.14
N TYR C 39 -67.00 -23.01 14.44
CA TYR C 39 -66.48 -23.02 13.08
C TYR C 39 -67.57 -23.46 12.12
N GLN C 40 -67.84 -22.62 11.11
CA GLN C 40 -68.68 -23.01 9.98
C GLN C 40 -67.82 -23.85 9.04
N TRP C 41 -68.10 -25.14 8.95
CA TRP C 41 -67.22 -26.09 8.28
C TRP C 41 -68.01 -26.91 7.26
N PRO C 42 -68.07 -26.47 6.01
CA PRO C 42 -68.63 -27.30 4.94
C PRO C 42 -67.81 -28.58 4.80
N PRO C 43 -68.48 -29.72 4.56
CA PRO C 43 -67.77 -31.00 4.54
C PRO C 43 -66.77 -31.07 3.39
N GLY C 44 -65.50 -31.23 3.73
CA GLY C 44 -64.46 -31.36 2.73
C GLY C 44 -64.06 -30.06 2.06
N ARG C 45 -64.07 -28.95 2.79
CA ARG C 45 -63.71 -27.66 2.23
C ARG C 45 -63.03 -26.83 3.30
N ALA C 46 -62.63 -25.61 2.92
CA ALA C 46 -61.96 -24.70 3.85
C ALA C 46 -62.96 -24.22 4.90
N PRO C 47 -62.67 -24.42 6.20
CA PRO C 47 -63.62 -23.98 7.23
C PRO C 47 -63.66 -22.46 7.37
N THR C 48 -64.35 -21.99 8.41
CA THR C 48 -64.47 -20.56 8.66
C THR C 48 -64.70 -20.34 10.15
N LEU C 49 -63.94 -19.43 10.75
CA LEU C 49 -64.13 -19.07 12.14
C LEU C 49 -65.27 -18.05 12.24
N ILE C 50 -66.36 -18.43 12.90
CA ILE C 50 -67.53 -17.58 13.03
C ILE C 50 -67.39 -16.70 14.27
N ILE C 51 -67.24 -17.33 15.44
CA ILE C 51 -67.04 -16.61 16.68
C ILE C 51 -65.94 -17.27 17.48
N TYR C 52 -65.34 -16.49 18.37
CA TYR C 52 -64.32 -16.99 19.30
C TYR C 52 -64.51 -16.30 20.63
N GLU C 53 -63.88 -16.86 21.67
CA GLU C 53 -64.01 -16.37 23.04
C GLU C 53 -65.49 -16.27 23.43
N ASP C 54 -66.21 -17.38 23.23
CA ASP C 54 -67.59 -17.57 23.63
C ASP C 54 -68.59 -16.80 22.76
N ASN C 55 -68.30 -15.55 22.42
CA ASN C 55 -69.30 -14.77 21.70
C ASN C 55 -68.72 -13.72 20.74
N GLU C 56 -67.42 -13.50 20.76
CA GLU C 56 -66.81 -12.49 19.91
C GLU C 56 -66.71 -13.00 18.47
N ARG C 57 -67.30 -12.26 17.53
CA ARG C 57 -67.29 -12.66 16.14
C ARG C 57 -65.96 -12.35 15.48
N ALA C 58 -65.64 -13.11 14.44
CA ALA C 58 -64.46 -12.87 13.64
C ALA C 58 -64.70 -11.68 12.70
N PRO C 59 -63.63 -11.08 12.17
CA PRO C 59 -63.80 -9.93 11.28
C PRO C 59 -64.57 -10.30 10.02
N GLY C 60 -65.74 -9.70 9.86
CA GLY C 60 -66.58 -9.92 8.69
C GLY C 60 -67.79 -10.80 8.92
N ILE C 61 -67.89 -11.44 10.08
CA ILE C 61 -69.01 -12.33 10.35
C ILE C 61 -70.28 -11.50 10.52
N SER C 62 -71.37 -11.99 9.94
CA SER C 62 -72.63 -11.26 9.99
C SER C 62 -73.10 -11.11 11.43
N PRO C 63 -73.68 -9.96 11.79
CA PRO C 63 -74.13 -9.75 13.18
C PRO C 63 -75.25 -10.70 13.60
N ARG C 64 -75.87 -11.41 12.67
CA ARG C 64 -76.91 -12.36 13.03
C ARG C 64 -76.35 -13.56 13.78
N PHE C 65 -75.09 -13.92 13.52
CA PHE C 65 -74.43 -14.97 14.27
C PHE C 65 -74.09 -14.46 15.66
N SER C 66 -74.55 -15.16 16.69
CA SER C 66 -74.32 -14.76 18.07
C SER C 66 -74.01 -15.98 18.92
N GLY C 67 -73.06 -15.81 19.84
CA GLY C 67 -72.67 -16.87 20.75
C GLY C 67 -73.07 -16.54 22.17
N TYR C 68 -73.26 -17.59 22.98
CA TYR C 68 -73.61 -17.43 24.39
C TYR C 68 -73.10 -18.66 25.13
N LYS C 69 -72.54 -18.44 26.32
CA LYS C 69 -72.01 -19.53 27.12
C LYS C 69 -72.63 -19.46 28.52
N SER C 70 -73.41 -20.47 28.86
CA SER C 70 -73.87 -20.66 30.22
C SER C 70 -72.72 -21.25 31.04
N TYR C 71 -72.99 -21.55 32.31
CA TYR C 71 -71.98 -22.16 33.16
C TYR C 71 -71.82 -23.66 32.88
N TRP C 72 -72.54 -24.20 31.91
CA TRP C 72 -72.52 -25.65 31.68
C TRP C 72 -72.68 -26.00 30.20
N SER C 73 -73.00 -25.01 29.36
CA SER C 73 -73.21 -25.26 27.94
C SER C 73 -73.08 -23.97 27.16
N ALA C 74 -72.42 -24.06 26.01
CA ALA C 74 -72.27 -22.93 25.10
C ALA C 74 -73.22 -23.08 23.92
N TYR C 75 -73.80 -21.96 23.49
CA TYR C 75 -74.79 -21.94 22.43
C TYR C 75 -74.31 -21.11 21.25
N LEU C 76 -74.91 -21.37 20.09
CA LEU C 76 -74.61 -20.62 18.88
C LEU C 76 -75.91 -20.37 18.15
N THR C 77 -76.39 -19.12 18.17
CA THR C 77 -77.62 -18.76 17.50
C THR C 77 -77.33 -18.24 16.09
N ILE C 78 -78.17 -18.60 15.14
CA ILE C 78 -78.02 -18.18 13.75
C ILE C 78 -79.31 -17.50 13.29
N SER C 79 -79.44 -16.21 13.60
CA SER C 79 -80.65 -15.47 13.27
C SER C 79 -80.70 -15.14 11.77
N ASP C 80 -81.93 -14.87 11.30
CA ASP C 80 -82.19 -14.50 9.91
C ASP C 80 -81.49 -15.44 8.93
N LEU C 81 -82.03 -16.63 8.74
CA LEU C 81 -81.36 -17.65 7.93
C LEU C 81 -81.33 -17.25 6.46
N ARG C 82 -80.35 -17.80 5.75
CA ARG C 82 -80.15 -17.58 4.33
C ARG C 82 -79.78 -18.92 3.67
N PRO C 83 -79.84 -19.01 2.34
CA PRO C 83 -79.56 -20.32 1.70
C PRO C 83 -78.18 -20.89 2.02
N GLU C 84 -77.16 -20.05 2.13
CA GLU C 84 -75.79 -20.54 2.31
C GLU C 84 -75.54 -21.13 3.70
N ASP C 85 -76.53 -21.13 4.58
CA ASP C 85 -76.34 -21.64 5.94
C ASP C 85 -76.33 -23.15 6.02
N GLU C 86 -76.71 -23.86 4.95
CA GLU C 86 -76.75 -25.32 4.95
C GLU C 86 -75.32 -25.86 5.00
N THR C 87 -74.72 -25.83 6.19
CA THR C 87 -73.38 -26.35 6.42
C THR C 87 -73.39 -27.14 7.72
N THR C 88 -72.23 -27.71 8.06
CA THR C 88 -72.05 -28.46 9.29
C THR C 88 -71.19 -27.64 10.24
N TYR C 89 -71.72 -27.38 11.43
CA TYR C 89 -71.05 -26.53 12.41
C TYR C 89 -70.40 -27.37 13.50
N TYR C 90 -69.25 -26.89 13.99
CA TYR C 90 -68.51 -27.57 15.04
C TYR C 90 -68.06 -26.57 16.08
N CYS C 91 -68.36 -26.85 17.35
CA CYS C 91 -67.80 -26.07 18.44
C CYS C 91 -66.44 -26.65 18.83
N CYS C 92 -65.66 -25.84 19.55
CA CYS C 92 -64.39 -26.33 20.06
C CYS C 92 -64.00 -25.51 21.29
N SER C 93 -63.47 -26.19 22.30
CA SER C 93 -63.11 -25.59 23.57
C SER C 93 -61.59 -25.50 23.68
N TYR C 94 -61.11 -24.40 24.28
CA TYR C 94 -59.69 -24.13 24.31
C TYR C 94 -59.38 -23.15 25.42
N THR C 95 -58.11 -23.16 25.85
CA THR C 95 -57.53 -22.16 26.72
C THR C 95 -56.49 -21.38 25.94
N HIS C 96 -55.74 -20.52 26.64
CA HIS C 96 -54.76 -19.68 25.97
C HIS C 96 -53.52 -20.45 25.54
N ASN C 97 -53.21 -21.57 26.20
CA ASN C 97 -52.00 -22.33 25.93
C ASN C 97 -52.32 -23.82 25.79
N SER C 98 -53.14 -24.15 24.80
CA SER C 98 -53.51 -25.53 24.55
C SER C 98 -53.93 -25.68 23.09
N GLY C 99 -54.76 -26.69 22.81
CA GLY C 99 -55.40 -26.84 21.53
C GLY C 99 -56.91 -26.84 21.71
N CYS C 100 -57.62 -26.83 20.59
CA CYS C 100 -59.08 -26.80 20.61
C CYS C 100 -59.62 -28.21 20.45
N VAL C 101 -60.26 -28.72 21.49
CA VAL C 101 -60.99 -29.98 21.42
C VAL C 101 -62.31 -29.70 20.69
N PHE C 102 -62.41 -30.12 19.44
CA PHE C 102 -63.60 -29.86 18.66
C PHE C 102 -64.79 -30.65 19.20
N GLY C 103 -65.97 -30.32 18.69
CA GLY C 103 -67.19 -31.01 19.04
C GLY C 103 -67.56 -32.09 18.04
N THR C 104 -68.65 -32.79 18.36
CA THR C 104 -69.08 -33.90 17.52
C THR C 104 -69.54 -33.43 16.14
N GLY C 105 -70.48 -32.49 16.10
CA GLY C 105 -70.96 -31.94 14.85
C GLY C 105 -72.46 -31.67 14.89
N THR C 106 -72.92 -30.82 13.97
CA THR C 106 -74.34 -30.48 13.90
C THR C 106 -74.66 -30.05 12.48
N LYS C 107 -75.50 -30.83 11.80
CA LYS C 107 -75.96 -30.47 10.46
C LYS C 107 -77.13 -29.49 10.56
N VAL C 108 -77.01 -28.34 9.89
CA VAL C 108 -78.08 -27.36 9.93
C VAL C 108 -78.66 -27.15 8.53
N GLU D 2 -67.71 -1.43 20.46
CA GLU D 2 -69.00 -0.77 20.31
C GLU D 2 -68.90 0.71 20.66
N ASN D 3 -68.73 1.00 21.95
CA ASN D 3 -68.55 2.37 22.43
C ASN D 3 -67.07 2.68 22.41
N LEU D 4 -66.57 3.16 21.27
CA LEU D 4 -65.16 3.43 21.07
C LEU D 4 -64.94 4.91 20.82
N TRP D 5 -63.97 5.50 21.51
CA TRP D 5 -63.60 6.89 21.34
C TRP D 5 -62.14 6.99 20.96
N VAL D 6 -61.76 8.15 20.42
CA VAL D 6 -60.37 8.40 20.06
C VAL D 6 -59.54 8.56 21.32
N THR D 7 -58.42 7.87 21.38
CA THR D 7 -57.48 7.99 22.49
C THR D 7 -56.11 8.34 21.95
N VAL D 8 -55.54 9.42 22.46
CA VAL D 8 -54.26 9.92 21.99
C VAL D 8 -53.15 9.27 22.80
N TYR D 9 -52.08 8.86 22.11
CA TYR D 9 -50.91 8.28 22.73
C TYR D 9 -49.69 9.10 22.32
N TYR D 10 -48.85 9.44 23.30
CA TYR D 10 -47.64 10.22 23.07
C TYR D 10 -46.43 9.32 23.34
N GLY D 11 -45.66 9.04 22.29
CA GLY D 11 -44.50 8.19 22.43
C GLY D 11 -44.67 6.83 21.80
N VAL D 12 -45.36 6.76 20.67
CA VAL D 12 -45.64 5.51 20.00
C VAL D 12 -44.48 5.15 19.07
N PRO D 13 -44.06 3.89 19.02
CA PRO D 13 -42.94 3.49 18.14
C PRO D 13 -43.33 3.41 16.67
N VAL D 14 -43.43 4.58 16.04
CA VAL D 14 -43.74 4.67 14.61
C VAL D 14 -42.87 5.77 14.01
N TRP D 15 -42.27 5.48 12.85
CA TRP D 15 -41.36 6.40 12.20
C TRP D 15 -41.67 6.48 10.71
N LYS D 16 -41.20 7.56 10.10
CA LYS D 16 -41.28 7.75 8.66
C LYS D 16 -39.90 8.12 8.13
N ASP D 17 -39.66 7.78 6.86
CA ASP D 17 -38.39 8.14 6.22
C ASP D 17 -38.30 9.65 6.05
N ALA D 18 -37.12 10.20 6.32
CA ALA D 18 -36.93 11.64 6.24
C ALA D 18 -35.45 11.95 6.01
N GLU D 19 -35.22 13.14 5.47
CA GLU D 19 -33.88 13.69 5.30
C GLU D 19 -33.68 14.78 6.33
N THR D 20 -32.56 14.72 7.05
CA THR D 20 -32.25 15.72 8.07
C THR D 20 -30.74 15.97 8.08
N THR D 21 -30.33 16.99 8.82
CA THR D 21 -28.92 17.31 8.97
C THR D 21 -28.29 16.42 10.02
N LEU D 22 -27.22 15.73 9.63
CA LEU D 22 -26.55 14.76 10.48
C LEU D 22 -25.24 15.37 10.99
N PHE D 23 -25.12 15.51 12.30
CA PHE D 23 -23.91 16.03 12.90
C PHE D 23 -22.91 14.91 13.18
N CYS D 24 -21.64 15.30 13.31
CA CYS D 24 -20.53 14.36 13.43
C CYS D 24 -20.18 14.14 14.90
N ALA D 25 -19.84 12.89 15.22
CA ALA D 25 -19.26 12.53 16.50
C ALA D 25 -17.89 11.91 16.26
N SER D 26 -16.97 12.15 17.20
CA SER D 26 -15.61 11.66 17.06
C SER D 26 -15.11 11.25 18.44
N ASP D 27 -13.94 10.61 18.45
CA ASP D 27 -13.33 10.12 19.68
C ASP D 27 -12.20 11.05 20.11
N ALA D 28 -11.96 11.09 21.42
CA ALA D 28 -10.95 11.98 21.98
C ALA D 28 -9.55 11.54 21.52
N LYS D 29 -8.82 12.48 20.93
CA LYS D 29 -7.47 12.21 20.46
C LYS D 29 -6.43 13.22 20.92
N ALA D 30 -6.85 14.36 21.47
CA ALA D 30 -5.91 15.38 21.94
C ALA D 30 -6.14 15.68 23.42
N LYS D 35 -1.92 16.75 15.43
CA LYS D 35 -2.52 18.02 15.82
C LYS D 35 -3.97 18.10 15.35
N HIS D 36 -4.18 18.78 14.22
CA HIS D 36 -5.50 18.93 13.63
C HIS D 36 -5.51 18.36 12.23
N ASN D 37 -6.60 17.68 11.88
CA ASN D 37 -6.77 17.11 10.55
C ASN D 37 -7.73 17.97 9.72
N VAL D 38 -7.73 17.72 8.40
CA VAL D 38 -8.60 18.47 7.50
C VAL D 38 -10.05 18.18 7.81
N TRP D 39 -10.35 17.00 8.36
CA TRP D 39 -11.72 16.59 8.67
C TRP D 39 -12.26 17.24 9.93
N ALA D 40 -11.45 18.05 10.62
CA ALA D 40 -11.90 18.84 11.78
C ALA D 40 -12.59 17.96 12.82
N THR D 41 -12.06 16.75 13.01
CA THR D 41 -12.65 15.83 13.98
C THR D 41 -12.55 16.33 15.41
N HIS D 42 -11.75 17.37 15.67
CA HIS D 42 -11.75 18.01 16.98
C HIS D 42 -13.01 18.84 17.20
N ALA D 43 -13.71 19.22 16.13
CA ALA D 43 -14.90 20.05 16.23
C ALA D 43 -16.17 19.22 16.36
N CYS D 44 -16.06 17.90 16.48
CA CYS D 44 -17.21 17.04 16.65
C CYS D 44 -17.44 16.72 18.13
N VAL D 45 -18.68 16.39 18.45
CA VAL D 45 -19.05 16.03 19.83
C VAL D 45 -18.42 14.68 20.17
N PRO D 46 -17.90 14.49 21.38
CA PRO D 46 -17.31 13.19 21.73
C PRO D 46 -18.32 12.06 21.67
N THR D 47 -17.89 10.93 21.13
CA THR D 47 -18.75 9.76 21.02
C THR D 47 -18.86 9.06 22.37
N ASP D 48 -20.03 8.49 22.62
CA ASP D 48 -20.24 7.75 23.86
C ASP D 48 -19.35 6.52 23.88
N PRO D 49 -18.59 6.28 24.97
CA PRO D 49 -17.84 5.02 25.08
C PRO D 49 -18.73 3.77 25.14
N ASN D 50 -20.05 3.93 25.15
CA ASN D 50 -20.99 2.80 25.13
C ASN D 50 -21.93 3.03 23.97
N PRO D 51 -21.49 2.74 22.74
CA PRO D 51 -22.35 2.99 21.57
C PRO D 51 -23.61 2.14 21.61
N GLN D 52 -24.69 2.73 22.14
CA GLN D 52 -25.91 1.98 22.36
C GLN D 52 -26.55 1.54 21.04
N GLU D 53 -26.83 0.25 20.93
CA GLU D 53 -27.59 -0.30 19.83
C GLU D 53 -28.80 -1.03 20.38
N ILE D 54 -29.98 -0.66 19.90
CA ILE D 54 -31.24 -1.26 20.33
C ILE D 54 -31.78 -2.09 19.18
N HIS D 55 -31.93 -3.39 19.41
CA HIS D 55 -32.44 -4.28 18.37
C HIS D 55 -33.95 -4.14 18.25
N LEU D 56 -34.41 -3.96 17.02
CA LEU D 56 -35.84 -3.80 16.74
C LEU D 56 -36.40 -5.16 16.35
N GLU D 57 -36.82 -5.92 17.37
CA GLU D 57 -37.40 -7.24 17.13
C GLU D 57 -38.66 -7.11 16.30
N ASN D 58 -38.88 -8.09 15.42
CA ASN D 58 -40.05 -8.21 14.55
C ASN D 58 -40.14 -7.10 13.49
N VAL D 59 -39.15 -6.21 13.41
CA VAL D 59 -39.22 -5.08 12.51
C VAL D 59 -38.51 -5.43 11.21
N THR D 60 -39.15 -5.11 10.09
CA THR D 60 -38.57 -5.27 8.76
C THR D 60 -38.69 -3.94 8.02
N GLU D 61 -37.55 -3.35 7.68
CA GLU D 61 -37.50 -2.04 7.05
C GLU D 61 -37.01 -2.14 5.62
N GLU D 62 -37.43 -1.17 4.80
CA GLU D 62 -36.97 -1.08 3.42
C GLU D 62 -35.78 -0.14 3.35
N PHE D 63 -34.73 -0.57 2.64
CA PHE D 63 -33.53 0.22 2.45
C PHE D 63 -33.31 0.47 0.96
N ASN D 64 -32.53 1.51 0.67
CA ASN D 64 -32.18 1.84 -0.71
C ASN D 64 -30.93 2.72 -0.66
N MET D 65 -29.77 2.08 -0.65
CA MET D 65 -28.50 2.81 -0.56
C MET D 65 -28.26 3.72 -1.75
N TRP D 66 -28.91 3.45 -2.89
CA TRP D 66 -28.73 4.26 -4.08
C TRP D 66 -29.62 5.48 -4.11
N LYS D 67 -30.55 5.62 -3.15
CA LYS D 67 -31.25 6.87 -2.92
C LYS D 67 -30.96 7.43 -1.54
N ASN D 68 -30.08 6.79 -0.76
CA ASN D 68 -29.76 7.24 0.58
C ASN D 68 -29.20 8.66 0.54
N ASN D 69 -29.61 9.47 1.51
CA ASN D 69 -29.16 10.85 1.59
C ASN D 69 -27.90 11.03 2.42
N MET D 70 -27.57 10.07 3.29
CA MET D 70 -26.35 10.18 4.08
C MET D 70 -25.11 10.21 3.20
N VAL D 71 -25.14 9.50 2.07
CA VAL D 71 -24.00 9.54 1.15
C VAL D 71 -23.97 10.86 0.40
N GLU D 72 -25.14 11.47 0.16
CA GLU D 72 -25.17 12.79 -0.46
C GLU D 72 -24.79 13.89 0.52
N GLN D 73 -25.05 13.68 1.80
CA GLN D 73 -24.67 14.66 2.81
C GLN D 73 -23.19 14.55 3.16
N MET D 74 -22.67 13.32 3.28
CA MET D 74 -21.24 13.14 3.52
C MET D 74 -20.41 13.60 2.33
N HIS D 75 -20.92 13.42 1.11
CA HIS D 75 -20.20 13.86 -0.07
C HIS D 75 -19.93 15.35 -0.04
N THR D 76 -20.90 16.14 0.43
CA THR D 76 -20.74 17.59 0.51
C THR D 76 -20.03 18.03 1.79
N ASP D 77 -20.19 17.29 2.88
CA ASP D 77 -19.47 17.64 4.11
C ASP D 77 -17.97 17.53 3.94
N ILE D 78 -17.51 16.43 3.32
CA ILE D 78 -16.08 16.23 3.11
C ILE D 78 -15.52 17.32 2.20
N ILE D 79 -16.28 17.71 1.18
CA ILE D 79 -15.84 18.79 0.31
C ILE D 79 -15.79 20.12 1.07
N SER D 80 -16.77 20.35 1.94
CA SER D 80 -16.77 21.56 2.74
C SER D 80 -15.63 21.56 3.75
N LEU D 81 -15.32 20.39 4.32
CA LEU D 81 -14.19 20.30 5.23
C LEU D 81 -12.88 20.64 4.54
N TRP D 82 -12.75 20.30 3.25
CA TRP D 82 -11.55 20.66 2.52
C TRP D 82 -11.53 22.14 2.13
N ASP D 83 -12.67 22.66 1.66
CA ASP D 83 -12.77 24.08 1.36
C ASP D 83 -12.46 24.93 2.59
N GLN D 84 -12.94 24.48 3.75
CA GLN D 84 -12.70 25.23 4.98
C GLN D 84 -11.22 25.21 5.37
N SER D 85 -10.56 24.06 5.22
CA SER D 85 -9.18 23.93 5.65
C SER D 85 -8.21 24.62 4.70
N LEU D 86 -8.48 24.58 3.40
CA LEU D 86 -7.66 25.28 2.42
C LEU D 86 -7.96 26.77 2.33
N LYS D 87 -8.92 27.26 3.13
CA LYS D 87 -9.26 28.68 3.08
C LYS D 87 -8.12 29.57 3.59
N PRO D 88 -7.54 29.35 4.77
CA PRO D 88 -6.50 30.27 5.27
C PRO D 88 -5.09 29.98 4.80
N CYS D 89 -4.90 29.08 3.83
CA CYS D 89 -3.55 28.67 3.45
C CYS D 89 -3.04 29.53 2.30
N VAL D 90 -1.77 29.29 1.92
CA VAL D 90 -1.07 30.18 1.00
C VAL D 90 -1.60 30.03 -0.42
N LYS D 91 -1.85 31.16 -1.08
CA LYS D 91 -2.20 31.17 -2.50
C LYS D 91 -0.92 31.26 -3.31
N LEU D 92 -0.56 30.18 -3.99
CA LEU D 92 0.68 30.09 -4.76
C LEU D 92 0.56 30.68 -6.16
N THR D 93 -0.10 31.83 -6.30
CA THR D 93 -0.16 32.48 -7.60
C THR D 93 1.19 32.91 -8.17
N PRO D 94 2.18 33.34 -7.38
CA PRO D 94 3.50 33.63 -7.96
C PRO D 94 4.20 32.41 -8.52
N LEU D 95 3.80 31.19 -8.14
CA LEU D 95 4.41 30.00 -8.69
C LEU D 95 4.07 29.79 -10.16
N CYS D 96 3.03 30.44 -10.66
CA CYS D 96 2.69 30.37 -12.08
C CYS D 96 3.62 31.32 -12.83
N VAL D 97 4.86 30.86 -13.01
CA VAL D 97 5.91 31.61 -13.68
C VAL D 97 6.69 30.64 -14.55
N THR D 98 7.40 31.19 -15.54
CA THR D 98 8.17 30.35 -16.45
C THR D 98 9.29 29.64 -15.70
N LEU D 99 9.32 28.32 -15.80
CA LEU D 99 10.27 27.48 -15.09
C LEU D 99 11.36 27.01 -16.05
N GLN D 100 12.61 27.13 -15.60
CA GLN D 100 13.76 26.56 -16.31
C GLN D 100 14.08 25.22 -15.64
N CYS D 101 13.81 24.12 -16.33
CA CYS D 101 13.90 22.79 -15.75
C CYS D 101 14.91 21.93 -16.49
N THR D 102 15.69 21.18 -15.73
CA THR D 102 16.52 20.09 -16.23
C THR D 102 16.15 18.81 -15.47
N ASN D 103 16.57 17.68 -16.02
CA ASN D 103 16.49 16.44 -15.25
C ASN D 103 17.42 16.52 -14.06
N VAL D 104 17.01 15.90 -12.95
CA VAL D 104 17.83 15.79 -11.77
C VAL D 104 18.51 14.43 -11.78
N THR D 105 19.83 14.44 -11.82
CA THR D 105 20.64 13.22 -11.70
C THR D 105 20.28 12.18 -12.76
N ASN D 106 20.93 12.24 -13.91
CA ASN D 106 20.62 11.33 -15.02
C ASN D 106 21.17 9.94 -14.72
N ALA D 107 21.08 9.05 -15.72
CA ALA D 107 21.57 7.68 -15.65
C ALA D 107 20.84 6.87 -14.58
N ILE D 108 19.57 6.58 -14.85
CA ILE D 108 18.78 5.72 -13.98
C ILE D 108 18.23 4.55 -14.79
N THR D 109 17.14 4.77 -15.55
CA THR D 109 16.55 3.72 -16.37
C THR D 109 15.70 4.30 -17.50
N ASP D 110 16.34 4.88 -18.51
CA ASP D 110 15.67 5.37 -19.73
C ASP D 110 14.71 6.50 -19.32
N ASP D 111 13.43 6.45 -19.71
CA ASP D 111 12.50 7.54 -19.41
C ASP D 111 12.16 7.59 -17.92
N MET D 112 13.16 7.85 -17.08
CA MET D 112 12.96 8.00 -15.65
C MET D 112 13.66 9.21 -15.07
N ARG D 113 14.70 9.75 -15.73
CA ARG D 113 15.31 10.98 -15.27
C ARG D 113 14.32 12.13 -15.32
N GLY D 114 13.46 12.14 -16.34
CA GLY D 114 12.48 13.20 -16.50
C GLY D 114 11.23 13.07 -15.67
N GLU D 115 11.07 11.95 -14.95
CA GLU D 115 9.87 11.79 -14.12
C GLU D 115 9.81 12.83 -13.01
N LEU D 116 10.96 13.31 -12.53
CA LEU D 116 11.02 14.46 -11.65
C LEU D 116 12.14 15.37 -12.10
N LYS D 117 11.87 16.68 -12.09
CA LYS D 117 12.73 17.68 -12.69
C LYS D 117 13.32 18.59 -11.62
N ASN D 118 14.50 19.15 -11.93
CA ASN D 118 15.13 20.17 -11.10
C ASN D 118 14.85 21.51 -11.78
N CYS D 119 13.84 22.21 -11.30
CA CYS D 119 13.36 23.44 -11.91
C CYS D 119 13.80 24.65 -11.10
N SER D 120 14.34 25.66 -11.78
CA SER D 120 14.72 26.92 -11.17
C SER D 120 13.91 28.05 -11.79
N PHE D 121 13.50 29.01 -10.97
CA PHE D 121 12.64 30.08 -11.44
C PHE D 121 12.87 31.34 -10.60
N ASN D 122 12.60 32.48 -11.22
CA ASN D 122 12.60 33.74 -10.49
C ASN D 122 11.32 33.86 -9.67
N MET D 123 11.47 34.39 -8.45
CA MET D 123 10.37 34.42 -7.50
C MET D 123 10.36 35.74 -6.75
N THR D 124 9.17 36.19 -6.38
CA THR D 124 9.05 37.38 -5.55
C THR D 124 9.62 37.12 -4.15
N THR D 125 9.88 38.19 -3.43
CA THR D 125 10.43 38.09 -2.08
C THR D 125 9.52 38.78 -1.08
N GLU D 126 10.09 39.16 0.08
CA GLU D 126 9.36 40.00 1.01
C GLU D 126 9.27 41.44 0.52
N LEU D 127 10.26 41.90 -0.24
CA LEU D 127 10.19 43.18 -0.92
C LEU D 127 9.63 42.99 -2.32
N ARG D 128 8.62 43.79 -2.68
CA ARG D 128 7.96 43.61 -3.96
C ARG D 128 8.85 44.02 -5.13
N ASP D 129 9.88 44.82 -4.89
CA ASP D 129 10.73 45.31 -5.96
C ASP D 129 11.99 44.49 -6.18
N LYS D 130 12.23 43.47 -5.36
CA LYS D 130 13.43 42.65 -5.47
C LYS D 130 13.04 41.20 -5.68
N LYS D 131 13.62 40.57 -6.70
CA LYS D 131 13.35 39.19 -7.06
C LYS D 131 14.40 38.26 -6.46
N GLN D 132 14.14 36.96 -6.59
CA GLN D 132 15.06 35.92 -6.17
C GLN D 132 14.99 34.76 -7.15
N LYS D 133 16.14 34.17 -7.45
CA LYS D 133 16.21 32.99 -8.31
C LYS D 133 16.38 31.76 -7.42
N VAL D 134 15.28 31.02 -7.23
CA VAL D 134 15.28 29.82 -6.41
C VAL D 134 14.98 28.63 -7.31
N TYR D 135 15.21 27.43 -6.77
CA TYR D 135 14.94 26.20 -7.50
C TYR D 135 14.09 25.28 -6.63
N SER D 136 13.45 24.31 -7.29
CA SER D 136 12.59 23.35 -6.62
C SER D 136 12.48 22.11 -7.48
N LEU D 137 12.31 20.96 -6.82
CA LEU D 137 12.11 19.69 -7.52
C LEU D 137 10.62 19.49 -7.77
N PHE D 138 10.25 19.45 -9.04
CA PHE D 138 8.86 19.23 -9.45
C PHE D 138 8.76 17.89 -10.18
N TYR D 139 7.69 17.16 -9.89
CA TYR D 139 7.42 15.93 -10.63
C TYR D 139 6.96 16.26 -12.05
N ARG D 140 7.15 15.30 -12.95
CA ARG D 140 6.78 15.51 -14.35
C ARG D 140 5.28 15.67 -14.51
N LEU D 141 4.48 15.00 -13.69
CA LEU D 141 3.03 15.10 -13.77
C LEU D 141 2.51 16.48 -13.37
N ASP D 142 3.36 17.35 -12.83
CA ASP D 142 2.93 18.66 -12.38
C ASP D 142 3.43 19.80 -13.27
N VAL D 143 4.10 19.49 -14.39
CA VAL D 143 4.66 20.50 -15.27
C VAL D 143 4.41 20.11 -16.72
N VAL D 144 4.39 21.14 -17.57
CA VAL D 144 4.23 20.96 -19.01
C VAL D 144 5.18 21.90 -19.72
N GLN D 145 5.59 21.52 -20.93
CA GLN D 145 6.56 22.27 -21.70
C GLN D 145 5.91 23.51 -22.32
N ILE D 146 6.65 24.21 -23.17
CA ILE D 146 6.16 25.45 -23.79
C ILE D 146 6.38 25.36 -25.29
N ASN D 147 7.46 24.69 -25.70
CA ASN D 147 7.82 24.53 -27.12
C ASN D 147 8.03 25.87 -27.79
N ASN D 158 13.13 24.09 -26.28
CA ASN D 158 13.90 24.55 -25.13
C ASN D 158 13.42 23.85 -23.86
N LYS D 159 14.18 23.99 -22.78
CA LYS D 159 13.88 23.32 -21.51
C LYS D 159 13.02 24.18 -20.59
N GLU D 160 12.03 24.89 -21.14
CA GLU D 160 11.15 25.75 -20.35
C GLU D 160 9.87 25.00 -20.03
N TYR D 161 9.42 25.13 -18.77
CA TYR D 161 8.23 24.47 -18.29
C TYR D 161 7.36 25.45 -17.50
N ARG D 162 6.15 25.00 -17.19
CA ARG D 162 5.24 25.74 -16.33
C ARG D 162 4.41 24.74 -15.54
N LEU D 163 3.83 25.20 -14.45
CA LEU D 163 2.97 24.33 -13.66
C LEU D 163 1.73 23.95 -14.46
N ILE D 164 1.25 22.72 -14.22
CA ILE D 164 0.18 22.15 -15.03
C ILE D 164 -1.11 22.94 -14.90
N ASN D 165 -1.33 23.58 -13.77
CA ASN D 165 -2.63 24.18 -13.44
C ASN D 165 -2.79 25.62 -13.93
N CYS D 166 -1.74 26.25 -14.43
CA CYS D 166 -1.76 27.70 -14.57
C CYS D 166 -2.77 28.17 -15.60
N ASN D 167 -3.07 27.37 -16.62
CA ASN D 167 -4.01 27.79 -17.66
C ASN D 167 -5.45 27.44 -17.34
N THR D 168 -5.73 26.85 -16.19
CA THR D 168 -7.09 26.45 -15.86
C THR D 168 -7.51 26.84 -14.45
N SER D 169 -6.63 26.68 -13.46
CA SER D 169 -7.04 26.75 -12.06
C SER D 169 -6.03 27.52 -11.23
N ALA D 170 -6.52 28.27 -10.25
CA ALA D 170 -5.65 28.80 -9.22
C ALA D 170 -5.18 27.67 -8.31
N ILE D 171 -4.09 27.92 -7.58
CA ILE D 171 -3.43 26.90 -6.80
C ILE D 171 -3.31 27.38 -5.35
N THR D 172 -3.48 26.45 -4.41
CA THR D 172 -3.41 26.75 -2.98
C THR D 172 -2.73 25.59 -2.28
N GLN D 173 -1.58 25.84 -1.67
CA GLN D 173 -0.89 24.78 -0.95
C GLN D 173 -1.51 24.58 0.43
N ALA D 174 -1.61 23.32 0.84
CA ALA D 174 -2.21 23.02 2.12
C ALA D 174 -1.31 23.49 3.25
N CYS D 175 -1.92 24.09 4.26
CA CYS D 175 -1.20 24.46 5.47
C CYS D 175 -0.52 23.23 6.03
N PRO D 176 0.82 23.15 5.96
CA PRO D 176 1.51 21.90 6.30
C PRO D 176 1.31 21.41 7.73
N LYS D 177 0.66 22.19 8.61
CA LYS D 177 0.36 21.71 9.94
C LYS D 177 -0.88 20.82 9.99
N VAL D 178 -1.75 20.89 8.98
CA VAL D 178 -2.93 20.03 8.92
C VAL D 178 -2.51 18.64 8.46
N SER D 179 -3.27 17.63 8.88
CA SER D 179 -2.99 16.24 8.60
C SER D 179 -4.03 15.68 7.65
N PHE D 180 -3.58 15.08 6.56
CA PHE D 180 -4.46 14.40 5.62
C PHE D 180 -4.85 13.00 6.09
N GLU D 181 -4.51 12.63 7.32
CA GLU D 181 -4.80 11.30 7.83
C GLU D 181 -6.29 11.18 8.13
N PRO D 182 -7.00 10.21 7.57
CA PRO D 182 -8.43 10.06 7.85
C PRO D 182 -8.66 9.62 9.30
N ILE D 183 -9.60 10.28 9.96
CA ILE D 183 -10.02 9.93 11.32
C ILE D 183 -11.45 9.45 11.25
N PRO D 184 -11.80 8.33 11.88
CA PRO D 184 -13.16 7.81 11.79
C PRO D 184 -14.19 8.84 12.25
N ILE D 185 -15.26 8.97 11.47
CA ILE D 185 -16.34 9.91 11.75
C ILE D 185 -17.61 9.14 12.07
N HIS D 186 -18.33 9.59 13.10
CA HIS D 186 -19.62 9.02 13.47
C HIS D 186 -20.69 10.02 13.11
N TYR D 187 -21.51 9.69 12.11
CA TYR D 187 -22.67 10.50 11.77
C TYR D 187 -23.82 10.17 12.73
N CYS D 188 -24.47 11.19 13.25
CA CYS D 188 -25.55 11.03 14.21
C CYS D 188 -26.79 11.75 13.73
N ALA D 189 -27.94 11.27 14.19
CA ALA D 189 -29.21 11.91 13.90
C ALA D 189 -29.63 12.80 15.07
N PRO D 190 -30.28 13.94 14.79
CA PRO D 190 -30.73 14.82 15.87
C PRO D 190 -31.77 14.13 16.75
N ALA D 191 -32.09 14.77 17.86
CA ALA D 191 -33.14 14.27 18.73
C ALA D 191 -34.48 14.30 17.99
N GLY D 192 -35.29 13.26 18.20
CA GLY D 192 -36.49 13.08 17.43
C GLY D 192 -36.30 12.35 16.12
N PHE D 193 -35.06 12.02 15.77
CA PHE D 193 -34.74 11.21 14.60
C PHE D 193 -34.01 9.95 15.04
N ALA D 194 -33.80 9.04 14.10
CA ALA D 194 -33.15 7.77 14.41
C ALA D 194 -32.39 7.28 13.19
N ILE D 195 -31.31 6.56 13.45
CA ILE D 195 -30.54 5.86 12.43
C ILE D 195 -30.89 4.38 12.52
N LEU D 196 -31.26 3.79 11.39
CA LEU D 196 -31.65 2.38 11.33
C LEU D 196 -30.55 1.59 10.63
N LYS D 197 -30.02 0.59 11.32
CA LYS D 197 -28.97 -0.25 10.78
C LYS D 197 -29.56 -1.58 10.30
N CYS D 198 -29.19 -1.98 9.09
CA CYS D 198 -29.61 -3.27 8.54
C CYS D 198 -28.55 -4.30 8.93
N LYS D 199 -28.86 -5.12 9.93
CA LYS D 199 -27.93 -6.11 10.46
C LYS D 199 -27.99 -7.43 9.69
N ASP D 200 -28.35 -7.38 8.40
CA ASP D 200 -28.38 -8.58 7.57
C ASP D 200 -27.00 -8.83 7.00
N LYS D 201 -26.40 -9.97 7.35
CA LYS D 201 -25.04 -10.26 6.92
C LYS D 201 -24.92 -10.50 5.43
N LYS D 202 -26.01 -10.87 4.75
CA LYS D 202 -25.99 -11.02 3.30
C LYS D 202 -26.98 -10.05 2.66
N PHE D 203 -26.81 -8.77 2.96
CA PHE D 203 -27.71 -7.72 2.50
C PHE D 203 -27.24 -7.17 1.16
N ASN D 204 -28.18 -6.85 0.28
CA ASN D 204 -27.86 -6.41 -1.07
C ASN D 204 -27.64 -4.91 -1.16
N GLY D 205 -28.23 -4.12 -0.25
CA GLY D 205 -28.22 -2.67 -0.33
C GLY D 205 -29.60 -2.08 -0.52
N THR D 206 -30.51 -2.84 -1.14
CA THR D 206 -31.89 -2.44 -1.34
C THR D 206 -32.81 -3.58 -0.92
N GLY D 207 -34.09 -3.25 -0.75
CA GLY D 207 -35.08 -4.25 -0.43
C GLY D 207 -35.35 -4.36 1.05
N PRO D 208 -36.27 -5.25 1.42
CA PRO D 208 -36.65 -5.39 2.84
C PRO D 208 -35.56 -6.10 3.63
N CYS D 209 -35.05 -5.42 4.65
CA CYS D 209 -34.03 -6.01 5.52
C CYS D 209 -34.70 -6.65 6.73
N PRO D 210 -34.52 -7.95 6.96
CA PRO D 210 -35.28 -8.61 8.04
C PRO D 210 -34.81 -8.22 9.43
N SER D 211 -33.50 -8.14 9.66
CA SER D 211 -32.95 -7.80 10.97
C SER D 211 -32.58 -6.31 10.97
N VAL D 212 -33.20 -5.55 11.87
CA VAL D 212 -33.01 -4.11 11.94
C VAL D 212 -32.74 -3.73 13.39
N SER D 213 -31.81 -2.80 13.60
CA SER D 213 -31.56 -2.20 14.89
C SER D 213 -31.43 -0.69 14.72
N THR D 214 -31.65 0.05 15.80
CA THR D 214 -31.57 1.50 15.80
C THR D 214 -30.35 1.96 16.60
N VAL D 215 -29.69 3.00 16.10
CA VAL D 215 -28.52 3.58 16.74
C VAL D 215 -28.63 5.09 16.69
N GLN D 216 -28.01 5.76 17.67
CA GLN D 216 -27.98 7.21 17.65
C GLN D 216 -26.92 7.72 16.68
N CYS D 217 -25.79 7.02 16.58
CA CYS D 217 -24.70 7.40 15.70
C CYS D 217 -24.21 6.19 14.93
N THR D 218 -23.74 6.43 13.71
CA THR D 218 -23.15 5.35 12.93
C THR D 218 -21.79 4.97 13.50
N HIS D 219 -21.24 3.87 12.99
CA HIS D 219 -19.92 3.43 13.40
C HIS D 219 -18.86 4.40 12.88
N GLY D 220 -17.61 4.16 13.28
CA GLY D 220 -16.51 4.96 12.80
C GLY D 220 -16.31 4.81 11.30
N ILE D 221 -16.35 5.93 10.57
CA ILE D 221 -16.24 5.93 9.12
C ILE D 221 -15.07 6.83 8.76
N LYS D 222 -13.94 6.24 8.39
CA LYS D 222 -12.81 7.02 7.93
C LYS D 222 -13.12 7.63 6.57
N PRO D 223 -12.99 8.94 6.40
CA PRO D 223 -13.26 9.57 5.10
C PRO D 223 -12.11 9.40 4.12
N VAL D 224 -11.78 8.15 3.81
CA VAL D 224 -10.72 7.85 2.85
C VAL D 224 -11.27 8.00 1.43
N VAL D 225 -10.55 8.77 0.61
CA VAL D 225 -10.93 8.99 -0.78
C VAL D 225 -9.90 8.29 -1.64
N SER D 226 -10.23 7.10 -2.12
CA SER D 226 -9.37 6.33 -3.00
C SER D 226 -10.08 6.10 -4.33
N THR D 227 -9.45 5.30 -5.19
CA THR D 227 -10.00 4.98 -6.50
C THR D 227 -9.75 3.50 -6.79
N GLN D 228 -10.69 2.89 -7.50
CA GLN D 228 -10.60 1.49 -7.93
C GLN D 228 -10.57 0.53 -6.74
N LEU D 229 -9.69 0.79 -5.77
CA LEU D 229 -9.53 -0.06 -4.61
C LEU D 229 -10.01 0.70 -3.37
N LEU D 230 -10.91 0.07 -2.61
CA LEU D 230 -11.45 0.67 -1.40
C LEU D 230 -10.56 0.32 -0.22
N LEU D 231 -9.94 1.33 0.38
CA LEU D 231 -8.91 1.16 1.38
C LEU D 231 -9.45 1.40 2.79
N ASN D 232 -8.95 0.61 3.75
CA ASN D 232 -9.21 0.83 5.17
C ASN D 232 -10.69 0.84 5.50
N GLY D 233 -11.50 0.09 4.75
CA GLY D 233 -12.93 0.09 4.93
C GLY D 233 -13.43 -1.06 5.80
N SER D 234 -14.75 -1.14 5.91
CA SER D 234 -15.40 -2.18 6.68
C SER D 234 -15.59 -3.43 5.82
N LEU D 235 -15.55 -4.59 6.48
CA LEU D 235 -15.56 -5.88 5.81
C LEU D 235 -16.92 -6.55 5.95
N ALA D 236 -17.20 -7.44 5.01
CA ALA D 236 -18.37 -8.29 5.10
C ALA D 236 -18.12 -9.42 6.10
N GLU D 237 -19.21 -9.94 6.67
CA GLU D 237 -19.10 -11.05 7.61
C GLU D 237 -19.30 -12.40 6.94
N GLU D 238 -20.04 -12.43 5.83
CA GLU D 238 -20.29 -13.67 5.08
C GLU D 238 -20.10 -13.40 3.60
N GLU D 239 -19.45 -14.34 2.92
CA GLU D 239 -19.22 -14.27 1.47
C GLU D 239 -18.55 -12.95 1.10
N VAL D 240 -18.72 -12.51 -0.14
CA VAL D 240 -18.22 -11.22 -0.61
C VAL D 240 -19.30 -10.56 -1.44
N MET D 241 -20.06 -9.65 -0.84
CA MET D 241 -21.25 -9.11 -1.49
C MET D 241 -20.88 -8.26 -2.70
N ILE D 242 -21.87 -8.06 -3.56
CA ILE D 242 -21.76 -7.24 -4.76
C ILE D 242 -23.00 -6.37 -4.85
N ARG D 243 -22.82 -5.07 -5.03
CA ARG D 243 -23.91 -4.10 -4.96
C ARG D 243 -23.89 -3.19 -6.17
N SER D 244 -25.00 -3.16 -6.90
CA SER D 244 -25.23 -2.18 -7.96
C SER D 244 -26.73 -2.00 -8.10
N GLU D 245 -27.15 -0.79 -8.44
CA GLU D 245 -28.58 -0.50 -8.51
C GLU D 245 -29.23 -1.23 -9.67
N ASN D 246 -28.62 -1.20 -10.85
CA ASN D 246 -29.07 -2.00 -11.99
C ASN D 246 -27.84 -2.77 -12.48
N ILE D 247 -27.65 -3.98 -11.94
CA ILE D 247 -26.48 -4.78 -12.30
C ILE D 247 -26.53 -5.16 -13.78
N THR D 248 -27.73 -5.35 -14.32
CA THR D 248 -27.85 -5.63 -15.75
C THR D 248 -27.47 -4.43 -16.61
N ASN D 249 -27.38 -3.24 -16.01
CA ASN D 249 -26.91 -2.05 -16.72
C ASN D 249 -25.39 -1.97 -16.59
N ASN D 250 -24.71 -1.83 -17.73
CA ASN D 250 -23.26 -1.78 -17.75
C ASN D 250 -22.70 -0.44 -17.29
N ALA D 251 -23.53 0.59 -17.20
CA ALA D 251 -23.08 1.93 -16.84
C ALA D 251 -23.28 2.24 -15.37
N LYS D 252 -23.59 1.24 -14.55
CA LYS D 252 -23.74 1.42 -13.11
C LYS D 252 -22.58 0.72 -12.41
N ASN D 253 -21.80 1.49 -11.65
CA ASN D 253 -20.58 0.98 -11.04
C ASN D 253 -20.89 -0.13 -10.04
N ILE D 254 -20.15 -1.23 -10.14
CA ILE D 254 -20.27 -2.35 -9.21
C ILE D 254 -19.36 -2.08 -8.02
N LEU D 255 -19.92 -2.18 -6.81
CA LEU D 255 -19.20 -1.91 -5.57
C LEU D 255 -19.09 -3.22 -4.79
N VAL D 256 -18.01 -3.97 -5.04
CA VAL D 256 -17.78 -5.20 -4.30
C VAL D 256 -17.15 -4.89 -2.95
N GLN D 257 -17.33 -5.82 -2.01
CA GLN D 257 -16.88 -5.62 -0.63
C GLN D 257 -16.40 -6.96 -0.10
N PHE D 258 -15.09 -7.07 0.15
CA PHE D 258 -14.52 -8.33 0.61
C PHE D 258 -14.95 -8.64 2.05
N ASN D 259 -14.75 -9.89 2.44
CA ASN D 259 -14.83 -10.30 3.84
C ASN D 259 -13.46 -10.51 4.46
N THR D 260 -12.44 -10.74 3.63
CA THR D 260 -11.06 -10.82 4.09
C THR D 260 -10.29 -9.62 3.56
N PRO D 261 -9.49 -8.96 4.41
CA PRO D 261 -8.71 -7.81 3.95
C PRO D 261 -7.44 -8.27 3.25
N VAL D 262 -7.28 -7.87 2.00
CA VAL D 262 -6.07 -8.17 1.24
C VAL D 262 -5.10 -7.00 1.42
N GLN D 263 -4.04 -7.24 2.18
CA GLN D 263 -3.16 -6.17 2.61
C GLN D 263 -2.36 -5.60 1.45
N ILE D 264 -2.10 -4.30 1.49
CA ILE D 264 -1.30 -3.61 0.50
C ILE D 264 -0.25 -2.77 1.23
N ASN D 265 0.97 -2.75 0.69
CA ASN D 265 2.09 -2.02 1.26
C ASN D 265 2.61 -1.02 0.23
N CYS D 266 2.39 0.26 0.49
CA CYS D 266 2.81 1.32 -0.42
C CYS D 266 3.95 2.10 0.21
N THR D 267 4.81 2.67 -0.65
CA THR D 267 5.94 3.44 -0.16
C THR D 267 6.44 4.38 -1.24
N ARG D 268 6.93 5.54 -0.80
CA ARG D 268 7.76 6.41 -1.61
C ARG D 268 9.15 6.43 -0.98
N PRO D 269 10.10 5.65 -1.51
CA PRO D 269 11.37 5.46 -0.80
C PRO D 269 12.32 6.64 -0.86
N ASN D 270 12.05 7.65 -1.68
CA ASN D 270 12.94 8.80 -1.76
C ASN D 270 12.89 9.60 -0.46
N ASN D 271 14.06 9.91 0.09
CA ASN D 271 14.17 10.69 1.32
C ASN D 271 14.22 12.16 0.93
N ASN D 272 13.05 12.80 0.89
CA ASN D 272 12.93 14.16 0.40
C ASN D 272 13.31 15.18 1.46
N THR D 273 13.47 16.43 1.01
CA THR D 273 13.75 17.56 1.88
C THR D 273 12.83 18.71 1.51
N ARG D 274 12.30 19.38 2.53
CA ARG D 274 11.40 20.51 2.34
C ARG D 274 12.16 21.80 2.59
N LYS D 275 12.26 22.64 1.56
CA LYS D 275 12.98 23.91 1.63
C LYS D 275 11.95 25.03 1.62
N SER D 276 11.81 25.72 2.75
CA SER D 276 10.88 26.85 2.82
C SER D 276 11.40 28.00 1.98
N ILE D 277 10.51 28.60 1.20
CA ILE D 277 10.83 29.72 0.33
C ILE D 277 9.81 30.81 0.61
N ARG D 278 10.27 31.93 1.14
CA ARG D 278 9.35 33.03 1.42
C ARG D 278 9.01 33.78 0.13
N ILE D 279 7.75 33.69 -0.27
CA ILE D 279 7.25 34.39 -1.45
C ILE D 279 6.67 35.73 -1.10
N GLY D 280 6.80 36.15 0.16
CA GLY D 280 6.26 37.42 0.58
C GLY D 280 6.15 37.55 2.10
N PRO D 281 5.68 38.70 2.57
CA PRO D 281 5.50 38.89 4.01
C PRO D 281 4.51 37.91 4.63
N GLY D 282 5.02 36.94 5.39
CA GLY D 282 4.21 35.90 5.99
C GLY D 282 4.00 34.68 5.11
N GLN D 283 3.97 34.88 3.80
CA GLN D 283 3.76 33.77 2.87
C GLN D 283 5.05 32.99 2.66
N ALA D 284 4.97 31.67 2.77
CA ALA D 284 6.13 30.80 2.59
C ALA D 284 5.72 29.60 1.76
N PHE D 285 6.32 29.45 0.59
CA PHE D 285 6.09 28.30 -0.27
C PHE D 285 7.12 27.22 0.05
N TYR D 286 6.63 26.02 0.33
CA TYR D 286 7.48 24.89 0.72
C TYR D 286 7.86 24.12 -0.53
N ALA D 287 9.10 24.25 -0.96
CA ALA D 287 9.60 23.58 -2.14
C ALA D 287 10.25 22.25 -1.76
N THR D 288 10.53 21.44 -2.78
CA THR D 288 11.24 20.17 -2.59
C THR D 288 12.72 20.43 -2.78
N GLY D 289 13.46 20.50 -1.68
CA GLY D 289 14.88 20.81 -1.71
C GLY D 289 15.69 19.89 -2.60
N ASP D 290 16.04 18.71 -2.08
CA ASP D 290 16.73 17.70 -2.87
C ASP D 290 16.33 16.33 -2.32
N ILE D 291 17.03 15.29 -2.77
CA ILE D 291 16.76 13.93 -2.35
C ILE D 291 18.03 13.38 -1.70
N ILE D 292 17.94 13.07 -0.41
CA ILE D 292 19.05 12.43 0.30
C ILE D 292 19.03 10.95 -0.04
N GLY D 293 20.15 10.44 -0.53
CA GLY D 293 20.26 9.04 -0.87
C GLY D 293 19.84 8.71 -2.29
N ASP D 294 19.30 7.51 -2.49
CA ASP D 294 18.97 7.04 -3.82
C ASP D 294 17.67 7.67 -4.32
N ILE D 295 17.60 7.88 -5.63
CA ILE D 295 16.39 8.32 -6.29
C ILE D 295 15.70 7.06 -6.81
N ARG D 296 14.75 6.55 -6.04
CA ARG D 296 14.07 5.31 -6.36
C ARG D 296 12.66 5.58 -6.89
N GLN D 297 11.88 4.52 -7.06
CA GLN D 297 10.54 4.59 -7.62
C GLN D 297 9.52 4.21 -6.56
N ALA D 298 8.47 5.02 -6.44
CA ALA D 298 7.39 4.72 -5.51
C ALA D 298 6.54 3.58 -6.06
N HIS D 299 6.11 2.69 -5.16
CA HIS D 299 5.38 1.49 -5.59
C HIS D 299 4.56 0.97 -4.41
N CYS D 300 3.75 -0.05 -4.72
CA CYS D 300 2.94 -0.74 -3.73
C CYS D 300 3.06 -2.25 -3.93
N ASN D 301 3.07 -2.99 -2.83
CA ASN D 301 3.06 -4.44 -2.87
C ASN D 301 1.71 -4.97 -2.39
N VAL D 302 1.29 -6.07 -2.99
CA VAL D 302 0.11 -6.80 -2.55
C VAL D 302 0.38 -8.28 -2.78
N SER D 303 0.14 -9.09 -1.74
CA SER D 303 0.43 -10.52 -1.82
C SER D 303 -0.30 -11.15 -3.00
N LYS D 304 0.47 -11.68 -3.96
CA LYS D 304 -0.12 -12.31 -5.14
C LYS D 304 -1.05 -13.46 -4.75
N ALA D 305 -0.73 -14.19 -3.68
CA ALA D 305 -1.57 -15.29 -3.25
C ALA D 305 -2.91 -14.78 -2.72
N THR D 306 -2.88 -13.81 -1.81
CA THR D 306 -4.12 -13.30 -1.23
C THR D 306 -4.95 -12.57 -2.28
N TRP D 307 -4.29 -11.84 -3.19
CA TRP D 307 -5.04 -11.15 -4.24
C TRP D 307 -5.66 -12.12 -5.23
N ASN D 308 -4.97 -13.23 -5.52
CA ASN D 308 -5.55 -14.24 -6.41
C ASN D 308 -6.72 -14.94 -5.73
N GLU D 309 -6.58 -15.25 -4.44
CA GLU D 309 -7.67 -15.86 -3.69
C GLU D 309 -8.88 -14.93 -3.60
N THR D 310 -8.63 -13.66 -3.27
CA THR D 310 -9.74 -12.71 -3.11
C THR D 310 -10.33 -12.33 -4.46
N LEU D 311 -9.54 -12.38 -5.53
CA LEU D 311 -10.09 -12.12 -6.86
C LEU D 311 -10.96 -13.27 -7.34
N GLY D 312 -10.78 -14.46 -6.81
CA GLY D 312 -11.62 -15.60 -7.15
C GLY D 312 -12.97 -15.54 -6.47
N LYS D 313 -12.99 -15.03 -5.22
CA LYS D 313 -14.26 -14.87 -4.52
C LYS D 313 -15.17 -13.90 -5.25
N VAL D 314 -14.61 -12.81 -5.79
CA VAL D 314 -15.41 -11.88 -6.58
C VAL D 314 -15.94 -12.58 -7.83
N VAL D 315 -15.14 -13.48 -8.41
CA VAL D 315 -15.59 -14.22 -9.59
C VAL D 315 -16.79 -15.10 -9.25
N LYS D 316 -16.74 -15.80 -8.11
CA LYS D 316 -17.84 -16.66 -7.72
C LYS D 316 -19.12 -15.86 -7.52
N GLN D 317 -19.04 -14.75 -6.80
CA GLN D 317 -20.21 -13.90 -6.58
C GLN D 317 -20.65 -13.19 -7.85
N LEU D 318 -19.75 -13.01 -8.81
CA LEU D 318 -20.15 -12.48 -10.12
C LEU D 318 -20.84 -13.52 -10.98
N ARG D 319 -20.60 -14.81 -10.72
CA ARG D 319 -21.29 -15.85 -11.47
C ARG D 319 -22.78 -15.88 -11.17
N LYS D 320 -23.18 -15.45 -9.98
CA LYS D 320 -24.59 -15.48 -9.58
C LYS D 320 -25.43 -14.51 -10.40
N HIS D 321 -24.82 -13.51 -11.02
CA HIS D 321 -25.54 -12.54 -11.83
C HIS D 321 -25.34 -12.74 -13.32
N PHE D 322 -24.49 -13.70 -13.73
CA PHE D 322 -24.23 -13.93 -15.14
C PHE D 322 -24.17 -15.39 -15.53
N GLY D 323 -24.40 -16.32 -14.59
CA GLY D 323 -24.46 -17.73 -14.93
C GLY D 323 -23.23 -18.51 -14.53
N ASN D 324 -23.43 -19.78 -14.12
CA ASN D 324 -22.32 -20.65 -13.78
C ASN D 324 -21.45 -20.98 -14.98
N ASN D 325 -21.96 -20.82 -16.20
CA ASN D 325 -21.25 -21.24 -17.39
C ASN D 325 -20.44 -20.12 -18.04
N THR D 326 -20.81 -18.87 -17.81
CA THR D 326 -20.15 -17.76 -18.50
C THR D 326 -18.72 -17.57 -18.00
N ILE D 327 -17.93 -16.86 -18.79
CA ILE D 327 -16.55 -16.56 -18.47
C ILE D 327 -16.41 -15.05 -18.30
N ILE D 328 -15.86 -14.63 -17.17
CA ILE D 328 -15.63 -13.21 -16.89
C ILE D 328 -14.13 -12.94 -16.93
N ARG D 329 -13.78 -11.72 -17.32
CA ARG D 329 -12.39 -11.33 -17.53
C ARG D 329 -12.13 -9.98 -16.87
N PHE D 330 -10.94 -9.82 -16.29
CA PHE D 330 -10.52 -8.57 -15.68
C PHE D 330 -9.50 -7.89 -16.60
N ALA D 331 -9.81 -6.67 -17.01
CA ALA D 331 -8.90 -5.84 -17.80
C ALA D 331 -8.67 -4.53 -17.07
N ASN D 332 -7.61 -3.82 -17.47
CA ASN D 332 -7.27 -2.58 -16.81
C ASN D 332 -8.18 -1.45 -17.30
N SER D 333 -7.98 -0.26 -16.75
CA SER D 333 -8.87 0.87 -17.05
C SER D 333 -8.81 1.22 -18.53
N SER D 334 -9.97 1.59 -19.07
CA SER D 334 -10.13 1.85 -20.50
C SER D 334 -9.92 3.32 -20.87
N GLY D 335 -9.32 4.10 -20.00
CA GLY D 335 -9.03 5.50 -20.28
C GLY D 335 -9.75 6.42 -19.32
N GLY D 336 -9.50 7.71 -19.53
CA GLY D 336 -10.06 8.74 -18.66
C GLY D 336 -8.99 9.58 -18.00
N ASP D 337 -9.37 10.33 -16.96
CA ASP D 337 -8.40 11.15 -16.25
C ASP D 337 -7.43 10.27 -15.46
N LEU D 338 -6.36 10.91 -14.97
CA LEU D 338 -5.32 10.17 -14.26
C LEU D 338 -5.83 9.60 -12.95
N GLU D 339 -6.71 10.33 -12.25
CA GLU D 339 -7.20 9.88 -10.97
C GLU D 339 -8.09 8.64 -11.09
N VAL D 340 -8.66 8.39 -12.27
CA VAL D 340 -9.60 7.28 -12.44
C VAL D 340 -8.98 6.07 -13.14
N THR D 341 -7.91 6.27 -13.92
CA THR D 341 -7.24 5.15 -14.58
C THR D 341 -6.25 4.43 -13.66
N THR D 342 -5.96 5.01 -12.49
CA THR D 342 -4.98 4.45 -11.57
C THR D 342 -5.58 4.35 -10.18
N HIS D 343 -4.94 3.53 -9.34
CA HIS D 343 -5.30 3.44 -7.92
C HIS D 343 -4.74 4.68 -7.23
N SER D 344 -5.44 5.80 -7.42
CA SER D 344 -5.04 7.05 -6.78
C SER D 344 -5.58 7.10 -5.36
N PHE D 345 -4.77 7.63 -4.45
CA PHE D 345 -5.12 7.69 -3.03
C PHE D 345 -4.10 8.61 -2.36
N ASN D 346 -4.16 8.66 -1.03
CA ASN D 346 -3.25 9.48 -0.22
C ASN D 346 -2.58 8.59 0.81
N CYS D 347 -1.26 8.70 0.92
CA CYS D 347 -0.46 7.86 1.81
C CYS D 347 0.57 8.75 2.49
N GLY D 348 0.30 9.13 3.74
CA GLY D 348 1.22 9.95 4.51
C GLY D 348 1.37 11.37 4.04
N GLY D 349 0.49 11.85 3.15
CA GLY D 349 0.58 13.22 2.68
C GLY D 349 0.74 13.33 1.18
N GLU D 350 1.60 12.49 0.60
CA GLU D 350 1.79 12.49 -0.84
C GLU D 350 0.68 11.68 -1.52
N PHE D 351 0.32 12.10 -2.72
CA PHE D 351 -0.79 11.52 -3.45
C PHE D 351 -0.26 10.57 -4.52
N PHE D 352 -0.39 9.27 -4.25
CA PHE D 352 0.08 8.23 -5.14
C PHE D 352 -0.90 8.02 -6.29
N TYR D 353 -0.38 7.52 -7.41
CA TYR D 353 -1.17 7.20 -8.60
C TYR D 353 -0.61 5.89 -9.16
N CYS D 354 -1.19 4.77 -8.72
CA CYS D 354 -0.62 3.45 -8.93
C CYS D 354 -1.25 2.78 -10.14
N ASN D 355 -0.40 2.39 -11.09
CA ASN D 355 -0.82 1.57 -12.21
C ASN D 355 -1.31 0.21 -11.72
N THR D 356 -2.52 -0.17 -12.15
CA THR D 356 -3.16 -1.39 -11.67
C THR D 356 -3.32 -2.45 -12.76
N SER D 357 -2.54 -2.38 -13.83
CA SER D 357 -2.63 -3.40 -14.87
C SER D 357 -2.24 -4.77 -14.33
N GLY D 358 -1.37 -4.82 -13.33
CA GLY D 358 -0.98 -6.05 -12.70
C GLY D 358 -1.98 -6.66 -11.74
N LEU D 359 -3.10 -5.97 -11.51
CA LEU D 359 -4.17 -6.48 -10.65
C LEU D 359 -5.42 -6.89 -11.40
N PHE D 360 -5.64 -6.34 -12.60
CA PHE D 360 -6.81 -6.64 -13.42
C PHE D 360 -6.32 -7.10 -14.79
N ASN D 361 -5.69 -8.28 -14.82
CA ASN D 361 -5.14 -8.90 -16.02
C ASN D 361 -5.31 -10.41 -15.85
N SER D 362 -6.57 -10.85 -15.83
CA SER D 362 -6.87 -12.25 -15.54
C SER D 362 -8.20 -12.62 -16.14
N THR D 363 -8.24 -13.75 -16.84
CA THR D 363 -9.47 -14.35 -17.34
C THR D 363 -9.74 -15.64 -16.57
N TRP D 364 -11.00 -15.88 -16.24
CA TRP D 364 -11.40 -16.99 -15.39
C TRP D 364 -12.34 -17.91 -16.14
N ILE D 365 -12.09 -19.21 -16.05
CA ILE D 365 -12.84 -20.23 -16.78
C ILE D 365 -14.18 -20.47 -16.07
N SER D 366 -15.05 -21.25 -16.70
CA SER D 366 -16.38 -21.50 -16.13
C SER D 366 -16.30 -22.23 -14.79
N ASN D 367 -15.29 -23.07 -14.60
CA ASN D 367 -15.13 -23.80 -13.36
C ASN D 367 -13.70 -24.29 -13.19
N GLY D 377 2.63 -18.31 -8.01
CA GLY D 377 3.20 -17.47 -6.97
C GLY D 377 3.42 -18.20 -5.66
N SER D 378 2.50 -18.00 -4.71
CA SER D 378 2.52 -18.62 -3.38
C SER D 378 3.74 -18.22 -2.56
N ASN D 379 4.55 -17.28 -3.04
CA ASN D 379 5.74 -16.86 -2.31
C ASN D 379 5.98 -15.36 -2.46
N ASP D 380 6.00 -14.88 -3.70
CA ASP D 380 6.24 -13.48 -3.96
C ASP D 380 4.93 -12.70 -4.07
N SER D 381 5.04 -11.39 -4.24
CA SER D 381 3.90 -10.51 -4.41
C SER D 381 3.97 -9.83 -5.77
N ILE D 382 2.91 -9.10 -6.11
CA ILE D 382 2.84 -8.32 -7.34
C ILE D 382 2.98 -6.85 -6.97
N THR D 383 3.97 -6.19 -7.54
CA THR D 383 4.25 -4.80 -7.23
C THR D 383 3.50 -3.87 -8.19
N LEU D 384 3.24 -2.66 -7.72
CA LEU D 384 2.46 -1.68 -8.48
C LEU D 384 3.27 -0.41 -8.72
N PRO D 385 3.67 -0.12 -9.96
CA PRO D 385 4.41 1.12 -10.21
C PRO D 385 3.55 2.35 -10.04
N CYS D 386 3.83 3.16 -9.03
CA CYS D 386 3.05 4.35 -8.71
C CYS D 386 3.81 5.61 -9.07
N ARG D 387 3.13 6.55 -9.69
CA ARG D 387 3.64 7.90 -9.89
C ARG D 387 3.06 8.82 -8.82
N ILE D 388 3.63 10.01 -8.71
CA ILE D 388 3.28 10.94 -7.64
C ILE D 388 3.02 12.32 -8.22
N LYS D 389 1.95 12.94 -7.76
CA LYS D 389 1.56 14.30 -8.14
C LYS D 389 1.63 15.20 -6.91
N GLN D 390 1.76 16.50 -7.16
CA GLN D 390 1.67 17.50 -6.11
C GLN D 390 0.55 18.51 -6.34
N ILE D 391 0.35 18.92 -7.59
CA ILE D 391 -0.74 19.85 -7.92
C ILE D 391 -1.93 18.98 -8.33
N ILE D 392 -2.71 18.56 -7.35
CA ILE D 392 -3.88 17.72 -7.59
C ILE D 392 -5.10 18.63 -7.76
N ASN D 393 -5.85 18.39 -8.83
CA ASN D 393 -6.99 19.23 -9.15
C ASN D 393 -8.22 18.79 -8.35
N MET D 394 -9.23 19.66 -8.36
CA MET D 394 -10.46 19.42 -7.63
C MET D 394 -11.35 18.45 -8.39
N TRP D 395 -12.10 17.65 -7.65
CA TRP D 395 -12.94 16.60 -8.25
C TRP D 395 -14.32 17.08 -8.65
N GLN D 396 -14.73 18.27 -8.25
CA GLN D 396 -16.07 18.75 -8.58
C GLN D 396 -16.01 19.93 -9.54
N ARG D 397 -15.75 21.13 -9.02
CA ARG D 397 -15.69 22.32 -9.85
C ARG D 397 -14.33 22.42 -10.53
N ILE D 398 -14.30 23.22 -11.60
CA ILE D 398 -13.07 23.51 -12.33
C ILE D 398 -12.63 24.93 -11.98
N GLY D 399 -11.33 25.17 -12.13
CA GLY D 399 -10.76 26.43 -11.72
C GLY D 399 -10.18 26.42 -10.33
N GLN D 400 -9.95 25.24 -9.74
CA GLN D 400 -9.46 25.13 -8.38
C GLN D 400 -8.61 23.89 -8.26
N ALA D 401 -7.50 24.00 -7.53
CA ALA D 401 -6.58 22.89 -7.32
C ALA D 401 -5.76 23.15 -6.08
N MET D 402 -5.15 22.09 -5.57
CA MET D 402 -4.37 22.13 -4.33
C MET D 402 -2.94 21.68 -4.61
N TYR D 403 -2.00 22.33 -3.92
CA TYR D 403 -0.59 21.93 -3.95
C TYR D 403 -0.28 21.17 -2.67
N ALA D 404 -0.05 19.87 -2.79
CA ALA D 404 0.34 19.08 -1.64
C ALA D 404 1.79 19.37 -1.29
N PRO D 405 2.08 19.94 -0.12
CA PRO D 405 3.47 20.26 0.21
C PRO D 405 4.29 18.99 0.36
N PRO D 406 5.60 19.06 0.10
CA PRO D 406 6.41 17.84 0.13
C PRO D 406 6.59 17.32 1.54
N ILE D 407 6.52 16.00 1.69
CA ILE D 407 6.67 15.32 2.96
C ILE D 407 8.11 14.87 3.11
N GLN D 408 8.74 15.24 4.24
CA GLN D 408 10.11 14.88 4.49
C GLN D 408 10.21 13.44 5.02
N GLY D 409 11.36 12.82 4.76
CA GLY D 409 11.57 11.45 5.18
C GLY D 409 11.09 10.45 4.15
N VAL D 410 11.06 9.19 4.58
CA VAL D 410 10.58 8.09 3.76
C VAL D 410 9.14 7.79 4.15
N ILE D 411 8.27 7.65 3.14
CA ILE D 411 6.86 7.37 3.35
C ILE D 411 6.60 5.89 3.10
N ARG D 412 5.93 5.24 4.04
CA ARG D 412 5.49 3.86 3.83
C ARG D 412 4.27 3.62 4.73
N CYS D 413 3.12 3.43 4.10
CA CYS D 413 1.86 3.15 4.79
C CYS D 413 1.44 1.71 4.52
N VAL D 414 0.79 1.12 5.50
CA VAL D 414 0.25 -0.23 5.39
C VAL D 414 -1.26 -0.15 5.60
N SER D 415 -2.03 -0.61 4.62
CA SER D 415 -3.47 -0.48 4.65
C SER D 415 -4.14 -1.72 4.08
N ASN D 416 -5.41 -1.87 4.40
CA ASN D 416 -6.23 -2.97 3.91
C ASN D 416 -6.96 -2.56 2.64
N ILE D 417 -7.15 -3.50 1.73
CA ILE D 417 -8.04 -3.34 0.58
C ILE D 417 -9.29 -4.16 0.87
N THR D 418 -10.39 -3.47 1.15
CA THR D 418 -11.62 -4.13 1.57
C THR D 418 -12.67 -4.20 0.48
N GLY D 419 -12.47 -3.52 -0.64
CA GLY D 419 -13.45 -3.56 -1.71
C GLY D 419 -12.83 -3.07 -3.00
N LEU D 420 -13.68 -3.00 -4.04
CA LEU D 420 -13.26 -2.53 -5.35
C LEU D 420 -14.37 -1.66 -5.93
N ILE D 421 -14.07 -1.04 -7.07
CA ILE D 421 -15.07 -0.33 -7.87
C ILE D 421 -14.92 -0.77 -9.32
N LEU D 422 -15.68 -1.77 -9.73
CA LEU D 422 -15.53 -2.37 -11.05
C LEU D 422 -16.53 -1.76 -12.05
N THR D 423 -16.43 -2.20 -13.30
CA THR D 423 -17.32 -1.69 -14.35
C THR D 423 -17.38 -2.71 -15.48
N ARG D 424 -18.60 -3.10 -15.84
CA ARG D 424 -18.84 -4.02 -16.94
C ARG D 424 -18.99 -3.25 -18.26
N ASP D 425 -18.86 -3.97 -19.37
CA ASP D 425 -18.89 -3.37 -20.69
C ASP D 425 -20.05 -3.86 -21.55
N GLY D 426 -20.93 -4.68 -21.00
CA GLY D 426 -22.07 -5.18 -21.75
C GLY D 426 -21.80 -6.48 -22.48
N THR D 433 -16.64 -14.15 -21.71
CA THR D 433 -17.67 -13.38 -22.39
C THR D 433 -17.86 -12.01 -21.74
N GLU D 434 -17.85 -11.99 -20.41
CA GLU D 434 -17.96 -10.74 -19.67
C GLU D 434 -16.59 -10.19 -19.33
N THR D 435 -16.50 -8.86 -19.26
CA THR D 435 -15.26 -8.18 -18.95
C THR D 435 -15.51 -7.12 -17.89
N PHE D 436 -14.63 -7.05 -16.90
CA PHE D 436 -14.77 -6.12 -15.78
C PHE D 436 -13.48 -5.33 -15.63
N ARG D 437 -13.58 -4.01 -15.75
CA ARG D 437 -12.48 -3.08 -15.54
C ARG D 437 -12.84 -2.10 -14.44
N PRO D 438 -11.85 -1.56 -13.72
CA PRO D 438 -12.14 -0.71 -12.58
C PRO D 438 -12.19 0.78 -12.94
N GLY D 439 -12.58 1.58 -11.96
CA GLY D 439 -12.66 3.02 -12.15
C GLY D 439 -13.34 3.67 -10.95
N GLY D 440 -14.04 4.77 -11.23
CA GLY D 440 -14.84 5.42 -10.21
C GLY D 440 -14.26 6.72 -9.67
N GLY D 441 -14.38 7.79 -10.44
CA GLY D 441 -13.96 9.10 -9.98
C GLY D 441 -14.96 9.80 -9.08
N ASP D 442 -16.11 9.18 -8.82
CA ASP D 442 -17.12 9.79 -7.97
C ASP D 442 -16.79 9.56 -6.51
N MET D 443 -16.73 10.65 -5.73
CA MET D 443 -16.32 10.54 -4.34
C MET D 443 -17.40 9.89 -3.48
N ARG D 444 -18.66 10.01 -3.86
CA ARG D 444 -19.75 9.47 -3.05
C ARG D 444 -19.86 7.95 -3.15
N ASP D 445 -19.25 7.34 -4.17
CA ASP D 445 -19.22 5.88 -4.23
C ASP D 445 -18.41 5.29 -3.08
N ASN D 446 -17.41 6.03 -2.59
CA ASN D 446 -16.67 5.57 -1.42
C ASN D 446 -17.56 5.56 -0.18
N TRP D 447 -18.44 6.56 -0.04
CA TRP D 447 -19.29 6.64 1.13
C TRP D 447 -20.47 5.69 1.07
N ARG D 448 -20.89 5.28 -0.14
CA ARG D 448 -21.90 4.23 -0.25
C ARG D 448 -21.38 2.91 0.30
N SER D 449 -20.07 2.64 0.17
CA SER D 449 -19.48 1.41 0.66
C SER D 449 -19.49 1.31 2.18
N GLU D 450 -19.72 2.41 2.90
CA GLU D 450 -19.81 2.40 4.35
C GLU D 450 -21.17 2.80 4.90
N LEU D 451 -21.96 3.56 4.14
CA LEU D 451 -23.28 4.02 4.58
C LEU D 451 -24.42 3.21 3.99
N TYR D 452 -24.12 2.06 3.38
CA TYR D 452 -25.18 1.27 2.76
C TYR D 452 -26.12 0.67 3.79
N LYS D 453 -25.62 0.35 4.98
CA LYS D 453 -26.41 -0.31 6.01
C LYS D 453 -27.13 0.67 6.93
N TYR D 454 -27.11 1.97 6.62
CA TYR D 454 -27.73 2.97 7.47
C TYR D 454 -28.84 3.70 6.72
N LYS D 455 -29.78 4.23 7.50
CA LYS D 455 -30.97 4.88 6.97
C LYS D 455 -31.51 5.84 8.01
N VAL D 456 -31.96 7.00 7.57
CA VAL D 456 -32.42 8.06 8.46
C VAL D 456 -33.94 8.07 8.47
N VAL D 457 -34.53 8.06 9.67
CA VAL D 457 -35.97 8.13 9.86
C VAL D 457 -36.27 9.16 10.94
N LYS D 458 -37.49 9.70 10.90
CA LYS D 458 -37.96 10.64 11.90
C LYS D 458 -39.04 9.99 12.76
N ILE D 459 -38.99 10.24 14.05
CA ILE D 459 -39.97 9.70 14.98
C ILE D 459 -41.22 10.57 14.96
N GLU D 460 -42.38 9.93 14.98
CA GLU D 460 -43.67 10.62 15.04
C GLU D 460 -44.43 10.05 16.23
N PRO D 461 -44.13 10.53 17.44
CA PRO D 461 -44.62 9.88 18.66
C PRO D 461 -46.08 10.12 18.98
N LEU D 462 -46.87 10.70 18.07
CA LEU D 462 -48.29 10.92 18.29
C LEU D 462 -49.07 9.78 17.64
N GLY D 463 -49.92 9.13 18.43
CA GLY D 463 -50.74 8.04 17.93
C GLY D 463 -52.15 8.04 18.47
N VAL D 464 -53.13 8.14 17.58
CA VAL D 464 -54.54 8.10 17.94
C VAL D 464 -55.11 6.74 17.54
N ALA D 465 -55.90 6.15 18.42
CA ALA D 465 -56.44 4.82 18.21
C ALA D 465 -57.69 4.67 19.06
N PRO D 466 -58.60 3.78 18.68
CA PRO D 466 -59.86 3.62 19.44
C PRO D 466 -59.74 2.68 20.63
N THR D 467 -60.51 3.01 21.66
CA THR D 467 -60.73 2.14 22.81
C THR D 467 -61.96 2.64 23.53
N ARG D 468 -62.47 1.83 24.44
CA ARG D 468 -63.70 2.17 25.18
C ARG D 468 -63.40 3.02 26.41
N CYS D 469 -62.64 4.10 26.21
CA CYS D 469 -62.30 5.04 27.26
C CYS D 469 -62.79 6.43 26.88
N LYS D 470 -63.27 7.18 27.87
CA LYS D 470 -63.86 8.49 27.64
C LYS D 470 -63.47 9.42 28.78
N ARG D 471 -63.18 10.68 28.42
CA ARG D 471 -62.78 11.67 29.40
C ARG D 471 -63.96 12.02 30.31
N ARG D 472 -63.62 12.53 31.50
CA ARG D 472 -64.61 12.91 32.51
C ARG D 472 -65.55 11.77 32.84
N GLN E 1 46.96 -18.15 -11.66
CA GLN E 1 46.42 -18.89 -12.79
C GLN E 1 46.30 -18.03 -14.03
N VAL E 2 46.05 -16.73 -13.84
CA VAL E 2 45.86 -15.79 -14.92
C VAL E 2 46.86 -14.66 -14.78
N GLN E 3 47.72 -14.49 -15.78
CA GLN E 3 48.68 -13.39 -15.83
C GLN E 3 48.60 -12.71 -17.18
N LEU E 4 48.93 -11.42 -17.20
CA LEU E 4 48.87 -10.59 -18.39
C LEU E 4 50.24 -9.99 -18.68
N GLN E 5 50.52 -9.81 -19.97
CA GLN E 5 51.80 -9.27 -20.41
C GLN E 5 51.57 -8.32 -21.58
N GLU E 6 51.96 -7.07 -21.41
CA GLU E 6 51.81 -6.08 -22.46
C GLU E 6 53.01 -6.14 -23.40
N SER E 7 52.88 -5.48 -24.56
CA SER E 7 53.93 -5.45 -25.56
C SER E 7 53.66 -4.28 -26.49
N GLY E 8 54.62 -3.36 -26.60
CA GLY E 8 54.45 -2.18 -27.42
C GLY E 8 55.71 -1.77 -28.15
N PRO E 9 55.61 -0.71 -28.96
CA PRO E 9 56.79 -0.27 -29.72
C PRO E 9 57.86 0.36 -28.85
N GLY E 10 57.47 1.09 -27.81
CA GLY E 10 58.40 1.83 -26.97
C GLY E 10 58.62 3.25 -27.44
N LEU E 11 58.63 3.47 -28.75
CA LEU E 11 58.78 4.79 -29.34
C LEU E 11 57.81 4.91 -30.51
N VAL E 12 57.05 5.99 -30.53
CA VAL E 12 56.10 6.29 -31.60
C VAL E 12 56.28 7.73 -32.01
N LYS E 13 56.36 8.00 -33.31
CA LYS E 13 56.50 9.35 -33.79
C LYS E 13 55.24 10.15 -33.51
N PRO E 14 55.36 11.47 -33.31
CA PRO E 14 54.16 12.29 -33.12
C PRO E 14 53.24 12.22 -34.34
N SER E 15 51.93 12.27 -34.07
CA SER E 15 50.90 12.16 -35.10
C SER E 15 51.03 10.82 -35.85
N GLU E 16 50.85 9.74 -35.09
CA GLU E 16 50.93 8.40 -35.64
C GLU E 16 50.14 7.46 -34.76
N THR E 17 49.71 6.34 -35.34
CA THR E 17 48.86 5.38 -34.65
C THR E 17 49.69 4.52 -33.70
N LEU E 18 49.53 4.74 -32.41
CA LEU E 18 50.11 3.85 -31.41
C LEU E 18 49.37 2.52 -31.43
N SER E 19 50.10 1.44 -31.13
CA SER E 19 49.52 0.10 -31.15
C SER E 19 50.19 -0.75 -30.08
N LEU E 20 49.38 -1.31 -29.18
CA LEU E 20 49.87 -2.22 -28.15
C LEU E 20 49.01 -3.48 -28.12
N THR E 21 49.58 -4.56 -27.60
CA THR E 21 48.89 -5.83 -27.46
C THR E 21 49.11 -6.37 -26.05
N CYS E 22 48.22 -7.26 -25.64
CA CYS E 22 48.21 -7.80 -24.28
C CYS E 22 47.80 -9.26 -24.34
N THR E 23 48.68 -10.15 -23.88
CA THR E 23 48.46 -11.59 -23.94
C THR E 23 48.00 -12.10 -22.58
N VAL E 24 46.91 -12.86 -22.57
CA VAL E 24 46.40 -13.49 -21.36
C VAL E 24 46.93 -14.91 -21.29
N SER E 25 47.36 -15.33 -20.10
CA SER E 25 47.95 -16.63 -19.89
C SER E 25 47.16 -17.38 -18.82
N GLY E 26 46.70 -18.58 -19.16
CA GLY E 26 45.99 -19.40 -18.20
C GLY E 26 44.49 -19.42 -18.38
N GLY E 27 43.91 -18.26 -18.68
CA GLY E 27 42.48 -18.13 -18.88
C GLY E 27 42.14 -17.71 -20.30
N SER E 28 40.86 -17.77 -20.62
CA SER E 28 40.36 -17.37 -21.93
C SER E 28 40.30 -15.85 -21.99
N ILE E 29 39.75 -15.31 -23.09
CA ILE E 29 39.73 -13.87 -23.30
C ILE E 29 38.33 -13.41 -23.65
N SER E 30 37.53 -14.27 -24.28
CA SER E 30 36.19 -13.92 -24.69
C SER E 30 35.14 -14.20 -23.63
N ASN E 31 35.56 -14.42 -22.37
CA ASN E 31 34.63 -14.64 -21.27
C ASN E 31 34.85 -13.68 -20.12
N TYR E 32 35.64 -12.62 -20.32
CA TYR E 32 35.92 -11.65 -19.28
C TYR E 32 35.95 -10.25 -19.89
N TYR E 33 36.00 -9.25 -19.00
CA TYR E 33 36.20 -7.86 -19.39
C TYR E 33 37.67 -7.50 -19.23
N TRP E 34 38.15 -6.63 -20.12
CA TRP E 34 39.54 -6.21 -20.12
C TRP E 34 39.61 -4.70 -20.24
N SER E 35 40.50 -4.09 -19.46
CA SER E 35 40.62 -2.63 -19.40
C SER E 35 42.04 -2.20 -19.71
N TRP E 36 42.16 -1.13 -20.50
CA TRP E 36 43.43 -0.47 -20.74
C TRP E 36 43.55 0.73 -19.81
N ILE E 37 44.66 0.80 -19.08
CA ILE E 37 44.93 1.89 -18.16
C ILE E 37 46.34 2.40 -18.41
N ARG E 38 46.49 3.72 -18.47
CA ARG E 38 47.79 4.35 -18.64
C ARG E 38 48.06 5.30 -17.49
N GLN E 39 49.34 5.57 -17.26
CA GLN E 39 49.79 6.42 -16.15
C GLN E 39 50.94 7.28 -16.63
N SER E 40 50.67 8.57 -16.87
CA SER E 40 51.65 9.52 -17.35
C SER E 40 52.43 10.11 -16.19
N PRO E 41 53.61 10.68 -16.45
CA PRO E 41 54.36 11.35 -15.37
C PRO E 41 53.64 12.61 -14.92
N GLY E 42 53.40 12.70 -13.61
CA GLY E 42 52.70 13.81 -13.02
C GLY E 42 51.19 13.66 -12.98
N LYS E 43 50.63 12.92 -13.92
CA LYS E 43 49.19 12.69 -13.98
C LYS E 43 48.86 11.30 -13.44
N GLY E 44 47.73 11.20 -12.75
CA GLY E 44 47.35 9.98 -12.09
C GLY E 44 46.92 8.90 -13.08
N LEU E 45 46.46 7.79 -12.51
CA LEU E 45 45.94 6.68 -13.31
C LEU E 45 44.73 7.14 -14.11
N GLU E 46 44.77 6.89 -15.42
CA GLU E 46 43.69 7.27 -16.32
C GLU E 46 43.12 6.03 -16.99
N TRP E 47 41.81 5.86 -16.89
CA TRP E 47 41.12 4.72 -17.50
C TRP E 47 40.89 5.03 -18.98
N ILE E 48 41.47 4.21 -19.86
CA ILE E 48 41.36 4.44 -21.30
C ILE E 48 40.03 3.90 -21.82
N GLY E 49 39.71 2.65 -21.49
CA GLY E 49 38.48 2.05 -21.97
C GLY E 49 38.42 0.60 -21.52
N TYR E 50 37.44 -0.11 -22.07
CA TYR E 50 37.31 -1.52 -21.74
C TYR E 50 36.48 -2.22 -22.81
N ILE E 51 36.61 -3.55 -22.85
CA ILE E 51 35.87 -4.39 -23.78
C ILE E 51 35.24 -5.52 -22.99
N SER E 52 34.08 -5.97 -23.46
CA SER E 52 33.28 -6.96 -22.74
C SER E 52 33.69 -8.38 -23.13
N ASP E 53 33.01 -9.36 -22.54
CA ASP E 53 33.17 -10.74 -22.99
C ASP E 53 32.55 -10.96 -24.36
N SER E 54 31.42 -10.28 -24.62
CA SER E 54 30.80 -10.27 -25.94
C SER E 54 31.50 -9.33 -26.90
N GLU E 55 32.67 -8.81 -26.53
CA GLU E 55 33.50 -7.97 -27.40
C GLU E 55 32.78 -6.66 -27.74
N SER E 56 32.09 -6.09 -26.77
CA SER E 56 31.50 -4.77 -26.89
C SER E 56 32.42 -3.74 -26.25
N THR E 57 32.62 -2.62 -26.94
CA THR E 57 33.62 -1.63 -26.55
C THR E 57 32.97 -0.37 -26.02
N ASN E 58 33.64 0.25 -25.05
CA ASN E 58 33.20 1.51 -24.46
C ASN E 58 34.43 2.31 -24.08
N TYR E 59 34.55 3.52 -24.61
CA TYR E 59 35.77 4.31 -24.48
C TYR E 59 35.56 5.48 -23.52
N ASN E 60 36.64 5.87 -22.85
CA ASN E 60 36.63 7.07 -22.03
C ASN E 60 36.40 8.29 -22.92
N PRO E 61 35.44 9.16 -22.59
CA PRO E 61 35.23 10.37 -23.41
C PRO E 61 36.44 11.29 -23.45
N SER E 62 37.44 11.10 -22.59
CA SER E 62 38.64 11.93 -22.65
C SER E 62 39.43 11.65 -23.92
N LEU E 63 39.48 10.38 -24.34
CA LEU E 63 40.18 9.99 -25.56
C LEU E 63 39.29 9.16 -26.48
N LYS E 64 37.97 9.30 -26.35
CA LYS E 64 37.04 8.53 -27.19
C LYS E 64 37.24 8.82 -28.67
N SER E 65 37.60 10.05 -29.02
CA SER E 65 37.71 10.47 -30.42
C SER E 65 38.90 9.87 -31.15
N ARG E 66 39.68 8.98 -30.51
CA ARG E 66 40.88 8.48 -31.21
C ARG E 66 41.41 7.17 -30.63
N VAL E 67 40.60 6.35 -29.96
CA VAL E 67 41.04 5.09 -29.39
C VAL E 67 40.18 3.98 -29.96
N ILE E 68 40.81 2.89 -30.38
CA ILE E 68 40.11 1.71 -30.88
C ILE E 68 40.67 0.49 -30.17
N ILE E 69 39.83 -0.18 -29.38
CA ILE E 69 40.21 -1.37 -28.63
C ILE E 69 39.65 -2.59 -29.35
N SER E 70 40.46 -3.63 -29.46
CA SER E 70 40.04 -4.84 -30.16
C SER E 70 40.34 -6.08 -29.34
N VAL E 71 40.22 -7.25 -29.97
CA VAL E 71 40.42 -8.53 -29.30
C VAL E 71 40.56 -9.63 -30.36
N ASP E 72 41.44 -10.60 -30.12
CA ASP E 72 41.65 -11.72 -31.02
C ASP E 72 41.46 -13.02 -30.23
N THR E 73 40.29 -13.64 -30.40
CA THR E 73 39.95 -14.84 -29.64
C THR E 73 40.67 -16.08 -30.13
N SER E 74 41.31 -16.03 -31.30
CA SER E 74 42.09 -17.17 -31.78
C SER E 74 43.11 -17.61 -30.74
N LYS E 75 43.75 -16.64 -30.09
CA LYS E 75 44.50 -16.91 -28.87
C LYS E 75 43.93 -16.03 -27.75
N ASN E 76 44.78 -15.52 -26.87
CA ASN E 76 44.32 -14.64 -25.81
C ASN E 76 44.98 -13.27 -25.91
N GLN E 77 44.89 -12.66 -27.09
CA GLN E 77 45.54 -11.39 -27.36
C GLN E 77 44.48 -10.33 -27.66
N LEU E 78 44.49 -9.26 -26.88
CA LEU E 78 43.64 -8.09 -27.13
C LEU E 78 44.53 -6.90 -27.45
N SER E 79 44.13 -6.12 -28.44
CA SER E 79 44.95 -5.04 -28.94
C SER E 79 44.37 -3.67 -28.59
N LEU E 80 45.21 -2.65 -28.71
CA LEU E 80 44.83 -1.27 -28.49
C LEU E 80 45.45 -0.42 -29.58
N LYS E 81 44.68 0.52 -30.11
CA LYS E 81 45.17 1.45 -31.13
C LYS E 81 44.80 2.87 -30.73
N LEU E 82 45.79 3.76 -30.78
CA LEU E 82 45.62 5.16 -30.40
C LEU E 82 46.35 6.01 -31.44
N ASN E 83 45.58 6.72 -32.26
CA ASN E 83 46.14 7.53 -33.33
C ASN E 83 46.27 8.98 -32.89
N SER E 84 47.01 9.75 -33.71
CA SER E 84 47.24 11.17 -33.48
C SER E 84 47.86 11.41 -32.10
N VAL E 85 48.89 10.62 -31.79
CA VAL E 85 49.54 10.72 -30.49
C VAL E 85 50.33 12.03 -30.40
N THR E 86 50.42 12.55 -29.19
CA THR E 86 51.22 13.73 -28.89
C THR E 86 52.19 13.40 -27.76
N ALA E 87 53.01 14.38 -27.38
CA ALA E 87 53.97 14.16 -26.31
C ALA E 87 53.29 13.83 -24.99
N ALA E 88 52.07 14.33 -24.78
CA ALA E 88 51.34 14.06 -23.55
C ALA E 88 50.80 12.64 -23.48
N ASP E 89 50.93 11.85 -24.55
CA ASP E 89 50.44 10.48 -24.58
C ASP E 89 51.48 9.47 -24.11
N SER E 90 52.69 9.91 -23.79
CA SER E 90 53.72 9.01 -23.30
C SER E 90 53.42 8.60 -21.86
N ALA E 91 53.28 7.30 -21.63
CA ALA E 91 52.91 6.79 -20.32
C ALA E 91 53.24 5.30 -20.25
N ILE E 92 52.98 4.72 -19.09
CA ILE E 92 53.09 3.27 -18.89
C ILE E 92 51.69 2.70 -19.06
N TYR E 93 51.46 2.00 -20.16
CA TYR E 93 50.14 1.48 -20.51
C TYR E 93 49.96 0.11 -19.88
N TYR E 94 49.07 0.01 -18.90
CA TYR E 94 48.81 -1.23 -18.19
C TYR E 94 47.61 -1.95 -18.80
N CYS E 95 47.53 -3.24 -18.51
CA CYS E 95 46.47 -4.11 -19.04
C CYS E 95 45.94 -4.96 -17.90
N ALA E 96 44.62 -4.94 -17.71
CA ALA E 96 44.04 -5.60 -16.54
C ALA E 96 42.68 -6.20 -16.90
N ARG E 97 42.28 -7.18 -16.11
CA ARG E 97 40.99 -7.85 -16.28
C ARG E 97 39.94 -7.17 -15.42
N ALA E 98 38.91 -6.63 -16.06
CA ALA E 98 37.81 -5.99 -15.33
C ALA E 98 36.75 -7.03 -14.97
N GLN E 99 36.27 -6.95 -13.74
CA GLN E 99 35.21 -7.82 -13.25
C GLN E 99 33.94 -7.00 -13.06
N GLN E 100 32.84 -7.45 -13.67
CA GLN E 100 31.59 -6.70 -13.61
C GLN E 100 30.94 -6.89 -12.24
N GLY E 101 30.64 -5.77 -11.58
CA GLY E 101 29.87 -5.82 -10.36
C GLY E 101 28.50 -5.16 -10.52
N LYS E 102 27.45 -5.82 -10.05
CA LYS E 102 26.09 -5.29 -10.17
C LYS E 102 25.65 -4.80 -8.79
N ARG E 103 25.70 -3.50 -8.58
CA ARG E 103 25.28 -2.91 -7.31
C ARG E 103 23.78 -2.64 -7.37
N ILE E 104 23.03 -3.30 -6.49
CA ILE E 104 21.57 -3.19 -6.46
C ILE E 104 21.18 -2.48 -5.18
N TYR E 105 20.47 -1.36 -5.32
CA TYR E 105 20.02 -0.57 -4.17
C TYR E 105 18.51 -0.58 -4.00
N GLY E 106 17.74 -0.60 -5.10
CA GLY E 106 16.30 -0.64 -5.00
C GLY E 106 15.72 -1.94 -5.50
N MET E 107 14.88 -1.86 -6.53
CA MET E 107 14.26 -3.03 -7.15
C MET E 107 14.90 -3.28 -8.51
N VAL E 108 15.30 -4.53 -8.74
CA VAL E 108 15.87 -4.89 -10.04
C VAL E 108 14.85 -4.74 -11.15
N SER E 109 13.56 -4.81 -10.82
CA SER E 109 12.52 -4.70 -11.83
C SER E 109 12.46 -3.29 -12.41
N PHE E 110 12.44 -2.28 -11.54
CA PHE E 110 12.44 -0.89 -11.99
C PHE E 110 13.78 -0.44 -12.55
N GLY E 111 14.81 -1.29 -12.47
CA GLY E 111 16.13 -0.90 -12.92
C GLY E 111 16.93 -0.12 -11.90
N GLU E 112 16.57 -0.21 -10.61
CA GLU E 112 17.25 0.53 -9.56
C GLU E 112 18.56 -0.18 -9.19
N PHE E 113 19.47 -0.20 -10.15
CA PHE E 113 20.80 -0.77 -9.96
C PHE E 113 21.76 -0.05 -10.91
N PHE E 114 23.03 -0.42 -10.82
CA PHE E 114 24.04 0.09 -11.74
C PHE E 114 25.22 -0.87 -11.75
N TYR E 115 25.97 -0.85 -12.85
CA TYR E 115 27.13 -1.72 -13.03
C TYR E 115 28.40 -0.95 -12.73
N TYR E 116 29.28 -1.56 -11.93
CA TYR E 116 30.61 -1.03 -11.66
C TYR E 116 31.64 -2.09 -12.02
N TYR E 117 32.76 -1.66 -12.60
CA TYR E 117 33.83 -2.55 -13.00
C TYR E 117 35.07 -2.32 -12.14
N TYR E 118 35.82 -3.39 -11.91
CA TYR E 118 37.04 -3.31 -11.13
C TYR E 118 38.07 -4.28 -11.69
N MET E 119 39.32 -3.80 -11.77
CA MET E 119 40.42 -4.58 -12.33
C MET E 119 41.09 -5.35 -11.22
N ASP E 120 41.00 -6.68 -11.26
CA ASP E 120 41.53 -7.52 -10.19
C ASP E 120 42.95 -8.03 -10.47
N VAL E 121 43.28 -8.30 -11.74
CA VAL E 121 44.61 -8.77 -12.10
C VAL E 121 45.13 -7.89 -13.23
N TRP E 122 46.29 -7.27 -13.02
CA TRP E 122 46.87 -6.33 -13.97
C TRP E 122 48.07 -6.96 -14.67
N GLY E 123 48.53 -6.27 -15.71
CA GLY E 123 49.77 -6.63 -16.37
C GLY E 123 50.95 -6.04 -15.64
N LYS E 124 52.07 -5.90 -16.37
CA LYS E 124 53.27 -5.30 -15.83
C LYS E 124 53.55 -3.91 -16.35
N GLY E 125 53.06 -3.58 -17.53
CA GLY E 125 53.20 -2.24 -18.08
C GLY E 125 54.19 -2.21 -19.23
N THR E 126 53.85 -1.43 -20.27
CA THR E 126 54.72 -1.20 -21.40
C THR E 126 55.03 0.28 -21.48
N THR E 127 56.31 0.62 -21.39
CA THR E 127 56.73 2.02 -21.51
C THR E 127 56.64 2.45 -22.96
N VAL E 128 55.99 3.59 -23.20
CA VAL E 128 55.82 4.14 -24.54
C VAL E 128 56.20 5.61 -24.51
N THR E 129 57.13 6.00 -25.39
CA THR E 129 57.59 7.37 -25.50
C THR E 129 57.15 7.95 -26.85
N VAL E 130 56.64 9.18 -26.82
CA VAL E 130 56.26 9.89 -28.04
C VAL E 130 57.27 11.00 -28.23
N SER E 131 58.09 10.89 -29.28
CA SER E 131 59.14 11.86 -29.54
C SER E 131 59.56 11.76 -31.00
N SER E 132 59.83 12.91 -31.61
CA SER E 132 60.38 12.92 -32.96
C SER E 132 61.78 12.33 -33.01
N ALA E 133 62.45 12.23 -31.87
CA ALA E 133 63.81 11.71 -31.84
C ALA E 133 63.83 10.23 -32.23
N SER E 134 64.94 9.81 -32.84
CA SER E 134 65.09 8.46 -33.31
C SER E 134 65.60 7.55 -32.19
N THR E 135 65.49 6.24 -32.41
CA THR E 135 65.99 5.27 -31.46
C THR E 135 67.50 5.11 -31.61
N LYS E 136 68.13 4.66 -30.53
CA LYS E 136 69.56 4.37 -30.55
C LYS E 136 69.87 3.29 -29.52
N GLY E 137 70.61 2.27 -29.94
CA GLY E 137 71.07 1.24 -29.04
C GLY E 137 72.12 1.76 -28.09
N PRO E 138 72.24 1.12 -26.94
CA PRO E 138 73.19 1.58 -25.92
C PRO E 138 74.62 1.20 -26.26
N SER E 139 75.53 1.55 -25.35
CA SER E 139 76.94 1.20 -25.47
C SER E 139 77.40 0.69 -24.11
N VAL E 140 77.60 -0.62 -24.01
CA VAL E 140 77.91 -1.27 -22.74
C VAL E 140 79.41 -1.24 -22.51
N PHE E 141 79.82 -0.84 -21.30
CA PHE E 141 81.21 -0.83 -20.89
C PHE E 141 81.34 -1.54 -19.53
N PRO E 142 82.38 -2.34 -19.35
CA PRO E 142 82.54 -3.07 -18.09
C PRO E 142 83.07 -2.18 -16.97
N LEU E 143 82.75 -2.56 -15.75
CA LEU E 143 83.23 -1.89 -14.55
C LEU E 143 83.95 -2.93 -13.69
N ALA E 144 85.29 -2.97 -13.82
CA ALA E 144 86.07 -3.98 -13.12
C ALA E 144 86.17 -3.64 -11.64
N PRO E 145 86.10 -4.63 -10.75
CA PRO E 145 86.20 -4.37 -9.32
C PRO E 145 87.63 -4.13 -8.85
N SER E 146 87.88 -4.30 -7.56
CA SER E 146 89.21 -4.14 -7.00
C SER E 146 89.36 -4.94 -5.70
N GLY E 153 85.56 -7.14 3.17
CA GLY E 153 84.82 -8.38 3.13
C GLY E 153 84.54 -8.88 1.73
N THR E 154 83.91 -8.03 0.92
CA THR E 154 83.54 -8.37 -0.45
C THR E 154 83.97 -7.23 -1.38
N ALA E 155 83.70 -7.42 -2.67
CA ALA E 155 83.97 -6.39 -3.68
C ALA E 155 82.76 -6.32 -4.61
N ALA E 156 82.74 -5.29 -5.45
CA ALA E 156 81.59 -5.05 -6.33
C ALA E 156 82.07 -4.68 -7.72
N LEU E 157 81.45 -5.29 -8.73
CA LEU E 157 81.69 -4.96 -10.12
C LEU E 157 80.39 -4.44 -10.74
N GLY E 158 80.51 -3.81 -11.90
CA GLY E 158 79.36 -3.16 -12.52
C GLY E 158 79.34 -3.34 -14.02
N CYS E 159 78.28 -2.81 -14.63
CA CYS E 159 78.09 -2.87 -16.08
C CYS E 159 77.39 -1.57 -16.49
N LEU E 160 78.17 -0.65 -17.04
CA LEU E 160 77.65 0.67 -17.43
C LEU E 160 76.93 0.57 -18.77
N VAL E 161 75.76 1.18 -18.86
CA VAL E 161 74.93 1.17 -20.06
C VAL E 161 74.59 2.62 -20.36
N LYS E 162 75.34 3.23 -21.28
CA LYS E 162 75.24 4.67 -21.53
C LYS E 162 74.67 4.95 -22.92
N ASP E 163 73.99 6.10 -23.01
CA ASP E 163 73.54 6.68 -24.28
C ASP E 163 72.65 5.74 -25.08
N TYR E 164 71.40 5.60 -24.65
CA TYR E 164 70.39 4.88 -25.41
C TYR E 164 69.10 5.69 -25.37
N PHE E 165 68.14 5.29 -26.21
CA PHE E 165 66.85 5.95 -26.27
C PHE E 165 65.86 5.09 -27.05
N PRO E 166 64.63 4.93 -26.56
CA PRO E 166 64.20 5.45 -25.26
C PRO E 166 64.19 4.40 -24.15
N GLU E 167 63.69 4.80 -22.98
CA GLU E 167 63.50 3.87 -21.88
C GLU E 167 62.59 2.73 -22.32
N PRO E 168 62.77 1.51 -21.79
CA PRO E 168 63.75 1.06 -20.80
C PRO E 168 64.85 0.16 -21.34
N VAL E 169 65.62 -0.43 -20.42
CA VAL E 169 66.67 -1.39 -20.74
C VAL E 169 66.67 -2.44 -19.63
N THR E 170 66.44 -3.70 -20.00
CA THR E 170 66.48 -4.80 -19.04
C THR E 170 67.91 -5.30 -18.91
N VAL E 171 68.29 -5.67 -17.69
CA VAL E 171 69.64 -6.11 -17.38
C VAL E 171 69.57 -7.34 -16.47
N SER E 172 70.27 -8.40 -16.86
CA SER E 172 70.42 -9.59 -16.05
C SER E 172 71.89 -10.00 -16.04
N TRP E 173 72.31 -10.66 -14.97
CA TRP E 173 73.68 -11.10 -14.80
C TRP E 173 73.77 -12.60 -14.96
N ASN E 174 74.75 -13.05 -15.74
CA ASN E 174 74.93 -14.47 -16.07
C ASN E 174 73.67 -15.05 -16.70
N SER E 175 73.06 -14.29 -17.60
CA SER E 175 71.85 -14.70 -18.32
C SER E 175 70.72 -15.07 -17.36
N GLY E 176 70.66 -14.42 -16.20
CA GLY E 176 69.64 -14.69 -15.21
C GLY E 176 70.09 -15.56 -14.06
N ALA E 177 71.27 -16.17 -14.15
CA ALA E 177 71.76 -17.03 -13.07
C ALA E 177 72.05 -16.21 -11.81
N LEU E 178 72.97 -15.25 -11.92
CA LEU E 178 73.30 -14.39 -10.80
C LEU E 178 72.11 -13.46 -10.50
N THR E 179 71.48 -13.66 -9.35
CA THR E 179 70.31 -12.89 -8.97
C THR E 179 70.40 -12.26 -7.58
N SER E 180 71.33 -12.70 -6.73
CA SER E 180 71.49 -12.13 -5.41
C SER E 180 72.53 -11.02 -5.44
N GLY E 181 72.26 -9.94 -4.69
CA GLY E 181 73.18 -8.83 -4.63
C GLY E 181 73.20 -7.95 -5.86
N VAL E 182 72.28 -8.15 -6.80
CA VAL E 182 72.23 -7.32 -8.00
C VAL E 182 71.44 -6.06 -7.70
N HIS E 183 71.92 -4.93 -8.21
CA HIS E 183 71.28 -3.63 -7.99
C HIS E 183 71.35 -2.84 -9.30
N THR E 184 70.24 -2.78 -10.00
CA THR E 184 70.13 -2.01 -11.24
C THR E 184 69.56 -0.63 -10.93
N PHE E 185 70.30 0.41 -11.29
CA PHE E 185 69.93 1.77 -10.94
C PHE E 185 69.08 2.41 -12.03
N PRO E 186 68.17 3.31 -11.65
CA PRO E 186 67.44 4.10 -12.64
C PRO E 186 68.36 4.83 -13.60
N ALA E 187 67.83 5.20 -14.77
CA ALA E 187 68.64 5.83 -15.80
C ALA E 187 68.83 7.32 -15.51
N VAL E 188 69.58 7.98 -16.38
CA VAL E 188 69.85 9.41 -16.30
C VAL E 188 69.62 10.03 -17.67
N LEU E 189 68.67 10.95 -17.76
CA LEU E 189 68.38 11.65 -19.01
C LEU E 189 69.39 12.79 -19.15
N GLN E 190 70.45 12.56 -19.92
CA GLN E 190 71.44 13.59 -20.16
C GLN E 190 70.85 14.70 -21.03
N SER E 191 71.57 15.83 -21.07
CA SER E 191 71.14 16.95 -21.90
C SER E 191 71.10 16.58 -23.37
N SER E 192 71.93 15.63 -23.79
CA SER E 192 71.92 15.14 -25.17
C SER E 192 70.63 14.42 -25.53
N GLY E 193 69.82 14.07 -24.54
CA GLY E 193 68.56 13.40 -24.78
C GLY E 193 68.60 11.88 -24.73
N LEU E 194 69.65 11.29 -24.16
CA LEU E 194 69.80 9.85 -24.10
C LEU E 194 69.93 9.39 -22.65
N TYR E 195 69.31 8.26 -22.34
CA TYR E 195 69.38 7.71 -20.99
C TYR E 195 70.68 6.94 -20.81
N SER E 196 71.13 6.87 -19.55
CA SER E 196 72.35 6.16 -19.20
C SER E 196 72.10 5.40 -17.90
N LEU E 197 72.32 4.09 -17.93
CA LEU E 197 72.03 3.19 -16.82
C LEU E 197 73.33 2.63 -16.26
N SER E 198 73.22 2.02 -15.08
CA SER E 198 74.35 1.34 -14.46
C SER E 198 73.84 0.24 -13.54
N SER E 199 74.34 -0.98 -13.75
CA SER E 199 74.00 -2.14 -12.95
C SER E 199 75.23 -2.65 -12.23
N VAL E 200 75.06 -3.08 -10.98
CA VAL E 200 76.16 -3.50 -10.13
C VAL E 200 75.71 -4.67 -9.27
N VAL E 201 76.59 -5.66 -9.12
CA VAL E 201 76.37 -6.78 -8.20
C VAL E 201 77.46 -6.77 -7.14
N THR E 202 77.11 -7.26 -5.96
CA THR E 202 78.05 -7.40 -4.85
C THR E 202 78.31 -8.89 -4.65
N VAL E 203 79.53 -9.32 -4.92
CA VAL E 203 79.89 -10.73 -4.89
C VAL E 203 81.05 -10.88 -3.92
N PRO E 204 81.25 -12.09 -3.37
CA PRO E 204 82.39 -12.31 -2.49
C PRO E 204 83.71 -12.06 -3.19
N SER E 205 84.71 -11.64 -2.41
CA SER E 205 86.01 -11.31 -2.99
C SER E 205 86.69 -12.53 -3.59
N SER E 206 86.58 -13.68 -2.93
CA SER E 206 87.23 -14.88 -3.43
C SER E 206 86.66 -15.36 -4.76
N SER E 207 85.47 -14.90 -5.13
CA SER E 207 84.85 -15.28 -6.39
C SER E 207 85.48 -14.59 -7.59
N LEU E 208 86.52 -13.77 -7.40
CA LEU E 208 87.14 -13.07 -8.50
C LEU E 208 87.89 -14.01 -9.44
N GLY E 209 88.30 -15.18 -8.97
CA GLY E 209 89.07 -16.09 -9.79
C GLY E 209 88.62 -17.53 -9.70
N THR E 210 87.87 -18.00 -10.70
CA THR E 210 87.47 -17.16 -11.81
C THR E 210 86.01 -17.43 -12.19
N GLN E 211 85.10 -17.01 -11.33
CA GLN E 211 83.67 -17.07 -11.64
C GLN E 211 83.36 -16.01 -12.69
N THR E 212 83.07 -16.45 -13.91
CA THR E 212 82.81 -15.51 -15.00
C THR E 212 81.51 -14.75 -14.76
N TYR E 213 81.57 -13.43 -14.88
CA TYR E 213 80.41 -12.56 -14.70
C TYR E 213 80.06 -11.96 -16.05
N ILE E 214 78.97 -12.44 -16.64
CA ILE E 214 78.49 -11.95 -17.93
C ILE E 214 77.33 -10.99 -17.69
N CYS E 215 77.42 -9.80 -18.27
CA CYS E 215 76.41 -8.78 -18.13
C CYS E 215 75.51 -8.79 -19.38
N ASN E 216 74.22 -9.03 -19.17
CA ASN E 216 73.25 -9.07 -20.25
C ASN E 216 72.49 -7.75 -20.29
N VAL E 217 72.42 -7.14 -21.47
CA VAL E 217 71.74 -5.87 -21.66
C VAL E 217 70.85 -5.98 -22.89
N ASN E 218 69.58 -5.61 -22.74
CA ASN E 218 68.59 -5.71 -23.81
C ASN E 218 67.86 -4.38 -23.94
N HIS E 219 67.92 -3.79 -25.13
CA HIS E 219 67.20 -2.56 -25.45
C HIS E 219 66.32 -2.86 -26.65
N LYS E 220 65.08 -3.28 -26.37
CA LYS E 220 64.19 -3.72 -27.44
C LYS E 220 63.81 -2.65 -28.45
N PRO E 221 63.62 -1.38 -28.09
CA PRO E 221 63.32 -0.36 -29.12
C PRO E 221 64.36 -0.27 -30.24
N SER E 222 65.51 -0.94 -30.11
CA SER E 222 66.48 -1.01 -31.18
C SER E 222 66.90 -2.44 -31.48
N ASN E 223 66.25 -3.43 -30.86
CA ASN E 223 66.61 -4.85 -30.94
C ASN E 223 68.13 -5.05 -30.92
N THR E 224 68.77 -4.41 -29.95
CA THR E 224 70.22 -4.42 -29.81
C THR E 224 70.59 -5.04 -28.46
N LYS E 225 70.42 -6.35 -28.34
CA LYS E 225 70.94 -7.04 -27.17
C LYS E 225 72.46 -7.16 -27.28
N VAL E 226 73.13 -7.09 -26.12
CA VAL E 226 74.58 -7.14 -26.04
C VAL E 226 74.98 -7.90 -24.80
N ASP E 227 76.27 -8.25 -24.74
CA ASP E 227 76.86 -8.91 -23.58
C ASP E 227 78.26 -8.36 -23.36
N LYS E 228 78.75 -8.53 -22.14
CA LYS E 228 80.10 -8.08 -21.80
C LYS E 228 80.53 -8.75 -20.51
N LYS E 229 81.81 -9.12 -20.44
CA LYS E 229 82.38 -9.75 -19.26
C LYS E 229 83.24 -8.74 -18.50
N VAL E 230 83.38 -8.97 -17.20
CA VAL E 230 84.16 -8.10 -16.32
C VAL E 230 85.25 -8.92 -15.65
N GLU E 231 86.43 -8.31 -15.51
CA GLU E 231 87.57 -8.96 -14.88
C GLU E 231 88.64 -7.92 -14.56
N PRO E 232 89.28 -7.98 -13.38
CA PRO E 232 90.29 -7.02 -12.94
C PRO E 232 91.47 -6.90 -13.92
N SER F 4 45.87 14.26 -12.43
CA SER F 4 45.05 14.68 -11.29
C SER F 4 45.90 15.12 -10.12
N TYR F 5 45.31 15.91 -9.22
CA TYR F 5 46.03 16.44 -8.08
C TYR F 5 46.28 15.34 -7.05
N VAL F 6 47.29 15.57 -6.21
CA VAL F 6 47.71 14.61 -5.19
C VAL F 6 47.63 15.29 -3.83
N ARG F 7 46.93 14.65 -2.89
CA ARG F 7 46.80 15.16 -1.53
C ARG F 7 47.63 14.33 -0.59
N PRO F 8 48.58 14.92 0.13
CA PRO F 8 49.50 14.13 0.95
C PRO F 8 48.86 13.66 2.26
N LEU F 9 49.51 12.66 2.85
CA LEU F 9 49.07 12.11 4.13
C LEU F 9 50.28 11.46 4.80
N SER F 10 50.40 11.67 6.12
CA SER F 10 51.51 11.14 6.90
C SER F 10 50.97 10.32 8.07
N VAL F 11 51.47 9.10 8.21
CA VAL F 11 51.09 8.20 9.29
C VAL F 11 52.36 7.67 9.94
N ALA F 12 52.38 7.62 11.27
CA ALA F 12 53.53 7.07 11.97
C ALA F 12 53.62 5.56 11.75
N LEU F 13 54.84 5.04 11.89
CA LEU F 13 55.08 3.62 11.66
C LEU F 13 54.37 2.77 12.71
N GLY F 14 53.56 1.83 12.25
CA GLY F 14 52.84 0.94 13.14
C GLY F 14 51.45 1.40 13.51
N GLU F 15 51.08 2.64 13.20
CA GLU F 15 49.77 3.17 13.54
C GLU F 15 48.68 2.63 12.63
N THR F 16 47.54 3.32 12.59
CA THR F 16 46.44 2.96 11.70
C THR F 16 46.12 4.17 10.84
N ALA F 17 46.02 3.96 9.53
CA ALA F 17 45.77 5.04 8.59
C ALA F 17 44.28 5.17 8.29
N SER F 18 43.86 6.40 8.04
CA SER F 18 42.47 6.72 7.70
C SER F 18 42.48 7.57 6.43
N ILE F 19 42.30 6.93 5.28
CA ILE F 19 42.30 7.61 3.99
C ILE F 19 40.87 7.85 3.57
N SER F 20 40.42 9.09 3.66
CA SER F 20 39.07 9.44 3.26
C SER F 20 38.99 9.58 1.74
N CYS F 21 37.86 9.15 1.17
CA CYS F 21 37.71 9.18 -0.27
C CYS F 21 37.64 10.62 -0.77
N GLY F 22 38.01 10.79 -2.04
CA GLY F 22 38.05 12.13 -2.62
C GLY F 22 36.68 12.74 -2.80
N ARG F 23 35.77 12.00 -3.43
CA ARG F 23 34.42 12.46 -3.69
C ARG F 23 33.42 11.60 -2.91
N GLN F 24 32.54 12.26 -2.16
CA GLN F 24 31.52 11.55 -1.41
C GLN F 24 30.38 11.11 -2.33
N ALA F 25 29.75 10.00 -1.98
CA ALA F 25 28.68 9.44 -2.80
C ALA F 25 27.36 10.15 -2.53
N LEU F 26 26.55 10.29 -3.58
CA LEU F 26 25.23 10.89 -3.44
C LEU F 26 24.15 9.84 -3.18
N GLY F 27 24.44 8.57 -3.41
CA GLY F 27 23.49 7.50 -3.20
C GLY F 27 24.22 6.26 -2.78
N SER F 28 23.59 5.11 -3.01
CA SER F 28 24.22 3.82 -2.72
C SER F 28 25.44 3.62 -3.61
N ARG F 29 26.56 3.26 -3.00
CA ARG F 29 27.85 3.33 -3.64
C ARG F 29 28.49 1.95 -3.77
N ALA F 30 29.54 1.90 -4.61
CA ALA F 30 30.40 0.73 -4.74
C ALA F 30 31.81 1.25 -5.00
N VAL F 31 32.63 1.25 -3.95
CA VAL F 31 33.93 1.92 -3.97
C VAL F 31 35.04 0.90 -4.13
N GLN F 32 35.97 1.17 -5.04
CA GLN F 32 37.16 0.36 -5.23
C GLN F 32 38.39 1.10 -4.76
N TRP F 33 39.30 0.39 -4.09
CA TRP F 33 40.55 0.94 -3.60
C TRP F 33 41.72 0.27 -4.29
N TYR F 34 42.55 1.05 -4.96
CA TYR F 34 43.74 0.56 -5.64
C TYR F 34 44.99 1.10 -4.96
N GLN F 35 45.93 0.21 -4.65
CA GLN F 35 47.24 0.62 -4.17
C GLN F 35 48.20 0.70 -5.36
N HIS F 36 48.81 1.87 -5.54
CA HIS F 36 49.68 2.11 -6.70
C HIS F 36 50.94 2.82 -6.25
N ARG F 37 52.09 2.23 -6.55
CA ARG F 37 53.38 2.88 -6.42
C ARG F 37 53.92 3.18 -7.81
N PRO F 38 54.34 4.43 -8.07
CA PRO F 38 54.67 4.83 -9.44
C PRO F 38 55.72 3.90 -10.07
N GLY F 39 55.51 3.61 -11.35
CA GLY F 39 56.37 2.67 -12.05
C GLY F 39 56.07 1.22 -11.75
N GLN F 40 54.82 0.89 -11.42
CA GLN F 40 54.46 -0.47 -11.05
C GLN F 40 52.97 -0.65 -11.29
N ALA F 41 52.55 -1.91 -11.31
CA ALA F 41 51.15 -2.23 -11.56
C ALA F 41 50.32 -1.95 -10.31
N PRO F 42 49.19 -1.24 -10.43
CA PRO F 42 48.32 -1.04 -9.28
C PRO F 42 47.78 -2.36 -8.74
N ILE F 43 47.40 -2.34 -7.47
CA ILE F 43 46.93 -3.52 -6.76
C ILE F 43 45.54 -3.22 -6.22
N LEU F 44 44.52 -3.89 -6.75
CA LEU F 44 43.15 -3.73 -6.27
C LEU F 44 43.04 -4.21 -4.84
N LEU F 45 42.99 -3.28 -3.89
CA LEU F 45 42.91 -3.64 -2.48
C LEU F 45 41.52 -4.12 -2.10
N ILE F 46 40.49 -3.39 -2.53
CA ILE F 46 39.11 -3.65 -2.13
C ILE F 46 38.22 -3.28 -3.30
N TYR F 47 37.37 -4.22 -3.73
CA TYR F 47 36.55 -3.99 -4.92
C TYR F 47 35.12 -3.57 -4.56
N ASN F 48 34.34 -4.46 -3.95
CA ASN F 48 33.09 -4.02 -3.38
C ASN F 48 33.37 -3.29 -2.07
N ASN F 49 32.44 -2.39 -1.69
CA ASN F 49 32.62 -1.44 -0.60
C ASN F 49 33.50 -1.92 0.56
N GLN F 50 33.49 -3.23 0.83
CA GLN F 50 34.34 -3.81 1.85
C GLN F 50 34.94 -5.15 1.45
N ASP F 51 34.62 -5.68 0.27
CA ASP F 51 35.17 -6.95 -0.17
C ASP F 51 36.60 -6.77 -0.65
N ARG F 52 37.51 -7.57 -0.11
CA ARG F 52 38.90 -7.52 -0.55
C ARG F 52 39.32 -8.86 -1.16
N PRO F 53 40.03 -8.83 -2.28
CA PRO F 53 40.45 -10.09 -2.92
C PRO F 53 41.51 -10.80 -2.10
N SER F 54 41.80 -12.04 -2.50
CA SER F 54 42.79 -12.85 -1.81
C SER F 54 44.19 -12.29 -2.06
N GLY F 55 45.11 -12.66 -1.18
CA GLY F 55 46.47 -12.14 -1.28
C GLY F 55 46.65 -10.78 -0.66
N ILE F 56 45.67 -10.32 0.11
CA ILE F 56 45.72 -8.99 0.73
C ILE F 56 45.46 -9.14 2.23
N PRO F 57 46.29 -8.57 3.09
CA PRO F 57 46.13 -8.80 4.52
C PRO F 57 44.85 -8.18 5.07
N GLU F 58 44.39 -8.75 6.19
CA GLU F 58 43.18 -8.26 6.85
C GLU F 58 43.34 -6.86 7.40
N ARG F 59 44.56 -6.34 7.52
CA ARG F 59 44.78 -4.99 8.00
C ARG F 59 44.26 -3.93 7.04
N PHE F 60 43.95 -4.29 5.80
CA PHE F 60 43.34 -3.40 4.84
C PHE F 60 41.83 -3.62 4.86
N SER F 61 41.08 -2.59 5.24
CA SER F 61 39.64 -2.71 5.40
C SER F 61 38.95 -1.44 4.91
N GLY F 62 37.70 -1.60 4.48
CA GLY F 62 36.88 -0.50 4.01
C GLY F 62 35.59 -0.39 4.80
N THR F 63 34.77 0.57 4.39
CA THR F 63 33.49 0.82 5.06
C THR F 63 32.36 0.30 4.19
N PRO F 64 31.54 -0.61 4.69
CA PRO F 64 30.37 -1.06 3.90
C PRO F 64 29.32 0.03 3.81
N ASP F 65 28.47 -0.09 2.79
CA ASP F 65 27.39 0.86 2.56
C ASP F 65 26.14 0.33 3.25
N ILE F 66 26.02 0.62 4.54
CA ILE F 66 24.88 0.17 5.34
C ILE F 66 23.80 1.24 5.30
N ASN F 67 24.01 2.32 6.05
CA ASN F 67 23.12 3.47 6.05
C ASN F 67 23.77 4.63 5.30
N PHE F 68 22.97 5.36 4.54
CA PHE F 68 23.50 6.48 3.77
C PHE F 68 24.02 7.57 4.70
N GLY F 69 25.08 8.25 4.25
CA GLY F 69 25.78 9.25 5.02
C GLY F 69 27.19 8.82 5.43
N THR F 70 27.40 7.52 5.60
CA THR F 70 28.73 7.03 5.93
C THR F 70 29.68 7.25 4.77
N ARG F 71 30.81 7.88 5.06
CA ARG F 71 31.79 8.18 4.03
C ARG F 71 32.70 6.98 3.77
N ALA F 72 33.18 6.87 2.54
CA ALA F 72 34.06 5.77 2.16
C ALA F 72 35.49 6.09 2.62
N THR F 73 36.02 5.23 3.49
CA THR F 73 37.37 5.43 4.02
C THR F 73 38.11 4.10 4.01
N LEU F 74 39.34 4.12 3.51
CA LEU F 74 40.21 2.94 3.52
C LEU F 74 41.05 2.97 4.78
N THR F 75 40.97 1.89 5.56
CA THR F 75 41.69 1.78 6.83
C THR F 75 42.86 0.82 6.67
N ILE F 76 44.05 1.30 7.02
CA ILE F 76 45.28 0.51 6.99
C ILE F 76 45.79 0.43 8.42
N SER F 77 45.57 -0.70 9.08
CA SER F 77 46.06 -0.91 10.43
C SER F 77 47.45 -1.53 10.40
N GLY F 78 48.26 -1.18 11.39
CA GLY F 78 49.64 -1.65 11.44
C GLY F 78 50.42 -1.22 10.22
N VAL F 79 50.53 0.09 10.00
CA VAL F 79 51.18 0.61 8.80
C VAL F 79 52.66 0.31 8.85
N GLU F 80 53.20 -0.15 7.72
CA GLU F 80 54.62 -0.41 7.57
C GLU F 80 55.18 0.43 6.42
N ALA F 81 56.50 0.42 6.30
CA ALA F 81 57.17 1.20 5.26
C ALA F 81 56.75 0.78 3.85
N GLY F 82 56.30 -0.47 3.68
CA GLY F 82 55.83 -0.91 2.38
C GLY F 82 54.48 -0.33 1.98
N ASP F 83 53.75 0.25 2.93
CA ASP F 83 52.45 0.85 2.66
C ASP F 83 52.55 2.24 2.03
N GLU F 84 53.75 2.68 1.69
CA GLU F 84 53.94 3.96 1.00
C GLU F 84 53.59 3.79 -0.47
N ALA F 85 52.51 4.41 -0.90
CA ALA F 85 52.05 4.32 -2.29
C ALA F 85 50.96 5.38 -2.49
N ASP F 86 50.40 5.39 -3.70
CA ASP F 86 49.24 6.20 -4.02
C ASP F 86 47.98 5.33 -3.97
N TYR F 87 47.00 5.76 -3.19
CA TYR F 87 45.75 5.03 -3.02
C TYR F 87 44.64 5.78 -3.72
N TYR F 88 43.90 5.08 -4.58
CA TYR F 88 42.84 5.67 -5.39
C TYR F 88 41.48 5.18 -4.91
N CYS F 89 40.52 6.10 -4.89
CA CYS F 89 39.13 5.80 -4.51
C CYS F 89 38.29 5.80 -5.79
N HIS F 90 38.05 4.62 -6.34
CA HIS F 90 37.20 4.48 -7.53
C HIS F 90 35.75 4.48 -7.06
N MET F 91 35.10 5.64 -7.16
CA MET F 91 33.78 5.86 -6.56
C MET F 91 32.69 5.66 -7.62
N TRP F 92 31.88 4.62 -7.44
CA TRP F 92 30.66 4.42 -8.19
C TRP F 92 29.47 4.61 -7.27
N ASP F 93 28.37 5.14 -7.81
CA ASP F 93 27.15 5.27 -7.03
C ASP F 93 25.95 5.30 -7.97
N SER F 94 24.76 5.21 -7.37
CA SER F 94 23.53 5.21 -8.15
C SER F 94 23.31 6.56 -8.82
N ARG F 95 23.68 7.65 -8.15
CA ARG F 95 23.34 8.97 -8.65
C ARG F 95 24.23 9.38 -9.82
N SER F 96 25.53 9.51 -9.57
CA SER F 96 26.44 9.97 -10.60
C SER F 96 26.53 8.96 -11.75
N GLY F 97 27.19 9.37 -12.82
CA GLY F 97 27.28 8.56 -14.02
C GLY F 97 28.33 7.48 -13.96
N PHE F 98 29.02 7.28 -15.08
CA PHE F 98 30.05 6.24 -15.17
C PHE F 98 31.37 6.75 -14.59
N SER F 99 31.93 5.99 -13.66
CA SER F 99 33.15 6.41 -12.96
C SER F 99 34.37 6.12 -13.83
N TRP F 100 34.58 6.99 -14.83
CA TRP F 100 35.78 6.90 -15.65
C TRP F 100 37.01 7.30 -14.85
N SER F 101 36.92 8.42 -14.13
CA SER F 101 38.06 8.92 -13.38
C SER F 101 38.31 8.07 -12.15
N PHE F 102 39.58 7.73 -11.92
CA PHE F 102 39.96 7.07 -10.67
C PHE F 102 39.96 8.01 -9.48
N GLY F 103 39.88 9.32 -9.72
CA GLY F 103 39.84 10.30 -8.66
C GLY F 103 41.21 10.87 -8.34
N GLY F 104 41.32 11.39 -7.11
CA GLY F 104 42.58 11.92 -6.64
C GLY F 104 43.59 10.83 -6.32
N ALA F 105 44.58 11.17 -5.51
CA ALA F 105 45.62 10.20 -5.15
C ALA F 105 46.18 10.59 -3.78
N THR F 106 45.93 9.76 -2.77
CA THR F 106 46.46 10.01 -1.44
C THR F 106 47.87 9.46 -1.36
N ARG F 107 48.85 10.35 -1.21
CA ARG F 107 50.26 9.97 -1.14
C ARG F 107 50.60 9.66 0.32
N LEU F 108 50.51 8.40 0.69
CA LEU F 108 50.78 7.99 2.07
C LEU F 108 52.29 7.89 2.28
N THR F 109 52.79 8.61 3.28
CA THR F 109 54.19 8.58 3.67
C THR F 109 54.28 8.12 5.12
N VAL F 110 54.91 6.97 5.34
CA VAL F 110 55.02 6.41 6.68
C VAL F 110 56.19 7.06 7.39
N LEU F 111 55.93 7.65 8.56
CA LEU F 111 56.94 8.34 9.33
C LEU F 111 57.56 7.42 10.36
N GLY F 112 58.71 7.81 10.87
CA GLY F 112 59.38 7.06 11.93
C GLY F 112 60.16 5.86 11.47
N GLN F 113 60.55 5.80 10.19
CA GLN F 113 61.34 4.68 9.72
C GLN F 113 62.80 4.85 10.16
N PRO F 114 63.52 3.74 10.34
CA PRO F 114 64.92 3.85 10.76
C PRO F 114 65.77 4.56 9.72
N LYS F 115 66.70 5.38 10.19
CA LYS F 115 67.62 6.10 9.33
C LYS F 115 68.70 5.16 8.82
N ALA F 116 68.92 5.17 7.51
CA ALA F 116 69.90 4.29 6.87
C ALA F 116 70.95 5.13 6.16
N ALA F 117 72.23 4.72 6.31
CA ALA F 117 73.37 5.40 5.73
C ALA F 117 73.68 4.85 4.34
N PRO F 118 74.19 5.70 3.44
CA PRO F 118 74.43 5.26 2.06
C PRO F 118 75.51 4.18 1.99
N SER F 119 75.65 3.62 0.78
CA SER F 119 76.69 2.64 0.46
C SER F 119 77.35 3.07 -0.85
N VAL F 120 78.17 4.12 -0.76
CA VAL F 120 78.75 4.72 -1.95
C VAL F 120 79.77 3.79 -2.57
N THR F 121 79.81 3.77 -3.90
CA THR F 121 80.78 2.96 -4.65
C THR F 121 81.11 3.70 -5.94
N LEU F 122 82.37 4.12 -6.07
CA LEU F 122 82.83 4.89 -7.22
C LEU F 122 83.63 4.00 -8.17
N PHE F 123 83.32 4.10 -9.46
CA PHE F 123 84.03 3.33 -10.48
C PHE F 123 84.83 4.26 -11.38
N PRO F 124 86.08 3.93 -11.68
CA PRO F 124 86.86 4.72 -12.62
C PRO F 124 86.39 4.47 -14.05
N PRO F 125 86.82 5.31 -15.01
CA PRO F 125 86.44 5.05 -16.41
C PRO F 125 87.03 3.74 -16.89
N SER F 126 86.22 2.98 -17.61
CA SER F 126 86.66 1.69 -18.14
C SER F 126 87.69 1.89 -19.26
N SER F 127 88.41 0.80 -19.55
CA SER F 127 89.42 0.85 -20.60
C SER F 127 88.79 0.99 -21.97
N GLU F 128 87.72 0.24 -22.23
CA GLU F 128 87.04 0.36 -23.52
C GLU F 128 86.46 1.74 -23.72
N GLU F 129 86.01 2.39 -22.65
CA GLU F 129 85.53 3.76 -22.76
C GLU F 129 86.67 4.72 -23.08
N LEU F 130 87.77 4.61 -22.33
CA LEU F 130 88.95 5.42 -22.63
C LEU F 130 89.47 5.16 -24.03
N GLN F 131 89.35 3.91 -24.51
CA GLN F 131 89.72 3.61 -25.89
C GLN F 131 88.82 4.34 -26.88
N ALA F 132 87.59 4.66 -26.47
CA ALA F 132 86.65 5.40 -27.30
C ALA F 132 86.78 6.92 -27.12
N ASN F 133 87.89 7.38 -26.53
CA ASN F 133 88.15 8.80 -26.34
C ASN F 133 87.09 9.48 -25.47
N LYS F 134 86.46 8.72 -24.58
CA LYS F 134 85.50 9.26 -23.63
C LYS F 134 85.73 8.63 -22.27
N ALA F 135 85.35 9.35 -21.22
CA ALA F 135 85.58 8.86 -19.87
C ALA F 135 84.45 9.36 -18.96
N THR F 136 83.95 8.46 -18.11
CA THR F 136 82.82 8.76 -17.25
C THR F 136 83.03 8.11 -15.90
N LEU F 137 82.97 8.93 -14.85
CA LEU F 137 82.95 8.44 -13.47
C LEU F 137 81.50 8.20 -13.05
N VAL F 138 81.27 7.08 -12.38
CA VAL F 138 79.94 6.75 -11.88
C VAL F 138 80.03 6.56 -10.37
N CYS F 139 79.14 7.25 -9.65
CA CYS F 139 79.12 7.23 -8.18
C CYS F 139 77.76 6.69 -7.77
N LEU F 140 77.72 5.41 -7.42
CA LEU F 140 76.46 4.72 -7.13
C LEU F 140 76.20 4.70 -5.64
N ILE F 141 74.98 5.11 -5.26
CA ILE F 141 74.59 5.28 -3.87
C ILE F 141 73.36 4.41 -3.62
N SER F 142 73.31 3.76 -2.46
CA SER F 142 72.24 2.82 -2.20
C SER F 142 72.02 2.67 -0.70
N ASP F 143 70.84 2.15 -0.35
CA ASP F 143 70.52 1.73 1.01
C ASP F 143 70.53 2.89 2.00
N PHE F 144 70.08 4.06 1.54
CA PHE F 144 69.99 5.23 2.41
C PHE F 144 68.54 5.62 2.61
N TYR F 145 68.24 6.13 3.81
CA TYR F 145 66.93 6.64 4.19
C TYR F 145 67.15 7.70 5.25
N PRO F 146 66.44 8.85 5.17
CA PRO F 146 65.45 9.22 4.17
C PRO F 146 66.03 9.47 2.78
N GLY F 147 65.25 9.18 1.75
CA GLY F 147 65.72 9.25 0.38
C GLY F 147 66.00 10.64 -0.14
N ALA F 148 67.10 11.24 0.35
CA ALA F 148 67.52 12.56 -0.13
C ALA F 148 68.99 12.72 0.21
N VAL F 149 69.83 12.85 -0.82
CA VAL F 149 71.27 13.01 -0.65
C VAL F 149 71.73 14.18 -1.51
N THR F 150 73.03 14.47 -1.42
CA THR F 150 73.66 15.51 -2.21
C THR F 150 75.05 15.03 -2.61
N VAL F 151 75.33 15.06 -3.91
CA VAL F 151 76.61 14.59 -4.44
C VAL F 151 77.49 15.78 -4.74
N ALA F 152 78.79 15.64 -4.47
CA ALA F 152 79.76 16.70 -4.71
C ALA F 152 81.00 16.08 -5.33
N TRP F 153 81.35 16.52 -6.53
CA TRP F 153 82.52 16.02 -7.24
C TRP F 153 83.68 16.99 -7.10
N LYS F 154 84.88 16.45 -6.96
CA LYS F 154 86.08 17.26 -6.81
C LYS F 154 87.21 16.68 -7.66
N ALA F 155 87.78 17.52 -8.51
CA ALA F 155 89.02 17.19 -9.21
C ALA F 155 90.18 17.52 -8.27
N ASP F 156 90.86 16.49 -7.78
CA ASP F 156 91.84 16.63 -6.71
C ASP F 156 91.17 17.30 -5.51
N SER F 157 91.50 18.57 -5.27
CA SER F 157 90.84 19.33 -4.22
C SER F 157 89.82 20.32 -4.74
N SER F 158 90.02 20.84 -5.95
CA SER F 158 89.11 21.83 -6.50
C SER F 158 87.76 21.19 -6.82
N PRO F 159 86.66 21.92 -6.65
CA PRO F 159 85.35 21.36 -6.98
C PRO F 159 85.17 21.21 -8.49
N VAL F 160 84.18 20.39 -8.85
CA VAL F 160 83.80 20.18 -10.25
C VAL F 160 82.29 20.11 -10.33
N LYS F 161 81.69 21.01 -11.10
CA LYS F 161 80.25 21.00 -11.31
C LYS F 161 79.85 20.97 -12.79
N ALA F 162 80.79 21.13 -13.71
CA ALA F 162 80.50 21.10 -15.13
C ALA F 162 80.69 19.67 -15.64
N GLY F 163 79.58 18.98 -15.89
CA GLY F 163 79.65 17.65 -16.47
C GLY F 163 79.04 16.57 -15.60
N VAL F 164 78.41 16.97 -14.49
CA VAL F 164 77.82 16.03 -13.54
C VAL F 164 76.33 15.91 -13.80
N GLU F 165 75.84 14.67 -13.76
CA GLU F 165 74.41 14.37 -13.82
C GLU F 165 74.07 13.45 -12.66
N THR F 166 72.90 13.64 -12.07
CA THR F 166 72.52 12.92 -10.86
C THR F 166 71.06 12.49 -10.93
N THR F 167 70.81 11.24 -10.52
CA THR F 167 69.45 10.73 -10.43
C THR F 167 68.79 11.20 -9.14
N THR F 168 67.51 11.55 -9.23
CA THR F 168 66.73 11.76 -8.02
C THR F 168 66.52 10.42 -7.32
N PRO F 169 66.51 10.40 -5.99
CA PRO F 169 66.40 9.13 -5.26
C PRO F 169 65.18 8.33 -5.69
N SER F 170 65.33 7.01 -5.63
CA SER F 170 64.28 6.08 -6.04
C SER F 170 64.18 4.96 -5.01
N LYS F 171 62.95 4.58 -4.69
CA LYS F 171 62.71 3.58 -3.67
C LYS F 171 63.12 2.19 -4.15
N GLN F 172 63.82 1.45 -3.30
CA GLN F 172 64.24 0.09 -3.60
C GLN F 172 63.21 -0.90 -3.09
N SER F 173 63.43 -2.17 -3.41
CA SER F 173 62.52 -3.23 -2.97
C SER F 173 62.55 -3.43 -1.45
N ASN F 174 63.64 -3.02 -0.79
CA ASN F 174 63.73 -3.12 0.66
C ASN F 174 63.31 -1.82 1.35
N ASN F 175 62.54 -0.98 0.67
CA ASN F 175 61.98 0.26 1.21
C ASN F 175 63.05 1.31 1.50
N LYS F 176 64.24 1.16 0.95
CA LYS F 176 65.28 2.18 1.01
C LYS F 176 65.43 2.82 -0.37
N TYR F 177 66.36 3.78 -0.47
CA TYR F 177 66.49 4.58 -1.67
C TYR F 177 67.89 4.43 -2.28
N ALA F 178 67.99 4.81 -3.55
CA ALA F 178 69.25 4.69 -4.30
C ALA F 178 69.28 5.76 -5.38
N ALA F 179 70.48 6.30 -5.63
CA ALA F 179 70.68 7.30 -6.66
C ALA F 179 72.04 7.10 -7.30
N SER F 180 72.22 7.72 -8.46
CA SER F 180 73.45 7.62 -9.23
C SER F 180 73.97 9.00 -9.58
N SER F 181 75.27 9.08 -9.87
CA SER F 181 75.91 10.33 -10.24
C SER F 181 76.97 10.04 -11.29
N TYR F 182 76.84 10.68 -12.45
CA TYR F 182 77.72 10.45 -13.60
C TYR F 182 78.45 11.75 -13.92
N LEU F 183 79.76 11.76 -13.69
CA LEU F 183 80.61 12.87 -14.10
C LEU F 183 81.27 12.51 -15.43
N SER F 184 81.05 13.35 -16.43
CA SER F 184 81.62 13.15 -17.76
C SER F 184 82.81 14.09 -17.95
N LEU F 185 83.91 13.54 -18.46
CA LEU F 185 85.11 14.33 -18.69
C LEU F 185 85.89 13.70 -19.84
N THR F 186 86.64 14.53 -20.55
CA THR F 186 87.49 14.03 -21.61
C THR F 186 88.57 13.13 -21.01
N PRO F 187 89.05 12.12 -21.74
CA PRO F 187 90.08 11.23 -21.19
C PRO F 187 91.36 11.95 -20.81
N MET F 188 91.63 13.12 -21.40
CA MET F 188 92.79 13.91 -20.99
C MET F 188 92.59 14.49 -19.60
N GLN F 189 91.38 15.00 -19.31
CA GLN F 189 91.10 15.52 -17.98
C GLN F 189 91.14 14.43 -16.92
N TRP F 190 90.85 13.19 -17.31
CA TRP F 190 90.93 12.08 -16.36
C TRP F 190 92.38 11.75 -16.03
N LYS F 191 93.30 11.92 -16.97
CA LYS F 191 94.71 11.62 -16.75
C LYS F 191 95.46 12.82 -16.16
N MET F 192 95.12 14.04 -16.57
CA MET F 192 95.85 15.23 -16.16
C MET F 192 95.55 15.64 -14.71
N HIS F 193 94.64 14.96 -14.03
CA HIS F 193 94.36 15.23 -12.63
C HIS F 193 94.84 14.07 -11.76
N LYS F 194 95.14 14.38 -10.50
CA LYS F 194 95.72 13.38 -9.61
C LYS F 194 94.66 12.38 -9.16
N SER F 195 93.52 12.87 -8.68
CA SER F 195 92.44 12.00 -8.24
C SER F 195 91.10 12.72 -8.40
N TYR F 196 90.03 11.94 -8.41
CA TYR F 196 88.67 12.45 -8.46
C TYR F 196 87.87 11.83 -7.32
N SER F 197 87.12 12.66 -6.61
CA SER F 197 86.35 12.22 -5.46
C SER F 197 84.86 12.44 -5.69
N CYS F 198 84.06 11.66 -4.96
CA CYS F 198 82.60 11.79 -4.96
C CYS F 198 82.14 11.86 -3.50
N GLN F 199 81.83 13.06 -3.04
CA GLN F 199 81.34 13.26 -1.68
C GLN F 199 79.83 13.16 -1.67
N VAL F 200 79.31 12.25 -0.86
CA VAL F 200 77.88 11.98 -0.78
C VAL F 200 77.40 12.38 0.62
N THR F 201 76.63 13.47 0.68
CA THR F 201 76.13 14.00 1.94
C THR F 201 74.68 13.59 2.13
N HIS F 202 74.42 12.82 3.18
CA HIS F 202 73.08 12.33 3.50
C HIS F 202 72.77 12.68 4.94
N GLU F 203 71.61 13.31 5.16
CA GLU F 203 71.21 13.85 6.46
C GLU F 203 72.26 14.87 6.87
N GLY F 204 72.98 14.68 7.98
CA GLY F 204 74.00 15.61 8.40
C GLY F 204 75.42 15.14 8.22
N SER F 205 75.66 14.05 7.50
CA SER F 205 76.99 13.48 7.36
C SER F 205 77.37 13.37 5.89
N THR F 206 78.65 13.53 5.60
CA THR F 206 79.20 13.34 4.27
C THR F 206 80.07 12.10 4.24
N VAL F 207 80.05 11.41 3.10
CA VAL F 207 80.87 10.23 2.86
C VAL F 207 81.57 10.42 1.53
N GLU F 208 82.87 10.09 1.50
CA GLU F 208 83.69 10.28 0.31
C GLU F 208 84.20 8.94 -0.20
N LYS F 209 84.11 8.74 -1.51
CA LYS F 209 84.78 7.64 -2.20
C LYS F 209 85.56 8.25 -3.35
N THR F 210 86.87 8.01 -3.38
CA THR F 210 87.75 8.62 -4.36
C THR F 210 88.34 7.56 -5.28
N VAL F 211 88.80 8.01 -6.45
CA VAL F 211 89.41 7.13 -7.43
C VAL F 211 90.45 7.95 -8.20
N ALA F 212 91.46 7.25 -8.72
CA ALA F 212 92.57 7.92 -9.40
C ALA F 212 93.12 6.98 -10.46
N PRO F 213 93.64 7.51 -11.57
CA PRO F 213 94.21 6.65 -12.61
C PRO F 213 95.56 6.06 -12.23
N THR F 214 95.56 4.83 -11.75
CA THR F 214 96.80 4.14 -11.39
C THR F 214 96.85 2.76 -12.04
C1 NAG G . -42.51 -10.70 17.93
C2 NAG G . -42.96 -10.47 19.38
C3 NAG G . -43.32 -11.81 20.03
C4 NAG G . -44.31 -12.58 19.18
C5 NAG G . -43.80 -12.71 17.75
C6 NAG G . -44.80 -13.34 16.82
C7 NAG G . -41.74 -8.47 20.11
C8 NAG G . -40.63 -7.94 20.97
N2 NAG G . -41.93 -9.79 20.15
O3 NAG G . -43.88 -11.55 21.32
O4 NAG G . -44.48 -13.89 19.72
O5 NAG G . -43.53 -11.41 17.23
O6 NAG G . -45.92 -12.49 16.59
O7 NAG G . -42.43 -7.73 19.42
C1 NAG G . -45.80 -14.03 20.26
C2 NAG G . -46.10 -15.53 20.43
C3 NAG G . -47.46 -15.76 21.07
C4 NAG G . -47.58 -14.95 22.36
C5 NAG G . -47.24 -13.49 22.11
C6 NAG G . -47.21 -12.67 23.39
C7 NAG G . -46.60 -16.21 18.03
C8 NAG G . -47.70 -15.19 17.93
N2 NAG G . -45.92 -16.30 19.20
O3 NAG G . -47.63 -17.15 21.34
O4 NAG G . -48.91 -15.05 22.86
O5 NAG G . -45.93 -13.38 21.53
O6 NAG G . -45.92 -12.69 23.98
O7 NAG G . -46.33 -16.94 17.08
C1 BMA G . -48.89 -15.81 24.09
C2 BMA G . -50.12 -15.45 24.92
C3 BMA G . -50.12 -16.25 26.22
C4 BMA G . -49.87 -17.76 25.97
C5 BMA G . -48.70 -18.01 24.99
C6 BMA G . -48.60 -19.44 24.53
O2 BMA G . -51.31 -15.81 24.23
O3 BMA G . -51.34 -16.07 26.95
O4 BMA G . -49.58 -18.41 27.20
O5 BMA G . -48.88 -17.20 23.82
O6 BMA G . -47.29 -19.92 24.81
C1 MAN G . -47.36 -20.66 26.06
C2 MAN G . -46.02 -20.40 26.86
C3 MAN G . -44.89 -21.45 26.59
C4 MAN G . -45.41 -22.85 26.19
C5 MAN G . -46.53 -22.73 25.17
C6 MAN G . -47.08 -24.08 24.72
O2 MAN G . -46.24 -20.42 28.27
O3 MAN G . -44.06 -21.59 27.76
O4 MAN G . -44.35 -23.61 25.63
O5 MAN G . -47.60 -22.04 25.79
O6 MAN G . -48.11 -24.45 25.63
C1 MAN G . -42.66 -21.20 27.59
C2 MAN G . -42.59 -19.58 27.60
C3 MAN G . -42.28 -18.97 26.25
C4 MAN G . -41.16 -19.74 25.58
C5 MAN G . -41.71 -21.11 25.21
C6 MAN G . -40.72 -21.94 24.42
O2 MAN G . -41.56 -19.13 28.48
O3 MAN G . -41.93 -17.60 26.35
O4 MAN G . -40.75 -19.07 24.40
O5 MAN G . -42.03 -21.86 26.42
O6 MAN G . -40.39 -21.24 23.23
C1 MAN G . -51.06 -15.39 28.19
C2 MAN G . -52.33 -15.52 29.09
C3 MAN G . -53.46 -14.63 28.58
C4 MAN G . -52.98 -13.20 28.31
C5 MAN G . -51.78 -13.22 27.37
C6 MAN G . -51.19 -11.84 27.13
O2 MAN G . -52.07 -15.08 30.42
O3 MAN G . -54.57 -14.61 29.48
O4 MAN G . -54.03 -12.44 27.73
O5 MAN G . -50.73 -14.03 27.95
O6 MAN G . -50.04 -11.98 26.30
C1 NAG H . 19.41 21.70 -9.09
C2 NAG H . 20.30 20.93 -8.12
C3 NAG H . 21.13 21.89 -7.26
C4 NAG H . 21.87 22.90 -8.12
C5 NAG H . 20.89 23.58 -9.09
C6 NAG H . 21.58 24.51 -10.07
C7 NAG H . 19.31 18.75 -7.54
C8 NAG H . 18.47 17.99 -6.57
N2 NAG H . 19.51 20.04 -7.28
O3 NAG H . 22.05 21.15 -6.47
O4 NAG H . 22.45 23.88 -7.28
O5 NAG H . 20.20 22.58 -9.87
O6 NAG H . 20.67 25.45 -10.62
O7 NAG H . 19.80 18.21 -8.54
C1 NAG H . 23.89 23.95 -7.43
C2 NAG H . 24.40 24.96 -6.41
C3 NAG H . 25.93 25.08 -6.49
C4 NAG H . 26.57 23.70 -6.36
C5 NAG H . 25.97 22.74 -7.37
C6 NAG H . 26.47 21.32 -7.23
C7 NAG H . 22.67 26.65 -5.98
C8 NAG H . 22.17 28.03 -6.30
N2 NAG H . 23.78 26.26 -6.60
O3 NAG H . 26.39 25.93 -5.44
O4 NAG H . 27.97 23.81 -6.58
O5 NAG H . 24.53 22.69 -7.22
O6 NAG H . 26.25 20.83 -5.91
O7 NAG H . 22.09 25.92 -5.18
C1 BMA H . 28.70 23.38 -5.40
C2 BMA H . 29.99 22.68 -5.89
C3 BMA H . 30.85 22.28 -4.69
C4 BMA H . 31.07 23.47 -3.74
C5 BMA H . 29.71 24.07 -3.33
C6 BMA H . 29.85 25.27 -2.42
O2 BMA H . 30.77 23.55 -6.69
O3 BMA H . 32.11 21.76 -5.11
O4 BMA H . 31.76 23.03 -2.58
O5 BMA H . 29.01 24.47 -4.53
O6 BMA H . 30.87 26.12 -2.94
C1 NAG I . -4.04 23.69 -20.35
C2 NAG I . -5.21 23.27 -21.24
C3 NAG I . -5.29 21.75 -21.32
C4 NAG I . -3.95 21.17 -21.75
C5 NAG I . -2.83 21.69 -20.86
C6 NAG I . -1.46 21.27 -21.33
C7 NAG I . -7.14 24.79 -21.39
C8 NAG I . -8.41 25.23 -20.74
N2 NAG I . -6.46 23.83 -20.74
O3 NAG I . -6.31 21.38 -22.24
O4 NAG I . -4.00 19.75 -21.63
O5 NAG I . -2.84 23.12 -20.85
O6 NAG I . -1.36 21.27 -22.74
O7 NAG I . -6.74 25.27 -22.44
C1 NAG I . -3.84 19.13 -22.91
C2 NAG I . -3.30 17.71 -22.67
C3 NAG I . -3.18 16.95 -23.99
C4 NAG I . -4.49 17.01 -24.76
C5 NAG I . -4.94 18.46 -24.93
C6 NAG I . -6.28 18.60 -25.61
C7 NAG I . -1.75 17.06 -20.88
C8 NAG I . -2.86 16.21 -20.35
N2 NAG I . -2.02 17.75 -21.99
O3 NAG I . -2.84 15.60 -23.73
O4 NAG I . -4.32 16.42 -26.06
O5 NAG I . -5.07 19.06 -23.63
O6 NAG I . -6.47 19.91 -26.11
O7 NAG I . -0.65 17.12 -20.32
C1 NAG J . -4.97 2.94 6.60
C2 NAG J . -4.13 4.12 6.08
C3 NAG J . -2.70 4.03 6.63
C4 NAG J . -2.71 3.91 8.14
C5 NAG J . -3.58 2.73 8.56
C6 NAG J . -3.73 2.60 10.06
C7 NAG J . -4.97 4.87 3.91
C8 NAG J . -4.82 4.79 2.43
N2 NAG J . -4.12 4.15 4.63
O3 NAG J . -1.98 5.19 6.23
O4 NAG J . -1.39 3.71 8.64
O5 NAG J . -4.91 2.90 8.03
O6 NAG J . -4.42 3.71 10.60
O7 NAG J . -5.85 5.56 4.44
C1 NAG J . -0.91 4.93 9.25
C2 NAG J . -0.06 4.59 10.47
C3 NAG J . 0.53 5.87 11.07
C4 NAG J . 1.29 6.65 10.00
C5 NAG J . 0.38 6.92 8.81
C6 NAG J . 1.08 7.61 7.67
C7 NAG J . -0.63 2.59 11.76
C8 NAG J . -1.52 2.01 12.82
N2 NAG J . -0.84 3.88 11.47
O3 NAG J . 1.41 5.53 12.14
O4 NAG J . 1.77 7.88 10.55
O5 NAG J . -0.13 5.68 8.30
O6 NAG J . 1.18 6.77 6.53
O7 NAG J . 0.23 1.92 11.20
C1 BMA J . 3.22 7.84 10.51
C2 BMA J . 3.74 9.30 10.38
C3 BMA J . 5.26 9.27 10.37
C4 BMA J . 5.84 8.46 11.55
C5 BMA J . 5.18 7.08 11.63
C6 BMA J . 5.63 6.28 12.85
O2 BMA J . 3.34 10.08 11.51
O3 BMA J . 5.80 10.59 10.37
O4 BMA J . 7.24 8.33 11.40
O5 BMA J . 3.75 7.23 11.69
O6 BMA J . 5.40 7.08 14.01
C1 NAG K . 3.56 -5.24 4.67
C2 NAG K . 3.78 -6.73 4.44
C3 NAG K . 3.48 -7.51 5.72
C4 NAG K . 4.24 -6.92 6.90
C5 NAG K . 4.03 -5.42 6.99
C6 NAG K . 4.90 -4.76 8.04
C7 NAG K . 3.31 -7.11 2.06
C8 NAG K . 2.34 -7.67 1.07
N2 NAG K . 2.95 -7.21 3.34
O3 NAG K . 3.83 -8.87 5.53
O4 NAG K . 3.77 -7.52 8.10
O5 NAG K . 4.37 -4.80 5.75
O6 NAG K . 5.92 -3.97 7.45
O7 NAG K . 4.38 -6.60 1.71
C1 NAG K . 4.85 -8.21 8.77
C2 NAG K . 4.58 -8.14 10.27
C3 NAG K . 5.65 -8.91 11.04
C4 NAG K . 5.78 -10.33 10.50
C5 NAG K . 6.00 -10.30 8.99
C6 NAG K . 6.03 -11.68 8.36
C7 NAG K . 3.39 -6.19 11.19
C8 NAG K . 3.51 -4.76 11.62
N2 NAG K . 4.52 -6.77 10.73
O3 NAG K . 5.30 -8.95 12.42
O4 NAG K . 6.87 -11.00 11.12
O5 NAG K . 4.93 -9.58 8.36
O6 NAG K . 7.30 -12.29 8.52
O7 NAG K . 2.33 -6.81 11.26
C1 NAG L . 16.81 11.27 5.48
C2 NAG L . 17.22 10.23 6.51
C3 NAG L . 17.46 10.89 7.87
C4 NAG L . 18.44 12.05 7.74
C5 NAG L . 18.00 13.01 6.63
C6 NAG L . 19.00 14.10 6.35
C7 NAG L . 16.47 7.89 6.39
C8 NAG L . 15.32 6.95 6.56
N2 NAG L . 16.22 9.18 6.62
O3 NAG L . 17.96 9.92 8.79
O4 NAG L . 18.51 12.78 8.96
O5 NAG L . 17.82 12.28 5.40
O6 NAG L . 18.67 14.82 5.18
O7 NAG L . 17.59 7.50 6.06
C1 NAG L . 19.66 12.38 9.74
C2 NAG L . 20.14 13.58 10.55
C3 NAG L . 21.31 13.18 11.44
C4 NAG L . 20.94 11.97 12.30
C5 NAG L . 20.42 10.84 11.41
C6 NAG L . 19.93 9.66 12.21
C7 NAG L . 19.70 15.72 9.42
C8 NAG L . 20.25 16.77 8.50
N2 NAG L . 20.52 14.69 9.68
O3 NAG L . 21.68 14.27 12.27
O4 NAG L . 22.07 11.54 13.03
O5 NAG L . 19.33 11.30 10.62
O6 NAG L . 21.00 8.85 12.67
O7 NAG L . 18.57 15.79 9.88
C1 NAG M . 7.91 -4.76 -2.05
C2 NAG M . 8.86 -4.74 -0.85
C3 NAG M . 10.23 -4.23 -1.27
C4 NAG M . 10.76 -5.05 -2.44
C5 NAG M . 9.70 -5.18 -3.56
C6 NAG M . 10.10 -6.18 -4.61
C7 NAG M . 7.96 -2.75 0.46
C8 NAG M . 8.10 -1.85 -0.73
N2 NAG M . 8.34 -4.04 0.33
O3 NAG M . 11.11 -4.32 -0.16
O4 NAG M . 11.89 -4.42 -3.02
O5 NAG M . 8.43 -5.62 -3.03
O6 NAG M . 10.38 -7.45 -4.05
O7 NAG M . 7.54 -2.33 1.53
C1 NAG M . 13.09 -4.92 -2.39
C2 NAG M . 14.05 -5.47 -3.45
C3 NAG M . 15.33 -5.96 -2.78
C4 NAG M . 15.94 -4.87 -1.90
C5 NAG M . 14.90 -4.29 -0.95
C6 NAG M . 15.40 -3.09 -0.18
C7 NAG M . 13.70 -6.80 -5.48
C8 NAG M . 12.97 -7.95 -6.10
N2 NAG M . 13.42 -6.55 -4.20
O3 NAG M . 16.27 -6.34 -3.79
O4 NAG M . 16.98 -5.44 -1.10
O5 NAG M . 13.74 -3.86 -1.68
O6 NAG M . 14.52 -1.97 -0.34
O7 NAG M . 14.51 -6.13 -6.12
C1 BMA M . 18.27 -5.11 -1.63
C2 BMA M . 19.12 -4.65 -0.44
C3 BMA M . 20.61 -4.60 -0.78
C4 BMA M . 21.08 -5.81 -1.62
C5 BMA M . 20.12 -6.07 -2.79
C6 BMA M . 20.47 -7.33 -3.54
O2 BMA M . 18.98 -5.57 0.65
O3 BMA M . 21.36 -4.52 0.44
O4 BMA M . 22.39 -5.59 -2.13
O5 BMA M . 18.81 -6.25 -2.26
O6 BMA M . 20.61 -8.37 -2.57
C1 MAN M . 22.49 -3.63 0.31
C2 MAN M . 23.20 -3.57 1.71
C3 MAN M . 22.48 -2.59 2.64
C4 MAN M . 22.30 -1.24 1.95
C5 MAN M . 21.42 -1.45 0.73
C6 MAN M . 21.15 -0.16 -0.02
O2 MAN M . 24.54 -3.11 1.61
O3 MAN M . 23.17 -2.43 3.88
O4 MAN M . 21.68 -0.31 2.84
O5 MAN M . 22.10 -2.34 -0.20
O6 MAN M . 21.56 -0.34 -1.37
C1 MAN M . 25.42 -4.24 1.75
C2 MAN M . 26.80 -3.72 2.21
C3 MAN M . 27.47 -2.94 1.07
C4 MAN M . 27.51 -3.80 -0.20
C5 MAN M . 26.08 -4.21 -0.58
C6 MAN M . 26.02 -5.09 -1.82
O2 MAN M . 27.69 -4.79 2.52
O3 MAN M . 28.78 -2.52 1.42
O4 MAN M . 28.08 -3.05 -1.27
O5 MAN M . 25.50 -4.95 0.52
O6 MAN M . 27.20 -5.87 -1.87
C1 MAN M . 27.54 -5.16 3.91
C2 MAN M . 28.89 -5.78 4.36
C3 MAN M . 29.13 -7.12 3.65
C4 MAN M . 27.90 -8.04 3.76
C5 MAN M . 26.63 -7.30 3.30
C6 MAN M . 25.36 -8.10 3.50
O2 MAN M . 28.89 -6.08 5.76
O3 MAN M . 30.27 -7.78 4.14
O4 MAN M . 28.08 -9.19 2.94
O5 MAN M . 26.49 -6.08 4.07
O6 MAN M . 24.26 -7.19 3.56
C1 MAN M . 20.69 -9.66 -3.21
C2 MAN M . 20.52 -10.74 -2.10
C3 MAN M . 21.78 -10.79 -1.21
C4 MAN M . 23.05 -10.90 -2.08
C5 MAN M . 23.09 -9.73 -3.07
C6 MAN M . 24.31 -9.72 -3.97
O2 MAN M . 20.38 -12.05 -2.66
O3 MAN M . 21.72 -11.85 -0.26
O4 MAN M . 24.20 -10.87 -1.25
O5 MAN M . 21.91 -9.80 -3.90
O6 MAN M . 24.21 -10.82 -4.88
C1 MAN M . 25.54 -11.09 -5.38
C2 MAN M . 25.45 -12.12 -6.53
C3 MAN M . 24.91 -13.42 -5.96
C4 MAN M . 25.85 -13.94 -4.87
C5 MAN M . 25.98 -12.87 -3.76
C6 MAN M . 27.01 -13.23 -2.71
O2 MAN M . 26.78 -12.40 -7.01
O3 MAN M . 24.69 -14.43 -6.95
O4 MAN M . 25.34 -15.14 -4.32
O5 MAN M . 26.37 -11.59 -4.33
O6 MAN M . 27.30 -12.05 -1.96
C1 MAN M . 26.85 -12.77 -8.41
C2 MAN M . 28.37 -12.76 -8.79
C3 MAN M . 28.86 -11.34 -8.99
C4 MAN M . 27.99 -10.63 -10.03
C5 MAN M . 26.54 -10.57 -9.52
C6 MAN M . 25.59 -9.95 -10.52
O2 MAN M . 28.60 -13.43 -10.03
O3 MAN M . 30.23 -11.30 -9.39
O4 MAN M . 28.46 -9.30 -10.24
O5 MAN M . 26.06 -11.92 -9.25
O6 MAN M . 24.39 -10.72 -10.53
C1 MAN M . 21.12 -11.37 0.97
C2 MAN M . 21.75 -12.16 2.16
C3 MAN M . 20.69 -12.58 3.19
C4 MAN M . 19.44 -13.26 2.57
C5 MAN M . 19.28 -12.88 1.08
C6 MAN M . 17.84 -12.96 0.60
O2 MAN M . 22.68 -11.35 2.87
O3 MAN M . 20.29 -11.49 4.02
O4 MAN M . 19.55 -14.67 2.69
O5 MAN M . 19.72 -11.53 0.91
O6 MAN M . 17.82 -12.63 -0.79
C1 NAG N . -7.05 -4.91 8.44
C2 NAG N . -7.21 -3.85 9.53
C3 NAG N . -7.01 -4.47 10.92
C4 NAG N . -7.91 -5.68 11.11
C5 NAG N . -7.66 -6.68 9.98
C6 NAG N . -8.56 -7.88 10.03
C7 NAG N . -6.66 -1.51 9.00
C8 NAG N . -5.56 -0.51 8.85
N2 NAG N . -6.28 -2.74 9.33
O3 NAG N . -7.30 -3.49 11.91
O4 NAG N . -7.64 -6.29 12.36
O5 NAG N . -7.90 -6.03 8.72
O6 NAG N . -9.93 -7.50 10.09
O7 NAG N . -7.83 -1.22 8.83
C1 NAG N . -8.85 -6.30 13.13
C2 NAG N . -8.63 -7.12 14.41
C3 NAG N . -9.89 -7.11 15.27
C4 NAG N . -10.34 -5.68 15.55
C5 NAG N . -10.48 -4.91 14.24
C6 NAG N . -10.81 -3.45 14.44
C7 NAG N . -6.98 -8.85 13.86
C8 NAG N . -6.77 -10.30 13.53
N2 NAG N . -8.25 -8.48 14.08
O3 NAG N . -9.62 -7.78 16.50
O4 NAG N . -11.58 -5.69 16.23
O5 NAG N . -9.25 -4.96 13.50
O6 NAG N . -10.06 -2.89 15.52
O7 NAG N . -6.05 -8.06 13.93
C1 NAG O . -68.03 9.62 9.66
C2 NAG O . -69.43 10.10 10.07
C3 NAG O . -70.23 10.54 8.84
C4 NAG O . -69.45 11.57 8.03
C5 NAG O . -68.09 10.99 7.66
C6 NAG O . -67.21 11.97 6.92
C7 NAG O . -70.03 8.88 12.11
C8 NAG O . -70.85 7.75 12.68
N2 NAG O . -70.14 9.06 10.80
O3 NAG O . -71.47 11.11 9.28
O4 NAG O . -70.16 11.90 6.84
O5 NAG O . -67.39 10.64 8.87
O6 NAG O . -65.83 11.65 7.06
O7 NAG O . -69.33 9.59 12.81
C1 NAG P . -55.99 7.00 1.32
C2 NAG P . -56.67 5.65 1.10
C3 NAG P . -56.06 4.95 -0.11
C4 NAG P . -56.10 5.87 -1.34
C5 NAG P . -55.45 7.21 -1.02
C6 NAG P . -55.55 8.20 -2.15
C7 NAG P . -57.56 4.68 3.16
C8 NAG P . -57.30 3.77 4.33
N2 NAG P . -56.57 4.82 2.28
O3 NAG P . -56.78 3.76 -0.38
O4 NAG P . -55.43 5.25 -2.43
O5 NAG P . -56.07 7.80 0.13
O6 NAG P . -55.20 7.61 -3.39
O7 NAG P . -58.64 5.27 3.02
C1 NAG Q . -37.98 -33.58 12.35
C2 NAG Q . -37.20 -34.22 13.51
C3 NAG Q . -35.79 -33.62 13.58
C4 NAG Q . -35.09 -33.73 12.24
C5 NAG Q . -35.95 -33.07 11.15
C6 NAG Q . -35.37 -33.22 9.77
C7 NAG Q . -37.90 -34.99 15.72
C8 NAG Q . -38.66 -34.64 16.97
N2 NAG Q . -37.89 -34.05 14.77
O3 NAG Q . -35.04 -34.31 14.57
O4 NAG Q . -33.82 -33.08 12.28
O5 NAG Q . -37.24 -33.71 11.13
O6 NAG Q . -33.99 -32.85 9.74
O7 NAG Q . -37.33 -36.06 15.59
C1 NAG R . 15.59 13.81 -19.38
C2 NAG R . 15.89 14.78 -20.52
C3 NAG R . 15.23 14.31 -21.82
C4 NAG R . 15.61 12.87 -22.12
C5 NAG R . 15.29 11.98 -20.93
C6 NAG R . 15.76 10.55 -21.11
C7 NAG R . 16.30 17.10 -19.82
C8 NAG R . 15.69 18.42 -19.51
N2 NAG R . 15.46 16.13 -20.20
O3 NAG R . 15.63 15.15 -22.89
O4 NAG R . 14.90 12.41 -23.26
O5 NAG R . 15.97 12.48 -19.76
O6 NAG R . 17.16 10.47 -21.24
O7 NAG R . 17.52 16.91 -19.73
C1 NAG S . 15.27 35.64 -14.15
C2 NAG S . 15.46 34.51 -15.17
C3 NAG S . 16.69 34.77 -16.04
C4 NAG S . 16.64 36.16 -16.66
C5 NAG S . 16.43 37.21 -15.56
C6 NAG S . 16.27 38.60 -16.11
C7 NAG S . 14.77 32.18 -14.79
C8 NAG S . 15.03 30.93 -14.01
N2 NAG S . 15.57 33.23 -14.50
O3 NAG S . 16.77 33.78 -17.06
O4 NAG S . 17.84 36.43 -17.35
O5 NAG S . 15.24 36.90 -14.82
O6 NAG S . 16.85 39.56 -15.24
O7 NAG S . 13.88 32.25 -15.63
C1 NAG T . -30.85 -7.00 -4.32
C2 NAG T . -31.47 -7.19 -5.71
C3 NAG T . -33.00 -7.24 -5.60
C4 NAG T . -33.42 -8.30 -4.58
C5 NAG T . -32.73 -8.05 -3.25
C6 NAG T . -33.01 -9.12 -2.22
C7 NAG T . -30.02 -6.27 -7.45
C8 NAG T . -29.75 -5.09 -8.34
N2 NAG T . -31.07 -6.15 -6.63
O3 NAG T . -33.55 -7.56 -6.88
O4 NAG T . -34.83 -8.26 -4.40
O5 NAG T . -31.30 -8.04 -3.44
O6 NAG T . -34.37 -9.54 -2.28
O7 NAG T . -29.31 -7.27 -7.47
C1 NAG U . -31.31 -2.10 -16.37
C2 NAG U . -32.78 -1.68 -16.45
C3 NAG U . -33.50 -2.45 -17.56
C4 NAG U . -32.75 -2.29 -18.88
C5 NAG U . -31.29 -2.70 -18.71
C6 NAG U . -30.46 -2.47 -19.95
C7 NAG U . -34.12 -0.93 -14.53
C8 NAG U . -34.75 -1.33 -13.23
N2 NAG U . -33.46 -1.90 -15.17
O3 NAG U . -34.83 -1.96 -17.70
O4 NAG U . -33.35 -3.12 -19.88
O5 NAG U . -30.70 -1.92 -17.66
O6 NAG U . -29.17 -1.97 -19.62
O7 NAG U . -34.21 0.21 -14.98
C1 NAG V . -24.16 -22.66 -9.67
C2 NAG V . -25.59 -23.07 -9.36
C3 NAG V . -25.81 -23.12 -7.84
C4 NAG V . -24.78 -24.02 -7.19
C5 NAG V . -23.37 -23.57 -7.58
C6 NAG V . -22.29 -24.48 -7.06
C7 NAG V . -26.97 -22.30 -11.24
C8 NAG V . -27.95 -21.27 -11.72
N2 NAG V . -26.55 -22.17 -9.97
O3 NAG V . -27.12 -23.62 -7.58
O4 NAG V . -24.90 -23.96 -5.76
O5 NAG V . -23.24 -23.55 -9.01
O6 NAG V . -21.01 -23.87 -7.12
O7 NAG V . -26.57 -23.20 -11.96
C1 NAG W . -3.62 -1.31 -19.97
C2 NAG W . -2.84 0.00 -19.93
C3 NAG W . -2.27 0.33 -21.30
C4 NAG W . -1.44 -0.84 -21.82
C5 NAG W . -2.26 -2.13 -21.79
C6 NAG W . -1.44 -3.35 -22.16
C7 NAG W . -3.54 1.61 -18.21
C8 NAG W . -4.49 2.73 -17.88
N2 NAG W . -3.67 1.09 -19.44
O3 NAG W . -1.47 1.50 -21.22
O4 NAG W . -1.03 -0.59 -23.15
O5 NAG W . -2.77 -2.36 -20.47
O6 NAG W . -0.12 -3.00 -22.51
O7 NAG W . -2.70 1.20 -17.42
C1 NAG X . 0.82 0.09 -16.69
C2 NAG X . 1.18 1.07 -17.82
C3 NAG X . 1.24 0.33 -19.15
C4 NAG X . 2.18 -0.86 -19.06
C5 NAG X . 1.76 -1.76 -17.91
C6 NAG X . 2.71 -2.92 -17.69
C7 NAG X . 0.56 3.44 -17.67
C8 NAG X . -0.55 4.43 -17.78
N2 NAG X . 0.23 2.16 -17.88
O3 NAG X . 1.69 1.23 -20.16
O4 NAG X . 2.14 -1.60 -20.27
O5 NAG X . 1.74 -1.01 -16.69
O6 NAG X . 2.94 -3.13 -16.30
O7 NAG X . 1.71 3.78 -17.41
C10 JYV Y . -10.36 16.02 -1.79
C11 JYV Y . -10.05 14.57 -1.39
C12 JYV Y . -9.44 13.75 -2.47
C13 JYV Y . -10.26 13.84 -3.73
C14 JYV Y . -10.54 15.27 -4.19
C15 JYV Y . -9.65 24.23 -2.74
C16 JYV Y . -8.67 25.22 -3.11
C17 JYV Y . -10.50 26.35 -1.90
C18 JYV Y . -11.37 27.44 -1.22
C19 JYV Y . -13.56 28.15 -1.97
C20 JYV Y . -14.28 27.18 -2.95
C21 JYV Y . -8.33 13.01 -2.34
C22 JYV Y . -7.63 12.44 -3.57
C23 JYV Y . -7.01 13.38 -4.62
C24 JYV Y . -6.32 12.81 -5.85
C25 JYV Y . -6.24 11.30 -6.04
C26 JYV Y . -6.84 10.36 -5.01
C27 JYV Y . -7.54 10.94 -3.77
C28 JYV Y . -8.02 12.42 -0.97
C29 JYV Y . -8.01 17.98 -3.78
C30 JYV Y . -11.67 29.57 -2.23
C31 JYV Y . -13.89 27.54 -4.41
C01 JYV Y . -9.58 22.71 -3.05
C02 JYV Y . -10.73 21.74 -2.57
C03 JYV Y . -10.67 20.38 -2.81
C04 JYV Y . -9.44 19.81 -3.58
C05 JYV Y . -8.34 20.74 -4.04
C06 JYV Y . -12.58 20.82 -1.70
C07 JYV Y . -11.84 19.82 -2.27
C08 JYV Y . -12.28 18.30 -2.26
C09 JYV Y . -11.90 17.33 -3.42
C32 JYV Y . -13.64 29.69 -5.39
C33 JYV Y . -15.57 28.40 -5.87
N34 JYV Y . -8.41 22.17 -3.77
N35 JYV Y . -11.90 22.01 -1.88
N36 JYV Y . -10.95 16.23 -3.15
N37 JYV Y . -10.82 24.95 -1.97
N38 JYV Y . -12.11 28.19 -2.26
N39 JYV Y . -7.79 11.99 0.05
N40 JYV Y . -14.60 28.75 -4.83
O41 JYV Y . -12.92 17.89 -1.36
O42 JYV Y . -12.36 17.48 -4.51
O43 JYV Y . -9.33 18.45 -3.86
S44 JYV Y . -9.15 26.57 -2.60
#